data_8KDX
# 
_entry.id   8KDX 
# 
_audit_conform.dict_name       mmcif_pdbx.dic 
_audit_conform.dict_version    5.387 
_audit_conform.dict_location   http://mmcif.pdb.org/dictionaries/ascii/mmcif_pdbx.dic 
# 
loop_
_database_2.database_id 
_database_2.database_code 
_database_2.pdbx_database_accession 
_database_2.pdbx_DOI 
PDB   8KDX         pdb_00008kdx 10.2210/pdb8kdx/pdb 
WWPDB D_1300035445 ?            ?                   
# 
_pdbx_audit_revision_history.ordinal             1 
_pdbx_audit_revision_history.data_content_type   'Structure model' 
_pdbx_audit_revision_history.major_revision      1 
_pdbx_audit_revision_history.minor_revision      0 
_pdbx_audit_revision_history.revision_date       2024-02-28 
# 
_pdbx_audit_revision_details.ordinal             1 
_pdbx_audit_revision_details.revision_ordinal    1 
_pdbx_audit_revision_details.data_content_type   'Structure model' 
_pdbx_audit_revision_details.provider            repository 
_pdbx_audit_revision_details.type                'Initial release' 
_pdbx_audit_revision_details.description         ? 
_pdbx_audit_revision_details.details             ? 
# 
_pdbx_database_status.status_code                     REL 
_pdbx_database_status.status_code_sf                  REL 
_pdbx_database_status.status_code_mr                  ? 
_pdbx_database_status.entry_id                        8KDX 
_pdbx_database_status.recvd_initial_deposition_date   2023-08-10 
_pdbx_database_status.SG_entry                        N 
_pdbx_database_status.deposit_site                    PDBJ 
_pdbx_database_status.process_site                    PDBJ 
_pdbx_database_status.status_code_cs                  ? 
_pdbx_database_status.status_code_nmr_data            ? 
_pdbx_database_status.methods_development_category    ? 
_pdbx_database_status.pdb_format_compatible           Y 
# 
_pdbx_contact_author.id                 2 
_pdbx_contact_author.email              s.padavattan@gmail.com 
_pdbx_contact_author.name_first         SIVARAMAN 
_pdbx_contact_author.name_last          PADAVATTAN 
_pdbx_contact_author.name_mi            ? 
_pdbx_contact_author.role               'principal investigator/group leader' 
_pdbx_contact_author.identifier_ORCID   0000-0002-1732-5421 
# 
loop_
_audit_author.name 
_audit_author.pdbx_ordinal 
_audit_author.identifier_ORCID 
'Padavattan, S.' 1 0000-0002-1732-5421 
'Jos, S.'        2 0000-0002-7267-0826 
# 
_citation.abstract                  ? 
_citation.abstract_id_CAS           ? 
_citation.book_id_ISBN              ? 
_citation.book_publisher            ? 
_citation.book_publisher_city       ? 
_citation.book_title                ? 
_citation.coordinate_linkage        ? 
_citation.country                   UK 
_citation.database_id_Medline       ? 
_citation.details                   ? 
_citation.id                        primary 
_citation.journal_abbrev            J.Mol.Biol. 
_citation.journal_id_ASTM           JMOBAK 
_citation.journal_id_CSD            0070 
_citation.journal_id_ISSN           1089-8638 
_citation.journal_full              ? 
_citation.journal_issue             ? 
_citation.journal_volume            436 
_citation.language                  ? 
_citation.page_first                168445 
_citation.page_last                 168445 
_citation.title                     
'Tau-S214 Phosphorylation Inhibits Fyn Kinase Interaction and Increases the Decay Time of NMDAR-mediated Current.' 
_citation.year                      2024 
_citation.database_id_CSD           ? 
_citation.pdbx_database_id_DOI      10.1016/j.jmb.2024.168445 
_citation.pdbx_database_id_PubMed   38218365 
_citation.pdbx_database_id_patent   ? 
_citation.unpublished_flag          ? 
# 
loop_
_citation_author.citation_id 
_citation_author.name 
_citation_author.ordinal 
_citation_author.identifier_ORCID 
primary 'Jos, S.'                       1 ? 
primary 'Poulose, R.'                   2 ? 
primary 'Kambaru, A.'                   3 ? 
primary 'Gogoi, H.'                     4 ? 
primary 'Dalavaikodihalli Nanjaiah, N.' 5 ? 
primary 'Padmanabhan, B.'               6 ? 
primary 'Mehta, B.'                     7 ? 
primary 'Padavattan, S.'                8 ? 
# 
loop_
_entity.id 
_entity.type 
_entity.src_method 
_entity.pdbx_description 
_entity.formula_weight 
_entity.pdbx_number_of_molecules 
_entity.pdbx_ec 
_entity.pdbx_mutation 
_entity.pdbx_fragment 
_entity.details 
1 polymer man 'Tyrosine-protein kinase Fyn'        6884.386 1   2.7.10.2 ? 'FynSH3 domain'       ?                             
2 polymer syn 'Microtubule-associated protein tau' 1612.810 1   ?        ? 'Tau Peptide 207-221' 'GSRSR density not observed.' 
3 water   nat water                                18.015   133 ?        ? ?                     ?                             
# 
loop_
_entity_name_com.entity_id 
_entity_name_com.name 
1 'Proto-oncogene Syn,Proto-oncogene c-Fyn,Src-like kinase,SLK,p59-Fyn' 
2 'Neurofibrillary tangle protein,Paired helical filament-tau,PHF-tau'  
# 
loop_
_entity_poly.entity_id 
_entity_poly.type 
_entity_poly.nstd_linkage 
_entity_poly.nstd_monomer 
_entity_poly.pdbx_seq_one_letter_code 
_entity_poly.pdbx_seq_one_letter_code_can 
_entity_poly.pdbx_strand_id 
_entity_poly.pdbx_target_identifier 
1 'polypeptide(L)' no no SGTTLFVALYDYEARTEDDLSFHKGEKFQILNSSEGDWWEARSLTTGETGYIPSNYVAPVD 
SGTTLFVALYDYEARTEDDLSFHKGEKFQILNSSEGDWWEARSLTTGETGYIPSNYVAPVD A ? 
2 'polypeptide(L)' no no GSRSRTPSLPTPPTR                                               GSRSRTPSLPTPPTR B ? 
# 
_pdbx_entity_nonpoly.entity_id   3 
_pdbx_entity_nonpoly.name        water 
_pdbx_entity_nonpoly.comp_id     HOH 
# 
loop_
_entity_poly_seq.entity_id 
_entity_poly_seq.num 
_entity_poly_seq.mon_id 
_entity_poly_seq.hetero 
1 1  SER n 
1 2  GLY n 
1 3  THR n 
1 4  THR n 
1 5  LEU n 
1 6  PHE n 
1 7  VAL n 
1 8  ALA n 
1 9  LEU n 
1 10 TYR n 
1 11 ASP n 
1 12 TYR n 
1 13 GLU n 
1 14 ALA n 
1 15 ARG n 
1 16 THR n 
1 17 GLU n 
1 18 ASP n 
1 19 ASP n 
1 20 LEU n 
1 21 SER n 
1 22 PHE n 
1 23 HIS n 
1 24 LYS n 
1 25 GLY n 
1 26 GLU n 
1 27 LYS n 
1 28 PHE n 
1 29 GLN n 
1 30 ILE n 
1 31 LEU n 
1 32 ASN n 
1 33 SER n 
1 34 SER n 
1 35 GLU n 
1 36 GLY n 
1 37 ASP n 
1 38 TRP n 
1 39 TRP n 
1 40 GLU n 
1 41 ALA n 
1 42 ARG n 
1 43 SER n 
1 44 LEU n 
1 45 THR n 
1 46 THR n 
1 47 GLY n 
1 48 GLU n 
1 49 THR n 
1 50 GLY n 
1 51 TYR n 
1 52 ILE n 
1 53 PRO n 
1 54 SER n 
1 55 ASN n 
1 56 TYR n 
1 57 VAL n 
1 58 ALA n 
1 59 PRO n 
1 60 VAL n 
1 61 ASP n 
2 1  GLY n 
2 2  SER n 
2 3  ARG n 
2 4  SER n 
2 5  ARG n 
2 6  THR n 
2 7  PRO n 
2 8  SER n 
2 9  LEU n 
2 10 PRO n 
2 11 THR n 
2 12 PRO n 
2 13 PRO n 
2 14 THR n 
2 15 ARG n 
# 
_entity_src_gen.entity_id                          1 
_entity_src_gen.pdbx_src_id                        1 
_entity_src_gen.pdbx_alt_source_flag               sample 
_entity_src_gen.pdbx_seq_type                      'Biological sequence' 
_entity_src_gen.pdbx_beg_seq_num                   1 
_entity_src_gen.pdbx_end_seq_num                   61 
_entity_src_gen.gene_src_common_name               human 
_entity_src_gen.gene_src_genus                     ? 
_entity_src_gen.pdbx_gene_src_gene                 FYN 
_entity_src_gen.gene_src_species                   ? 
_entity_src_gen.gene_src_strain                    ? 
_entity_src_gen.gene_src_tissue                    ? 
_entity_src_gen.gene_src_tissue_fraction           ? 
_entity_src_gen.gene_src_details                   ? 
_entity_src_gen.pdbx_gene_src_fragment             ? 
_entity_src_gen.pdbx_gene_src_scientific_name      'Homo sapiens' 
_entity_src_gen.pdbx_gene_src_ncbi_taxonomy_id     9606 
_entity_src_gen.pdbx_gene_src_variant              ? 
_entity_src_gen.pdbx_gene_src_cell_line            ? 
_entity_src_gen.pdbx_gene_src_atcc                 ? 
_entity_src_gen.pdbx_gene_src_organ                ? 
_entity_src_gen.pdbx_gene_src_organelle            ? 
_entity_src_gen.pdbx_gene_src_cell                 ? 
_entity_src_gen.pdbx_gene_src_cellular_location    ? 
_entity_src_gen.host_org_common_name               ? 
_entity_src_gen.pdbx_host_org_scientific_name      'Escherichia coli BL21(DE3)' 
_entity_src_gen.pdbx_host_org_ncbi_taxonomy_id     469008 
_entity_src_gen.host_org_genus                     ? 
_entity_src_gen.pdbx_host_org_gene                 ? 
_entity_src_gen.pdbx_host_org_organ                ? 
_entity_src_gen.host_org_species                   ? 
_entity_src_gen.pdbx_host_org_tissue               ? 
_entity_src_gen.pdbx_host_org_tissue_fraction      ? 
_entity_src_gen.pdbx_host_org_strain               'BL21(DE3)' 
_entity_src_gen.pdbx_host_org_variant              ? 
_entity_src_gen.pdbx_host_org_cell_line            ? 
_entity_src_gen.pdbx_host_org_atcc                 ? 
_entity_src_gen.pdbx_host_org_culture_collection   ? 
_entity_src_gen.pdbx_host_org_cell                 ? 
_entity_src_gen.pdbx_host_org_organelle            ? 
_entity_src_gen.pdbx_host_org_cellular_location    ? 
_entity_src_gen.pdbx_host_org_vector_type          ? 
_entity_src_gen.pdbx_host_org_vector               ? 
_entity_src_gen.host_org_details                   ? 
_entity_src_gen.expression_system_id               ? 
_entity_src_gen.plasmid_name                       ? 
_entity_src_gen.plasmid_details                    ? 
_entity_src_gen.pdbx_description                   ? 
# 
_pdbx_entity_src_syn.entity_id              2 
_pdbx_entity_src_syn.pdbx_src_id            1 
_pdbx_entity_src_syn.pdbx_alt_source_flag   sample 
_pdbx_entity_src_syn.pdbx_beg_seq_num       1 
_pdbx_entity_src_syn.pdbx_end_seq_num       15 
_pdbx_entity_src_syn.organism_scientific    'Homo sapiens' 
_pdbx_entity_src_syn.organism_common_name   human 
_pdbx_entity_src_syn.ncbi_taxonomy_id       9606 
_pdbx_entity_src_syn.details                ? 
# 
loop_
_chem_comp.id 
_chem_comp.type 
_chem_comp.mon_nstd_flag 
_chem_comp.name 
_chem_comp.pdbx_synonyms 
_chem_comp.formula 
_chem_comp.formula_weight 
ALA 'L-peptide linking' y ALANINE         ? 'C3 H7 N O2'     89.093  
ARG 'L-peptide linking' y ARGININE        ? 'C6 H15 N4 O2 1' 175.209 
ASN 'L-peptide linking' y ASPARAGINE      ? 'C4 H8 N2 O3'    132.118 
ASP 'L-peptide linking' y 'ASPARTIC ACID' ? 'C4 H7 N O4'     133.103 
GLN 'L-peptide linking' y GLUTAMINE       ? 'C5 H10 N2 O3'   146.144 
GLU 'L-peptide linking' y 'GLUTAMIC ACID' ? 'C5 H9 N O4'     147.129 
GLY 'peptide linking'   y GLYCINE         ? 'C2 H5 N O2'     75.067  
HIS 'L-peptide linking' y HISTIDINE       ? 'C6 H10 N3 O2 1' 156.162 
HOH non-polymer         . WATER           ? 'H2 O'           18.015  
ILE 'L-peptide linking' y ISOLEUCINE      ? 'C6 H13 N O2'    131.173 
LEU 'L-peptide linking' y LEUCINE         ? 'C6 H13 N O2'    131.173 
LYS 'L-peptide linking' y LYSINE          ? 'C6 H15 N2 O2 1' 147.195 
PHE 'L-peptide linking' y PHENYLALANINE   ? 'C9 H11 N O2'    165.189 
PRO 'L-peptide linking' y PROLINE         ? 'C5 H9 N O2'     115.130 
SER 'L-peptide linking' y SERINE          ? 'C3 H7 N O3'     105.093 
THR 'L-peptide linking' y THREONINE       ? 'C4 H9 N O3'     119.119 
TRP 'L-peptide linking' y TRYPTOPHAN      ? 'C11 H12 N2 O2'  204.225 
TYR 'L-peptide linking' y TYROSINE        ? 'C9 H11 N O3'    181.189 
VAL 'L-peptide linking' y VALINE          ? 'C5 H11 N O2'    117.146 
# 
loop_
_pdbx_poly_seq_scheme.asym_id 
_pdbx_poly_seq_scheme.entity_id 
_pdbx_poly_seq_scheme.seq_id 
_pdbx_poly_seq_scheme.mon_id 
_pdbx_poly_seq_scheme.ndb_seq_num 
_pdbx_poly_seq_scheme.pdb_seq_num 
_pdbx_poly_seq_scheme.auth_seq_num 
_pdbx_poly_seq_scheme.pdb_mon_id 
_pdbx_poly_seq_scheme.auth_mon_id 
_pdbx_poly_seq_scheme.pdb_strand_id 
_pdbx_poly_seq_scheme.pdb_ins_code 
_pdbx_poly_seq_scheme.hetero 
A 1 1  SER 1  82  82  SER SER A . n 
A 1 2  GLY 2  83  83  GLY GLY A . n 
A 1 3  THR 3  84  84  THR THR A . n 
A 1 4  THR 4  85  85  THR THR A . n 
A 1 5  LEU 5  86  86  LEU LEU A . n 
A 1 6  PHE 6  87  87  PHE PHE A . n 
A 1 7  VAL 7  88  88  VAL VAL A . n 
A 1 8  ALA 8  89  89  ALA ALA A . n 
A 1 9  LEU 9  90  90  LEU LEU A . n 
A 1 10 TYR 10 91  91  TYR TYR A . n 
A 1 11 ASP 11 92  92  ASP ASP A . n 
A 1 12 TYR 12 93  93  TYR TYR A . n 
A 1 13 GLU 13 94  94  GLU GLU A . n 
A 1 14 ALA 14 95  95  ALA ALA A . n 
A 1 15 ARG 15 96  96  ARG ARG A . n 
A 1 16 THR 16 97  97  THR THR A . n 
A 1 17 GLU 17 98  98  GLU GLU A . n 
A 1 18 ASP 18 99  99  ASP ASP A . n 
A 1 19 ASP 19 100 100 ASP ASP A . n 
A 1 20 LEU 20 101 101 LEU LEU A . n 
A 1 21 SER 21 102 102 SER SER A . n 
A 1 22 PHE 22 103 103 PHE PHE A . n 
A 1 23 HIS 23 104 104 HIS HIS A . n 
A 1 24 LYS 24 105 105 LYS LYS A . n 
A 1 25 GLY 25 106 106 GLY GLY A . n 
A 1 26 GLU 26 107 107 GLU GLU A . n 
A 1 27 LYS 27 108 108 LYS LYS A . n 
A 1 28 PHE 28 109 109 PHE PHE A . n 
A 1 29 GLN 29 110 110 GLN GLN A . n 
A 1 30 ILE 30 111 111 ILE ILE A . n 
A 1 31 LEU 31 112 112 LEU LEU A . n 
A 1 32 ASN 32 113 113 ASN ASN A . n 
A 1 33 SER 33 114 114 SER SER A . n 
A 1 34 SER 34 115 115 SER SER A . n 
A 1 35 GLU 35 116 116 GLU GLU A . n 
A 1 36 GLY 36 117 117 GLY GLY A . n 
A 1 37 ASP 37 118 118 ASP ASP A . n 
A 1 38 TRP 38 119 119 TRP TRP A . n 
A 1 39 TRP 39 120 120 TRP TRP A . n 
A 1 40 GLU 40 121 121 GLU GLU A . n 
A 1 41 ALA 41 122 122 ALA ALA A . n 
A 1 42 ARG 42 123 123 ARG ARG A . n 
A 1 43 SER 43 124 124 SER SER A . n 
A 1 44 LEU 44 125 125 LEU LEU A . n 
A 1 45 THR 45 126 126 THR THR A . n 
A 1 46 THR 46 127 127 THR THR A . n 
A 1 47 GLY 47 128 128 GLY GLY A . n 
A 1 48 GLU 48 129 129 GLU GLU A . n 
A 1 49 THR 49 130 130 THR THR A . n 
A 1 50 GLY 50 131 131 GLY GLY A . n 
A 1 51 TYR 51 132 132 TYR TYR A . n 
A 1 52 ILE 52 133 133 ILE ILE A . n 
A 1 53 PRO 53 134 134 PRO PRO A . n 
A 1 54 SER 54 135 135 SER SER A . n 
A 1 55 ASN 55 136 136 ASN ASN A . n 
A 1 56 TYR 56 137 137 TYR TYR A . n 
A 1 57 VAL 57 138 138 VAL VAL A . n 
A 1 58 ALA 58 139 139 ALA ALA A . n 
A 1 59 PRO 59 140 140 PRO PRO A . n 
A 1 60 VAL 60 141 141 VAL VAL A . n 
A 1 61 ASP 61 142 ?   ?   ?   A . n 
B 2 1  GLY 1  207 ?   ?   ?   B . n 
B 2 2  SER 2  208 ?   ?   ?   B . n 
B 2 3  ARG 3  209 ?   ?   ?   B . n 
B 2 4  SER 4  210 ?   ?   ?   B . n 
B 2 5  ARG 5  211 ?   ?   ?   B . n 
B 2 6  THR 6  212 212 THR THR B . n 
B 2 7  PRO 7  213 213 PRO PRO B . n 
B 2 8  SER 8  214 214 SER SER B . n 
B 2 9  LEU 9  215 215 LEU LEU B . n 
B 2 10 PRO 10 216 216 PRO PRO B . n 
B 2 11 THR 11 217 217 THR THR B . n 
B 2 12 PRO 12 218 218 PRO PRO B . n 
B 2 13 PRO 13 219 219 PRO PRO B . n 
B 2 14 THR 14 220 220 THR THR B . n 
B 2 15 ARG 15 221 221 ARG ARG B . n 
# 
loop_
_pdbx_nonpoly_scheme.asym_id 
_pdbx_nonpoly_scheme.entity_id 
_pdbx_nonpoly_scheme.mon_id 
_pdbx_nonpoly_scheme.ndb_seq_num 
_pdbx_nonpoly_scheme.pdb_seq_num 
_pdbx_nonpoly_scheme.auth_seq_num 
_pdbx_nonpoly_scheme.pdb_mon_id 
_pdbx_nonpoly_scheme.auth_mon_id 
_pdbx_nonpoly_scheme.pdb_strand_id 
_pdbx_nonpoly_scheme.pdb_ins_code 
C 3 HOH 1   201 108 HOH HOH A . 
C 3 HOH 2   202 109 HOH HOH A . 
C 3 HOH 3   203 69  HOH HOH A . 
C 3 HOH 4   204 104 HOH HOH A . 
C 3 HOH 5   205 87  HOH HOH A . 
C 3 HOH 6   206 107 HOH HOH A . 
C 3 HOH 7   207 38  HOH HOH A . 
C 3 HOH 8   208 89  HOH HOH A . 
C 3 HOH 9   209 93  HOH HOH A . 
C 3 HOH 10  210 43  HOH HOH A . 
C 3 HOH 11  211 71  HOH HOH A . 
C 3 HOH 12  212 100 HOH HOH A . 
C 3 HOH 13  213 64  HOH HOH A . 
C 3 HOH 14  214 26  HOH HOH A . 
C 3 HOH 15  215 31  HOH HOH A . 
C 3 HOH 16  216 76  HOH HOH A . 
C 3 HOH 17  217 84  HOH HOH A . 
C 3 HOH 18  218 98  HOH HOH A . 
C 3 HOH 19  219 12  HOH HOH A . 
C 3 HOH 20  220 59  HOH HOH A . 
C 3 HOH 21  221 105 HOH HOH A . 
C 3 HOH 22  222 9   HOH HOH A . 
C 3 HOH 23  223 30  HOH HOH A . 
C 3 HOH 24  224 46  HOH HOH A . 
C 3 HOH 25  225 1   HOH HOH A . 
C 3 HOH 26  226 112 HOH HOH A . 
C 3 HOH 27  227 13  HOH HOH A . 
C 3 HOH 28  228 25  HOH HOH A . 
C 3 HOH 29  229 128 HOH HOH A . 
C 3 HOH 30  230 11  HOH HOH A . 
C 3 HOH 31  231 133 HOH HOH A . 
C 3 HOH 32  232 99  HOH HOH A . 
C 3 HOH 33  233 86  HOH HOH A . 
C 3 HOH 34  234 62  HOH HOH A . 
C 3 HOH 35  235 97  HOH HOH A . 
C 3 HOH 36  236 68  HOH HOH A . 
C 3 HOH 37  237 78  HOH HOH A . 
C 3 HOH 38  238 35  HOH HOH A . 
C 3 HOH 39  239 6   HOH HOH A . 
C 3 HOH 40  240 20  HOH HOH A . 
C 3 HOH 41  241 123 HOH HOH A . 
C 3 HOH 42  242 29  HOH HOH A . 
C 3 HOH 43  243 101 HOH HOH A . 
C 3 HOH 44  244 21  HOH HOH A . 
C 3 HOH 45  245 122 HOH HOH A . 
C 3 HOH 46  246 34  HOH HOH A . 
C 3 HOH 47  247 32  HOH HOH A . 
C 3 HOH 48  248 94  HOH HOH A . 
C 3 HOH 49  249 39  HOH HOH A . 
C 3 HOH 50  250 95  HOH HOH A . 
C 3 HOH 51  251 110 HOH HOH A . 
C 3 HOH 52  252 14  HOH HOH A . 
C 3 HOH 53  253 131 HOH HOH A . 
C 3 HOH 54  254 3   HOH HOH A . 
C 3 HOH 55  255 132 HOH HOH A . 
C 3 HOH 56  256 91  HOH HOH A . 
C 3 HOH 57  257 10  HOH HOH A . 
C 3 HOH 58  258 72  HOH HOH A . 
C 3 HOH 59  259 61  HOH HOH A . 
C 3 HOH 60  260 53  HOH HOH A . 
C 3 HOH 61  261 57  HOH HOH A . 
C 3 HOH 62  262 124 HOH HOH A . 
C 3 HOH 63  263 65  HOH HOH A . 
C 3 HOH 64  264 90  HOH HOH A . 
C 3 HOH 65  265 63  HOH HOH A . 
C 3 HOH 66  266 106 HOH HOH A . 
C 3 HOH 67  267 16  HOH HOH A . 
C 3 HOH 68  268 80  HOH HOH A . 
C 3 HOH 69  269 37  HOH HOH A . 
C 3 HOH 70  270 5   HOH HOH A . 
C 3 HOH 71  271 96  HOH HOH A . 
C 3 HOH 72  272 44  HOH HOH A . 
C 3 HOH 73  273 28  HOH HOH A . 
C 3 HOH 74  274 81  HOH HOH A . 
C 3 HOH 75  275 2   HOH HOH A . 
C 3 HOH 76  276 45  HOH HOH A . 
C 3 HOH 77  277 40  HOH HOH A . 
C 3 HOH 78  278 27  HOH HOH A . 
C 3 HOH 79  279 70  HOH HOH A . 
C 3 HOH 80  280 42  HOH HOH A . 
C 3 HOH 81  281 103 HOH HOH A . 
C 3 HOH 82  282 117 HOH HOH A . 
C 3 HOH 83  283 24  HOH HOH A . 
C 3 HOH 84  284 52  HOH HOH A . 
C 3 HOH 85  285 116 HOH HOH A . 
C 3 HOH 86  286 48  HOH HOH A . 
C 3 HOH 87  287 92  HOH HOH A . 
C 3 HOH 88  288 111 HOH HOH A . 
C 3 HOH 89  289 56  HOH HOH A . 
C 3 HOH 90  290 127 HOH HOH A . 
C 3 HOH 91  291 130 HOH HOH A . 
C 3 HOH 92  292 82  HOH HOH A . 
C 3 HOH 93  293 4   HOH HOH A . 
C 3 HOH 94  294 54  HOH HOH A . 
C 3 HOH 95  295 119 HOH HOH A . 
C 3 HOH 96  296 121 HOH HOH A . 
C 3 HOH 97  297 115 HOH HOH A . 
C 3 HOH 98  298 18  HOH HOH A . 
C 3 HOH 99  299 79  HOH HOH A . 
C 3 HOH 100 300 129 HOH HOH A . 
C 3 HOH 101 301 77  HOH HOH A . 
C 3 HOH 102 302 55  HOH HOH A . 
C 3 HOH 103 303 88  HOH HOH A . 
C 3 HOH 104 304 114 HOH HOH A . 
C 3 HOH 105 305 85  HOH HOH A . 
C 3 HOH 106 306 74  HOH HOH A . 
C 3 HOH 107 307 15  HOH HOH A . 
C 3 HOH 108 308 60  HOH HOH A . 
C 3 HOH 109 309 50  HOH HOH A . 
C 3 HOH 110 310 75  HOH HOH A . 
C 3 HOH 111 311 125 HOH HOH A . 
C 3 HOH 112 312 41  HOH HOH A . 
C 3 HOH 113 313 49  HOH HOH A . 
C 3 HOH 114 314 83  HOH HOH A . 
C 3 HOH 115 315 118 HOH HOH A . 
C 3 HOH 116 316 67  HOH HOH A . 
C 3 HOH 117 317 120 HOH HOH A . 
C 3 HOH 118 318 126 HOH HOH A . 
D 3 HOH 1   301 66  HOH HOH B . 
D 3 HOH 2   302 8   HOH HOH B . 
D 3 HOH 3   303 113 HOH HOH B . 
D 3 HOH 4   304 17  HOH HOH B . 
D 3 HOH 5   305 36  HOH HOH B . 
D 3 HOH 6   306 33  HOH HOH B . 
D 3 HOH 7   307 19  HOH HOH B . 
D 3 HOH 8   308 73  HOH HOH B . 
D 3 HOH 9   309 51  HOH HOH B . 
D 3 HOH 10  310 22  HOH HOH B . 
D 3 HOH 11  311 7   HOH HOH B . 
D 3 HOH 12  312 102 HOH HOH B . 
D 3 HOH 13  313 47  HOH HOH B . 
D 3 HOH 14  314 23  HOH HOH B . 
D 3 HOH 15  315 58  HOH HOH B . 
# 
loop_
_software.citation_id 
_software.classification 
_software.compiler_name 
_software.compiler_version 
_software.contact_author 
_software.contact_author_email 
_software.date 
_software.description 
_software.dependencies 
_software.hardware 
_software.language 
_software.location 
_software.mods 
_software.name 
_software.os 
_software.os_version 
_software.type 
_software.version 
_software.pdbx_ordinal 
? refinement       ? ? ? ? ? ? ? ? ? ? ? REFMAC  ? ? ? 5.8.0415 1 
? 'data reduction' ? ? ? ? ? ? ? ? ? ? ? iMOSFLM ? ? ? .        2 
? 'data scaling'   ? ? ? ? ? ? ? ? ? ? ? Aimless ? ? ? .        3 
? phasing          ? ? ? ? ? ? ? ? ? ? ? PHASER  ? ? ? .        4 
# 
_cell.angle_alpha                  90.000 
_cell.angle_alpha_esd              ? 
_cell.angle_beta                   90.000 
_cell.angle_beta_esd               ? 
_cell.angle_gamma                  90.000 
_cell.angle_gamma_esd              ? 
_cell.entry_id                     8KDX 
_cell.details                      ? 
_cell.formula_units_Z              ? 
_cell.length_a                     31.152 
_cell.length_a_esd                 ? 
_cell.length_b                     35.558 
_cell.length_b_esd                 ? 
_cell.length_c                     73.169 
_cell.length_c_esd                 ? 
_cell.volume                       ? 
_cell.volume_esd                   ? 
_cell.Z_PDB                        4 
_cell.reciprocal_angle_alpha       ? 
_cell.reciprocal_angle_beta        ? 
_cell.reciprocal_angle_gamma       ? 
_cell.reciprocal_angle_alpha_esd   ? 
_cell.reciprocal_angle_beta_esd    ? 
_cell.reciprocal_angle_gamma_esd   ? 
_cell.reciprocal_length_a          ? 
_cell.reciprocal_length_b          ? 
_cell.reciprocal_length_c          ? 
_cell.reciprocal_length_a_esd      ? 
_cell.reciprocal_length_b_esd      ? 
_cell.reciprocal_length_c_esd      ? 
_cell.pdbx_unique_axis             ? 
_cell.pdbx_esd_method              ? 
# 
_symmetry.entry_id                         8KDX 
_symmetry.cell_setting                     ? 
_symmetry.Int_Tables_number                19 
_symmetry.space_group_name_Hall            ? 
_symmetry.space_group_name_H-M             'P 21 21 21' 
_symmetry.pdbx_full_space_group_name_H-M   ? 
# 
_exptl.absorpt_coefficient_mu     ? 
_exptl.absorpt_correction_T_max   ? 
_exptl.absorpt_correction_T_min   ? 
_exptl.absorpt_correction_type    ? 
_exptl.absorpt_process_details    ? 
_exptl.entry_id                   8KDX 
_exptl.crystals_number            1 
_exptl.details                    ? 
_exptl.method                     'X-RAY DIFFRACTION' 
_exptl.method_details             ? 
# 
_exptl_crystal.colour                       ? 
_exptl_crystal.density_diffrn               ? 
_exptl_crystal.density_Matthews             2.59 
_exptl_crystal.density_method               ? 
_exptl_crystal.density_percent_sol          52.5 
_exptl_crystal.description                  'orthorhombic space group P212121' 
_exptl_crystal.F_000                        ? 
_exptl_crystal.id                           1 
_exptl_crystal.preparation                  ? 
_exptl_crystal.size_max                     ? 
_exptl_crystal.size_mid                     ? 
_exptl_crystal.size_min                     ? 
_exptl_crystal.size_rad                     ? 
_exptl_crystal.colour_lustre                ? 
_exptl_crystal.colour_modifier              ? 
_exptl_crystal.colour_primary               ? 
_exptl_crystal.density_meas                 ? 
_exptl_crystal.density_meas_esd             ? 
_exptl_crystal.density_meas_gt              ? 
_exptl_crystal.density_meas_lt              ? 
_exptl_crystal.density_meas_temp            ? 
_exptl_crystal.density_meas_temp_esd        ? 
_exptl_crystal.density_meas_temp_gt         ? 
_exptl_crystal.density_meas_temp_lt         ? 
_exptl_crystal.pdbx_crystal_image_url       ? 
_exptl_crystal.pdbx_crystal_image_format    ? 
_exptl_crystal.pdbx_mosaicity               ? 
_exptl_crystal.pdbx_mosaicity_esd           ? 
_exptl_crystal.pdbx_mosaic_method           ? 
_exptl_crystal.pdbx_mosaic_block_size       ? 
_exptl_crystal.pdbx_mosaic_block_size_esd   ? 
# 
_exptl_crystal_grow.apparatus       ? 
_exptl_crystal_grow.atmosphere      ? 
_exptl_crystal_grow.crystal_id      1 
_exptl_crystal_grow.details         ? 
_exptl_crystal_grow.method          'VAPOR DIFFUSION, HANGING DROP' 
_exptl_crystal_grow.method_ref      ? 
_exptl_crystal_grow.pH              8.5 
_exptl_crystal_grow.pressure        ? 
_exptl_crystal_grow.pressure_esd    ? 
_exptl_crystal_grow.seeding         ? 
_exptl_crystal_grow.seeding_ref     ? 
_exptl_crystal_grow.temp_details    ? 
_exptl_crystal_grow.temp_esd        ? 
_exptl_crystal_grow.time            ? 
_exptl_crystal_grow.pdbx_details    '1.2 M Sodium citrate tribasic dehydrated, 0.1 M Tris buffer pH8.5' 
_exptl_crystal_grow.pdbx_pH_range   ? 
_exptl_crystal_grow.temp            293.15 
# 
_diffrn.ambient_environment              ? 
_diffrn.ambient_temp                     100 
_diffrn.ambient_temp_details             ? 
_diffrn.ambient_temp_esd                 ? 
_diffrn.crystal_id                       1 
_diffrn.crystal_support                  ? 
_diffrn.crystal_treatment                ? 
_diffrn.details                          ? 
_diffrn.id                               1 
_diffrn.ambient_pressure                 ? 
_diffrn.ambient_pressure_esd             ? 
_diffrn.ambient_pressure_gt              ? 
_diffrn.ambient_pressure_lt              ? 
_diffrn.ambient_temp_gt                  ? 
_diffrn.ambient_temp_lt                  ? 
_diffrn.pdbx_serial_crystal_experiment   N 
# 
_diffrn_detector.details                      ? 
_diffrn_detector.detector                     PIXEL 
_diffrn_detector.diffrn_id                    1 
_diffrn_detector.type                         'DECTRIS PILATUS 6M' 
_diffrn_detector.area_resol_mean              ? 
_diffrn_detector.dtime                        ? 
_diffrn_detector.pdbx_frames_total            ? 
_diffrn_detector.pdbx_collection_time_total   ? 
_diffrn_detector.pdbx_collection_date         2021-11-20 
_diffrn_detector.pdbx_frequency               ? 
_diffrn_detector.id                           ? 
_diffrn_detector.number_of_axes               ? 
# 
_diffrn_radiation.collimation                      ? 
_diffrn_radiation.diffrn_id                        1 
_diffrn_radiation.filter_edge                      ? 
_diffrn_radiation.inhomogeneity                    ? 
_diffrn_radiation.monochromator                    ? 
_diffrn_radiation.polarisn_norm                    ? 
_diffrn_radiation.polarisn_ratio                   ? 
_diffrn_radiation.probe                            ? 
_diffrn_radiation.type                             ? 
_diffrn_radiation.xray_symbol                      ? 
_diffrn_radiation.wavelength_id                    1 
_diffrn_radiation.pdbx_monochromatic_or_laue_m_l   M 
_diffrn_radiation.pdbx_wavelength_list             ? 
_diffrn_radiation.pdbx_wavelength                  ? 
_diffrn_radiation.pdbx_diffrn_protocol             'SINGLE WAVELENGTH' 
_diffrn_radiation.pdbx_analyzer                    ? 
_diffrn_radiation.pdbx_scattering_type             x-ray 
# 
_diffrn_radiation_wavelength.id           1 
_diffrn_radiation_wavelength.wavelength   1.0 
_diffrn_radiation_wavelength.wt           1.0 
# 
_diffrn_source.current                     ? 
_diffrn_source.details                     ? 
_diffrn_source.diffrn_id                   1 
_diffrn_source.power                       ? 
_diffrn_source.size                        ? 
_diffrn_source.source                      SYNCHROTRON 
_diffrn_source.target                      ? 
_diffrn_source.type                        'ELETTRA BEAMLINE 11.2C' 
_diffrn_source.voltage                     ? 
_diffrn_source.take-off_angle              ? 
_diffrn_source.pdbx_wavelength_list        1.0 
_diffrn_source.pdbx_wavelength             ? 
_diffrn_source.pdbx_synchrotron_beamline   11.2C 
_diffrn_source.pdbx_synchrotron_site       ELETTRA 
# 
_reflns.B_iso_Wilson_estimate                          13.27 
_reflns.entry_id                                       8KDX 
_reflns.data_reduction_details                         ? 
_reflns.data_reduction_method                          ? 
_reflns.d_resolution_high                              1.010 
_reflns.d_resolution_low                               32.002 
_reflns.details                                        ? 
_reflns.limit_h_max                                    ? 
_reflns.limit_h_min                                    ? 
_reflns.limit_k_max                                    ? 
_reflns.limit_k_min                                    ? 
_reflns.limit_l_max                                    ? 
_reflns.limit_l_min                                    ? 
_reflns.number_all                                     ? 
_reflns.number_obs                                     43333 
_reflns.observed_criterion                             ? 
_reflns.observed_criterion_F_max                       ? 
_reflns.observed_criterion_F_min                       ? 
_reflns.observed_criterion_I_max                       ? 
_reflns.observed_criterion_I_min                       ? 
_reflns.observed_criterion_sigma_F                     ? 
_reflns.observed_criterion_sigma_I                     ? 
_reflns.percent_possible_obs                           99.6 
_reflns.R_free_details                                 ? 
_reflns.Rmerge_F_all                                   ? 
_reflns.Rmerge_F_obs                                   ? 
_reflns.Friedel_coverage                               ? 
_reflns.number_gt                                      ? 
_reflns.threshold_expression                           ? 
_reflns.pdbx_redundancy                                9.6 
_reflns.pdbx_netI_over_av_sigmaI                       ? 
_reflns.pdbx_netI_over_sigmaI                          32.1 
_reflns.pdbx_res_netI_over_av_sigmaI_2                 ? 
_reflns.pdbx_res_netI_over_sigmaI_2                    ? 
_reflns.pdbx_chi_squared                               ? 
_reflns.pdbx_scaling_rejects                           ? 
_reflns.pdbx_d_res_high_opt                            ? 
_reflns.pdbx_d_res_low_opt                             ? 
_reflns.pdbx_d_res_opt_method                          ? 
_reflns.phase_calculation_details                      ? 
_reflns.pdbx_Rrim_I_all                                ? 
_reflns.pdbx_Rpim_I_all                                ? 
_reflns.pdbx_d_opt                                     ? 
_reflns.pdbx_number_measured_all                       ? 
_reflns.pdbx_diffrn_id                                 1 
_reflns.pdbx_ordinal                                   1 
_reflns.pdbx_CC_half                                   0.99 
_reflns.pdbx_CC_star                                   ? 
_reflns.pdbx_R_split                                   ? 
_reflns.pdbx_Rmerge_I_obs                              ? 
_reflns.pdbx_Rmerge_I_all                              ? 
_reflns.pdbx_Rsym_value                                ? 
_reflns.pdbx_CC_split_method                           ? 
_reflns.pdbx_aniso_diffraction_limit_axis_1_ortho[1]   ? 
_reflns.pdbx_aniso_diffraction_limit_axis_1_ortho[2]   ? 
_reflns.pdbx_aniso_diffraction_limit_axis_1_ortho[3]   ? 
_reflns.pdbx_aniso_diffraction_limit_axis_2_ortho[1]   ? 
_reflns.pdbx_aniso_diffraction_limit_axis_2_ortho[2]   ? 
_reflns.pdbx_aniso_diffraction_limit_axis_2_ortho[3]   ? 
_reflns.pdbx_aniso_diffraction_limit_axis_3_ortho[1]   ? 
_reflns.pdbx_aniso_diffraction_limit_axis_3_ortho[2]   ? 
_reflns.pdbx_aniso_diffraction_limit_axis_3_ortho[3]   ? 
_reflns.pdbx_aniso_diffraction_limit_1                 ? 
_reflns.pdbx_aniso_diffraction_limit_2                 ? 
_reflns.pdbx_aniso_diffraction_limit_3                 ? 
_reflns.pdbx_aniso_B_tensor_eigenvector_1_ortho[1]     ? 
_reflns.pdbx_aniso_B_tensor_eigenvector_1_ortho[2]     ? 
_reflns.pdbx_aniso_B_tensor_eigenvector_1_ortho[3]     ? 
_reflns.pdbx_aniso_B_tensor_eigenvector_2_ortho[1]     ? 
_reflns.pdbx_aniso_B_tensor_eigenvector_2_ortho[2]     ? 
_reflns.pdbx_aniso_B_tensor_eigenvector_2_ortho[3]     ? 
_reflns.pdbx_aniso_B_tensor_eigenvector_3_ortho[1]     ? 
_reflns.pdbx_aniso_B_tensor_eigenvector_3_ortho[2]     ? 
_reflns.pdbx_aniso_B_tensor_eigenvector_3_ortho[3]     ? 
_reflns.pdbx_aniso_B_tensor_eigenvalue_1               ? 
_reflns.pdbx_aniso_B_tensor_eigenvalue_2               ? 
_reflns.pdbx_aniso_B_tensor_eigenvalue_3               ? 
_reflns.pdbx_orthogonalization_convention              ? 
_reflns.pdbx_percent_possible_ellipsoidal              ? 
_reflns.pdbx_percent_possible_spherical                ? 
_reflns.pdbx_percent_possible_ellipsoidal_anomalous    ? 
_reflns.pdbx_percent_possible_spherical_anomalous      ? 
_reflns.pdbx_redundancy_anomalous                      ? 
_reflns.pdbx_CC_half_anomalous                         ? 
_reflns.pdbx_absDiff_over_sigma_anomalous              ? 
_reflns.pdbx_percent_possible_anomalous                ? 
_reflns.pdbx_observed_signal_threshold                 ? 
_reflns.pdbx_signal_type                               ? 
_reflns.pdbx_signal_details                            ? 
_reflns.pdbx_signal_software_id                        ? 
# 
_reflns_shell.d_res_high                                    1.01 
_reflns_shell.d_res_low                                     1.03 
_reflns_shell.meanI_over_sigI_all                           ? 
_reflns_shell.meanI_over_sigI_obs                           ? 
_reflns_shell.number_measured_all                           ? 
_reflns_shell.number_measured_obs                           ? 
_reflns_shell.number_possible                               ? 
_reflns_shell.number_unique_all                             ? 
_reflns_shell.number_unique_obs                             2839 
_reflns_shell.percent_possible_obs                          ? 
_reflns_shell.Rmerge_F_all                                  ? 
_reflns_shell.Rmerge_F_obs                                  ? 
_reflns_shell.meanI_over_sigI_gt                            ? 
_reflns_shell.meanI_over_uI_all                             ? 
_reflns_shell.meanI_over_uI_gt                              ? 
_reflns_shell.number_measured_gt                            ? 
_reflns_shell.number_unique_gt                              ? 
_reflns_shell.percent_possible_gt                           ? 
_reflns_shell.Rmerge_F_gt                                   ? 
_reflns_shell.Rmerge_I_gt                                   ? 
_reflns_shell.pdbx_redundancy                               ? 
_reflns_shell.pdbx_chi_squared                              ? 
_reflns_shell.pdbx_netI_over_sigmaI_all                     ? 
_reflns_shell.pdbx_netI_over_sigmaI_obs                     ? 
_reflns_shell.pdbx_Rrim_I_all                               ? 
_reflns_shell.pdbx_Rpim_I_all                               ? 
_reflns_shell.pdbx_rejects                                  ? 
_reflns_shell.pdbx_ordinal                                  1 
_reflns_shell.pdbx_diffrn_id                                1 
_reflns_shell.pdbx_CC_half                                  0.9 
_reflns_shell.pdbx_CC_star                                  ? 
_reflns_shell.pdbx_R_split                                  ? 
_reflns_shell.percent_possible_all                          ? 
_reflns_shell.Rmerge_I_all                                  ? 
_reflns_shell.Rmerge_I_obs                                  ? 
_reflns_shell.pdbx_Rsym_value                               ? 
_reflns_shell.pdbx_percent_possible_ellipsoidal             ? 
_reflns_shell.pdbx_percent_possible_spherical               ? 
_reflns_shell.pdbx_percent_possible_ellipsoidal_anomalous   ? 
_reflns_shell.pdbx_percent_possible_spherical_anomalous     ? 
_reflns_shell.pdbx_redundancy_anomalous                     ? 
_reflns_shell.pdbx_CC_half_anomalous                        ? 
_reflns_shell.pdbx_absDiff_over_sigma_anomalous             ? 
_reflns_shell.pdbx_percent_possible_anomalous               ? 
# 
_refine.aniso_B[1][1]                            0.752 
_refine.aniso_B[1][2]                            -0.000 
_refine.aniso_B[1][3]                            0.000 
_refine.aniso_B[2][2]                            -0.205 
_refine.aniso_B[2][3]                            0.000 
_refine.aniso_B[3][3]                            -0.547 
_refine.B_iso_max                                ? 
_refine.B_iso_mean                               13.965 
_refine.B_iso_min                                ? 
_refine.correlation_coeff_Fo_to_Fc               0.972 
_refine.correlation_coeff_Fo_to_Fc_free          0.968 
_refine.details                                  'Hydrogens have been added in their riding positions' 
_refine.diff_density_max                         ? 
_refine.diff_density_max_esd                     ? 
_refine.diff_density_min                         ? 
_refine.diff_density_min_esd                     ? 
_refine.diff_density_rms                         ? 
_refine.diff_density_rms_esd                     ? 
_refine.entry_id                                 8KDX 
_refine.pdbx_refine_id                           'X-RAY DIFFRACTION' 
_refine.ls_abs_structure_details                 ? 
_refine.ls_abs_structure_Flack                   ? 
_refine.ls_abs_structure_Flack_esd               ? 
_refine.ls_abs_structure_Rogers                  ? 
_refine.ls_abs_structure_Rogers_esd              ? 
_refine.ls_d_res_high                            1.010 
_refine.ls_d_res_low                             32.002 
_refine.ls_extinction_coef                       ? 
_refine.ls_extinction_coef_esd                   ? 
_refine.ls_extinction_expression                 ? 
_refine.ls_extinction_method                     ? 
_refine.ls_goodness_of_fit_all                   ? 
_refine.ls_goodness_of_fit_all_esd               ? 
_refine.ls_goodness_of_fit_obs                   ? 
_refine.ls_goodness_of_fit_obs_esd               ? 
_refine.ls_hydrogen_treatment                    ? 
_refine.ls_matrix_type                           ? 
_refine.ls_number_constraints                    ? 
_refine.ls_number_parameters                     ? 
_refine.ls_number_reflns_all                     ? 
_refine.ls_number_reflns_obs                     43265 
_refine.ls_number_reflns_R_free                  2142 
_refine.ls_number_reflns_R_work                  41123 
_refine.ls_number_restraints                     ? 
_refine.ls_percent_reflns_obs                    99.556 
_refine.ls_percent_reflns_R_free                 4.951 
_refine.ls_R_factor_all                          0.173 
_refine.ls_R_factor_obs                          ? 
_refine.ls_R_factor_R_free                       0.1854 
_refine.ls_R_factor_R_free_error                 ? 
_refine.ls_R_factor_R_free_error_details         ? 
_refine.ls_R_factor_R_work                       0.1728 
_refine.ls_R_Fsqd_factor_obs                     ? 
_refine.ls_R_I_factor_obs                        ? 
_refine.ls_redundancy_reflns_all                 ? 
_refine.ls_redundancy_reflns_obs                 ? 
_refine.ls_restrained_S_all                      ? 
_refine.ls_restrained_S_obs                      ? 
_refine.ls_shift_over_esd_max                    ? 
_refine.ls_shift_over_esd_mean                   ? 
_refine.ls_structure_factor_coef                 ? 
_refine.ls_weighting_details                     ? 
_refine.ls_weighting_scheme                      ? 
_refine.ls_wR_factor_all                         ? 
_refine.ls_wR_factor_obs                         ? 
_refine.ls_wR_factor_R_free                      0.188 
_refine.ls_wR_factor_R_work                      0.178 
_refine.occupancy_max                            ? 
_refine.occupancy_min                            ? 
_refine.solvent_model_details                    'MASK BULK SOLVENT' 
_refine.solvent_model_param_bsol                 ? 
_refine.solvent_model_param_ksol                 ? 
_refine.pdbx_R_complete                          ? 
_refine.ls_R_factor_gt                           ? 
_refine.ls_goodness_of_fit_gt                    ? 
_refine.ls_goodness_of_fit_ref                   ? 
_refine.ls_shift_over_su_max                     ? 
_refine.ls_shift_over_su_max_lt                  ? 
_refine.ls_shift_over_su_mean                    ? 
_refine.ls_shift_over_su_mean_lt                 ? 
_refine.pdbx_ls_sigma_I                          ? 
_refine.pdbx_ls_sigma_F                          ? 
_refine.pdbx_ls_sigma_Fsqd                       ? 
_refine.pdbx_data_cutoff_high_absF               ? 
_refine.pdbx_data_cutoff_high_rms_absF           ? 
_refine.pdbx_data_cutoff_low_absF                ? 
_refine.pdbx_isotropic_thermal_model             ? 
_refine.pdbx_ls_cross_valid_method               'FREE R-VALUE' 
_refine.pdbx_method_to_determine_struct          'MOLECULAR REPLACEMENT' 
_refine.pdbx_starting_model                      ? 
_refine.pdbx_stereochemistry_target_values       ? 
_refine.pdbx_R_Free_selection_details            ? 
_refine.pdbx_stereochem_target_val_spec_case     ? 
_refine.pdbx_overall_ESU_R                       0.024 
_refine.pdbx_overall_ESU_R_Free                  0.025 
_refine.pdbx_solvent_vdw_probe_radii             1.200 
_refine.pdbx_solvent_ion_probe_radii             0.800 
_refine.pdbx_solvent_shrinkage_radii             0.800 
_refine.pdbx_real_space_R                        ? 
_refine.pdbx_density_correlation                 ? 
_refine.pdbx_pd_number_of_powder_patterns        ? 
_refine.pdbx_pd_number_of_points                 ? 
_refine.pdbx_pd_meas_number_of_points            ? 
_refine.pdbx_pd_proc_ls_prof_R_factor            ? 
_refine.pdbx_pd_proc_ls_prof_wR_factor           ? 
_refine.pdbx_pd_Marquardt_correlation_coeff      ? 
_refine.pdbx_pd_Fsqrd_R_factor                   ? 
_refine.pdbx_pd_ls_matrix_band_width             ? 
_refine.pdbx_overall_phase_error                 ? 
_refine.pdbx_overall_SU_R_free_Cruickshank_DPI   ? 
_refine.pdbx_overall_SU_R_free_Blow_DPI          ? 
_refine.pdbx_overall_SU_R_Blow_DPI               ? 
_refine.pdbx_TLS_residual_ADP_flag               ? 
_refine.pdbx_diffrn_id                           1 
_refine.overall_SU_B                             0.698 
_refine.overall_SU_ML                            0.017 
_refine.overall_SU_R_Cruickshank_DPI             ? 
_refine.overall_SU_R_free                        ? 
_refine.overall_FOM_free_R_set                   ? 
_refine.overall_FOM_work_R_set                   ? 
_refine.pdbx_average_fsc_overall                 ? 
_refine.pdbx_average_fsc_work                    0.9777 
_refine.pdbx_average_fsc_free                    0.9742 
# 
_refine_hist.pdbx_refine_id                   'X-RAY DIFFRACTION' 
_refine_hist.cycle_id                         LAST 
_refine_hist.details                          ? 
_refine_hist.d_res_high                       1.010 
_refine_hist.d_res_low                        32.002 
_refine_hist.number_atoms_solvent             133 
_refine_hist.number_atoms_total               688 
_refine_hist.number_reflns_all                ? 
_refine_hist.number_reflns_obs                ? 
_refine_hist.number_reflns_R_free             ? 
_refine_hist.number_reflns_R_work             ? 
_refine_hist.R_factor_all                     ? 
_refine_hist.R_factor_obs                     ? 
_refine_hist.R_factor_R_free                  ? 
_refine_hist.R_factor_R_work                  ? 
_refine_hist.pdbx_number_residues_total       ? 
_refine_hist.pdbx_B_iso_mean_ligand           ? 
_refine_hist.pdbx_B_iso_mean_solvent          ? 
_refine_hist.pdbx_number_atoms_protein        555 
_refine_hist.pdbx_number_atoms_nucleic_acid   0 
_refine_hist.pdbx_number_atoms_ligand         0 
_refine_hist.pdbx_number_atoms_lipid          ? 
_refine_hist.pdbx_number_atoms_carb           ? 
_refine_hist.pdbx_pseudo_atom_details         ? 
# 
loop_
_refine_ls_restr.pdbx_refine_id 
_refine_ls_restr.criterion 
_refine_ls_restr.dev_ideal 
_refine_ls_restr.dev_ideal_target 
_refine_ls_restr.number 
_refine_ls_restr.rejects 
_refine_ls_restr.type 
_refine_ls_restr.weight 
_refine_ls_restr.pdbx_restraint_function 
'X-RAY DIFFRACTION' ? 0.017  0.012  616  ? r_bond_refined_d               ? ? 
'X-RAY DIFFRACTION' ? 0.001  0.016  533  ? r_bond_other_d                 ? ? 
'X-RAY DIFFRACTION' ? 2.157  1.690  854  ? r_angle_refined_deg            ? ? 
'X-RAY DIFFRACTION' ? 0.807  1.581  1245 ? r_angle_other_deg              ? ? 
'X-RAY DIFFRACTION' ? 7.576  5.000  80   ? r_dihedral_angle_1_deg         ? ? 
'X-RAY DIFFRACTION' ? 8.672  5.000  3    ? r_dihedral_angle_2_deg         ? ? 
'X-RAY DIFFRACTION' ? 12.875 10.000 90   ? r_dihedral_angle_3_deg         ? ? 
'X-RAY DIFFRACTION' ? 16.627 10.000 31   ? r_dihedral_angle_6_deg         ? ? 
'X-RAY DIFFRACTION' ? 0.113  0.200  92   ? r_chiral_restr                 ? ? 
'X-RAY DIFFRACTION' ? 0.013  0.020  742  ? r_gen_planes_refined           ? ? 
'X-RAY DIFFRACTION' ? 0.002  0.020  144  ? r_gen_planes_other             ? ? 
'X-RAY DIFFRACTION' ? 0.297  0.200  92   ? r_nbd_refined                  ? ? 
'X-RAY DIFFRACTION' ? 0.240  0.200  512  ? r_symmetry_nbd_other           ? ? 
'X-RAY DIFFRACTION' ? 0.189  0.200  288  ? r_nbtor_refined                ? ? 
'X-RAY DIFFRACTION' ? 0.097  0.200  320  ? r_symmetry_nbtor_other         ? ? 
'X-RAY DIFFRACTION' ? 0.260  0.200  95   ? r_xyhbond_nbd_refined          ? ? 
'X-RAY DIFFRACTION' ? 0.466  0.200  16   ? r_symmetry_nbd_refined         ? ? 
'X-RAY DIFFRACTION' ? 0.306  0.200  49   ? r_nbd_other                    ? ? 
'X-RAY DIFFRACTION' ? 0.378  0.200  18   ? r_symmetry_xyhbond_nbd_refined ? ? 
'X-RAY DIFFRACTION' ? 0.012  0.200  1    ? r_xyhbond_nbd_other            ? ? 
'X-RAY DIFFRACTION' ? 1.575  0.916  290  ? r_mcbond_it                    ? ? 
'X-RAY DIFFRACTION' ? 1.573  0.915  290  ? r_mcbond_other                 ? ? 
'X-RAY DIFFRACTION' ? 2.277  1.640  362  ? r_mcangle_it                   ? ? 
'X-RAY DIFFRACTION' ? 2.281  1.641  363  ? r_mcangle_other                ? ? 
'X-RAY DIFFRACTION' ? 2.282  1.095  326  ? r_scbond_it                    ? ? 
'X-RAY DIFFRACTION' ? 2.279  1.093  327  ? r_scbond_other                 ? ? 
'X-RAY DIFFRACTION' ? 3.276  1.923  486  ? r_scangle_it                   ? ? 
'X-RAY DIFFRACTION' ? 3.273  1.920  487  ? r_scangle_other                ? ? 
'X-RAY DIFFRACTION' ? 7.148  17.862 752  ? r_lrange_it                    ? ? 
'X-RAY DIFFRACTION' ? 6.936  14.243 700  ? r_lrange_other                 ? ? 
# 
loop_
_refine_ls_shell.pdbx_refine_id 
_refine_ls_shell.d_res_high 
_refine_ls_shell.d_res_low 
_refine_ls_shell.number_reflns_all 
_refine_ls_shell.number_reflns_obs 
_refine_ls_shell.number_reflns_R_free 
_refine_ls_shell.number_reflns_R_work 
_refine_ls_shell.percent_reflns_obs 
_refine_ls_shell.percent_reflns_R_free 
_refine_ls_shell.R_factor_all 
_refine_ls_shell.R_factor_obs 
_refine_ls_shell.R_factor_R_free_error 
_refine_ls_shell.R_factor_R_work 
_refine_ls_shell.redundancy_reflns_all 
_refine_ls_shell.redundancy_reflns_obs 
_refine_ls_shell.wR_factor_all 
_refine_ls_shell.wR_factor_obs 
_refine_ls_shell.wR_factor_R_free 
_refine_ls_shell.wR_factor_R_work 
_refine_ls_shell.pdbx_R_complete 
_refine_ls_shell.pdbx_total_number_of_bins_used 
_refine_ls_shell.pdbx_phase_error 
_refine_ls_shell.pdbx_fsc_work 
_refine_ls_shell.pdbx_fsc_free 
_refine_ls_shell.R_factor_R_free 
'X-RAY DIFFRACTION' 1.010 1.036 . . 148 2839 94.9460  . . . . 0.279 . . . . . . . . . . . 0.304 
'X-RAY DIFFRACTION' 1.036 1.065 . . 164 2905 99.4169  . . . . 0.218 . . . . . . . . . . . 0.224 
'X-RAY DIFFRACTION' 1.065 1.095 . . 148 2848 99.9666  . . . . 0.192 . . . . . . . . . . . 0.197 
'X-RAY DIFFRACTION' 1.095 1.129 . . 155 2760 99.9314  . . . . 0.172 . . . . . . . . . . . 0.180 
'X-RAY DIFFRACTION' 1.129 1.166 . . 122 2706 100.0000 . . . . 0.156 . . . . . . . . . . . 0.167 
'X-RAY DIFFRACTION' 1.166 1.207 . . 146 2609 100.0000 . . . . 0.156 . . . . . . . . . . . 0.169 
'X-RAY DIFFRACTION' 1.207 1.252 . . 119 2529 100.0000 . . . . 0.158 . . . . . . . . . . . 0.182 
'X-RAY DIFFRACTION' 1.252 1.303 . . 135 2437 100.0000 . . . . 0.157 . . . . . . . . . . . 0.166 
'X-RAY DIFFRACTION' 1.303 1.361 . . 102 2346 100.0000 . . . . 0.157 . . . . . . . . . . . 0.187 
'X-RAY DIFFRACTION' 1.361 1.428 . . 99  2261 99.9576  . . . . .     . . . . . . . . . . . 0.128 
'X-RAY DIFFRACTION' 1.428 1.505 . . 108 2118 100.0000 . . . . 0.154 . . . . . . . . . . . 0.174 
'X-RAY DIFFRACTION' 1.505 1.596 . . 112 2019 100.0000 . . . . 0.154 . . . . . . . . . . . 0.178 
'X-RAY DIFFRACTION' 1.596 1.706 . . 98  1904 100.0000 . . . . 0.158 . . . . . . . . . . . 0.169 
'X-RAY DIFFRACTION' 1.706 1.842 . . 97  1780 100.0000 . . . . 0.165 . . . . . . . . . . . 0.185 
'X-RAY DIFFRACTION' 1.842 2.017 . . 88  1631 99.9419  . . . . .     . . . . . . . . . . . 0.159 
'X-RAY DIFFRACTION' 2.017 2.254 . . 74  1519 99.8746  . . . . 0.156 . . . . . . . . . . . 0.161 
'X-RAY DIFFRACTION' 2.254 2.600 . . 71  1335 100.0000 . . . . 0.176 . . . . . . . . . . . 0.189 
'X-RAY DIFFRACTION' 2.600 3.180 . . 68  1134 100.0000 . . . . 0.193 . . . . . . . . . . . 0.212 
'X-RAY DIFFRACTION' 3.180 4.475 . . 55  902  99.7915  . . . . 0.158 . . . . . . . . . . . 0.174 
'X-RAY DIFFRACTION' 4.475 5     . . 33  541  98.9655  . . . . 0.246 . . . . . . . . . . . 0.251 
# 
_struct.entry_id                     8KDX 
_struct.title                        
'Tau-S214 Phosphorylation Inhibits Fyn Kinase Interaction and Increases the Decay Time of NMDAR-mediated Current' 
_struct.pdbx_model_details           ? 
_struct.pdbx_formula_weight          ? 
_struct.pdbx_formula_weight_method   ? 
_struct.pdbx_model_type_details      ? 
_struct.pdbx_CASP_flag               N 
# 
_struct_keywords.entry_id        8KDX 
_struct_keywords.text            
;Alzheimer's disease, Fyn Kinase, SH3 Domain, Tau Protein and PXXP motif., PEPTIDE BINDING PROTEIN
;
_struct_keywords.pdbx_keywords   'PEPTIDE BINDING PROTEIN' 
# 
loop_
_struct_asym.id 
_struct_asym.pdbx_blank_PDB_chainid_flag 
_struct_asym.pdbx_modified 
_struct_asym.entity_id 
_struct_asym.details 
A N N 1 ? 
B N N 2 ? 
C N N 3 ? 
D N N 3 ? 
# 
loop_
_struct_ref.id 
_struct_ref.db_name 
_struct_ref.db_code 
_struct_ref.pdbx_db_accession 
_struct_ref.pdbx_db_isoform 
_struct_ref.entity_id 
_struct_ref.pdbx_seq_one_letter_code 
_struct_ref.pdbx_align_begin 
1 UNP FYN_HUMAN P06241 ?        1 TLFVALYDYEARTEDDLSFHKGEKFQILNSSEGDWWEARSLTTGETGYIPSNYVAPVD 85  
2 UNP TAU_HUMAN P10636 P10636-8 2 GSRSRTPSLPTPPTR                                            207 
# 
loop_
_struct_ref_seq.align_id 
_struct_ref_seq.ref_id 
_struct_ref_seq.pdbx_PDB_id_code 
_struct_ref_seq.pdbx_strand_id 
_struct_ref_seq.seq_align_beg 
_struct_ref_seq.pdbx_seq_align_beg_ins_code 
_struct_ref_seq.seq_align_end 
_struct_ref_seq.pdbx_seq_align_end_ins_code 
_struct_ref_seq.pdbx_db_accession 
_struct_ref_seq.db_align_beg 
_struct_ref_seq.pdbx_db_align_beg_ins_code 
_struct_ref_seq.db_align_end 
_struct_ref_seq.pdbx_db_align_end_ins_code 
_struct_ref_seq.pdbx_auth_seq_align_beg 
_struct_ref_seq.pdbx_auth_seq_align_end 
1 1 8KDX A 4 ? 61 ? P06241 85  ? 142 ? 85  142 
2 2 8KDX B 1 ? 15 ? P10636 207 ? 221 ? 207 221 
# 
loop_
_struct_ref_seq_dif.align_id 
_struct_ref_seq_dif.pdbx_pdb_id_code 
_struct_ref_seq_dif.mon_id 
_struct_ref_seq_dif.pdbx_pdb_strand_id 
_struct_ref_seq_dif.seq_num 
_struct_ref_seq_dif.pdbx_pdb_ins_code 
_struct_ref_seq_dif.pdbx_seq_db_name 
_struct_ref_seq_dif.pdbx_seq_db_accession_code 
_struct_ref_seq_dif.db_mon_id 
_struct_ref_seq_dif.pdbx_seq_db_seq_num 
_struct_ref_seq_dif.details 
_struct_ref_seq_dif.pdbx_auth_seq_num 
_struct_ref_seq_dif.pdbx_ordinal 
1 8KDX SER A 1 ? UNP P06241 ? ? 'expression tag' 82 1 
1 8KDX GLY A 2 ? UNP P06241 ? ? 'expression tag' 83 2 
1 8KDX THR A 3 ? UNP P06241 ? ? 'expression tag' 84 3 
# 
_pdbx_struct_assembly.id                   1 
_pdbx_struct_assembly.details              author_and_software_defined_assembly 
_pdbx_struct_assembly.method_details       PISA 
_pdbx_struct_assembly.oligomeric_details   dimeric 
_pdbx_struct_assembly.oligomeric_count     2 
# 
loop_
_pdbx_struct_assembly_prop.biol_id 
_pdbx_struct_assembly_prop.type 
_pdbx_struct_assembly_prop.value 
_pdbx_struct_assembly_prop.details 
1 'ABSA (A^2)' 720  ? 
1 MORE         -1   ? 
1 'SSA (A^2)'  4600 ? 
# 
loop_
_pdbx_struct_assembly_gen.assembly_id 
_pdbx_struct_assembly_gen.oper_expression 
_pdbx_struct_assembly_gen.asym_id_list 
1 1 A,C 
1 2 B,D 
# 
_pdbx_struct_assembly_auth_evidence.id                     1 
_pdbx_struct_assembly_auth_evidence.assembly_id            1 
_pdbx_struct_assembly_auth_evidence.experimental_support   'light scattering' 
_pdbx_struct_assembly_auth_evidence.details                
'MicroScale Thermophoresis (MST) was performed for binding analysis between  FynSH3 domain with Tau peptide.' 
# 
loop_
_pdbx_struct_oper_list.id 
_pdbx_struct_oper_list.type 
_pdbx_struct_oper_list.name 
_pdbx_struct_oper_list.symmetry_operation 
_pdbx_struct_oper_list.matrix[1][1] 
_pdbx_struct_oper_list.matrix[1][2] 
_pdbx_struct_oper_list.matrix[1][3] 
_pdbx_struct_oper_list.vector[1] 
_pdbx_struct_oper_list.matrix[2][1] 
_pdbx_struct_oper_list.matrix[2][2] 
_pdbx_struct_oper_list.matrix[2][3] 
_pdbx_struct_oper_list.vector[2] 
_pdbx_struct_oper_list.matrix[3][1] 
_pdbx_struct_oper_list.matrix[3][2] 
_pdbx_struct_oper_list.matrix[3][3] 
_pdbx_struct_oper_list.vector[3] 
1 'identity operation'         1_555 x,y,z           1.0000000000  0.0000000000  0.0000000000 0.0000000000  0.0000000000  1.0000000000 0.0000000000  0.0000000000 0.0000000000 0.0000000000  1.0000000000  0.0000000000   
2 'crystal symmetry operation' 4_455 x-1/2,-y+1/2,-z -0.3670698587 -0.7974451901 0.4788954872 -0.0552400054 -0.7974451901 0.0047219901 -0.6033729126 6.2267322054 0.4788954872 -0.6033729126 -0.6376521314 -26.1522364064 
# 
_struct_mon_prot_cis.pdbx_id                1 
_struct_mon_prot_cis.label_comp_id          THR 
_struct_mon_prot_cis.label_seq_id           6 
_struct_mon_prot_cis.label_asym_id          B 
_struct_mon_prot_cis.label_alt_id           . 
_struct_mon_prot_cis.pdbx_PDB_ins_code      ? 
_struct_mon_prot_cis.auth_comp_id           THR 
_struct_mon_prot_cis.auth_seq_id            212 
_struct_mon_prot_cis.auth_asym_id           B 
_struct_mon_prot_cis.pdbx_label_comp_id_2   PRO 
_struct_mon_prot_cis.pdbx_label_seq_id_2    7 
_struct_mon_prot_cis.pdbx_label_asym_id_2   B 
_struct_mon_prot_cis.pdbx_PDB_ins_code_2    ? 
_struct_mon_prot_cis.pdbx_auth_comp_id_2    PRO 
_struct_mon_prot_cis.pdbx_auth_seq_id_2     213 
_struct_mon_prot_cis.pdbx_auth_asym_id_2    B 
_struct_mon_prot_cis.pdbx_PDB_model_num     1 
_struct_mon_prot_cis.pdbx_omega_angle       -7.40 
# 
_struct_sheet.id               AA1 
_struct_sheet.type             ? 
_struct_sheet.number_strands   5 
_struct_sheet.details          ? 
# 
loop_
_struct_sheet_order.sheet_id 
_struct_sheet_order.range_id_1 
_struct_sheet_order.range_id_2 
_struct_sheet_order.offset 
_struct_sheet_order.sense 
AA1 1 2 ? anti-parallel 
AA1 2 3 ? anti-parallel 
AA1 3 4 ? anti-parallel 
AA1 4 5 ? anti-parallel 
# 
loop_
_struct_sheet_range.sheet_id 
_struct_sheet_range.id 
_struct_sheet_range.beg_label_comp_id 
_struct_sheet_range.beg_label_asym_id 
_struct_sheet_range.beg_label_seq_id 
_struct_sheet_range.pdbx_beg_PDB_ins_code 
_struct_sheet_range.end_label_comp_id 
_struct_sheet_range.end_label_asym_id 
_struct_sheet_range.end_label_seq_id 
_struct_sheet_range.pdbx_end_PDB_ins_code 
_struct_sheet_range.beg_auth_comp_id 
_struct_sheet_range.beg_auth_asym_id 
_struct_sheet_range.beg_auth_seq_id 
_struct_sheet_range.end_auth_comp_id 
_struct_sheet_range.end_auth_asym_id 
_struct_sheet_range.end_auth_seq_id 
AA1 1 THR A 49 ? PRO A 53 ? THR A 130 PRO A 134 
AA1 2 TRP A 38 ? SER A 43 ? TRP A 119 SER A 124 
AA1 3 LYS A 27 ? ASN A 32 ? LYS A 108 ASN A 113 
AA1 4 PHE A 6  ? ALA A 8  ? PHE A 87  ALA A 89  
AA1 5 VAL A 57 ? PRO A 59 ? VAL A 138 PRO A 140 
# 
loop_
_pdbx_struct_sheet_hbond.sheet_id 
_pdbx_struct_sheet_hbond.range_id_1 
_pdbx_struct_sheet_hbond.range_id_2 
_pdbx_struct_sheet_hbond.range_1_label_atom_id 
_pdbx_struct_sheet_hbond.range_1_label_comp_id 
_pdbx_struct_sheet_hbond.range_1_label_asym_id 
_pdbx_struct_sheet_hbond.range_1_label_seq_id 
_pdbx_struct_sheet_hbond.range_1_PDB_ins_code 
_pdbx_struct_sheet_hbond.range_1_auth_atom_id 
_pdbx_struct_sheet_hbond.range_1_auth_comp_id 
_pdbx_struct_sheet_hbond.range_1_auth_asym_id 
_pdbx_struct_sheet_hbond.range_1_auth_seq_id 
_pdbx_struct_sheet_hbond.range_2_label_atom_id 
_pdbx_struct_sheet_hbond.range_2_label_comp_id 
_pdbx_struct_sheet_hbond.range_2_label_asym_id 
_pdbx_struct_sheet_hbond.range_2_label_seq_id 
_pdbx_struct_sheet_hbond.range_2_PDB_ins_code 
_pdbx_struct_sheet_hbond.range_2_auth_atom_id 
_pdbx_struct_sheet_hbond.range_2_auth_comp_id 
_pdbx_struct_sheet_hbond.range_2_auth_asym_id 
_pdbx_struct_sheet_hbond.range_2_auth_seq_id 
AA1 1 2 O GLY A 50 ? O GLY A 131 N ALA A 41 ? N ALA A 122 
AA1 2 3 O GLU A 40 ? O GLU A 121 N LEU A 31 ? N LEU A 112 
AA1 3 4 O PHE A 28 ? O PHE A 109 N PHE A 6  ? N PHE A 87  
AA1 4 5 N VAL A 7  ? N VAL A 88  O ALA A 58 ? O ALA A 139 
# 
loop_
_pdbx_validate_close_contact.id 
_pdbx_validate_close_contact.PDB_model_num 
_pdbx_validate_close_contact.auth_atom_id_1 
_pdbx_validate_close_contact.auth_asym_id_1 
_pdbx_validate_close_contact.auth_comp_id_1 
_pdbx_validate_close_contact.auth_seq_id_1 
_pdbx_validate_close_contact.PDB_ins_code_1 
_pdbx_validate_close_contact.label_alt_id_1 
_pdbx_validate_close_contact.auth_atom_id_2 
_pdbx_validate_close_contact.auth_asym_id_2 
_pdbx_validate_close_contact.auth_comp_id_2 
_pdbx_validate_close_contact.auth_seq_id_2 
_pdbx_validate_close_contact.PDB_ins_code_2 
_pdbx_validate_close_contact.label_alt_id_2 
_pdbx_validate_close_contact.dist 
1 1 CB  A SER 115 ? ? O A HOH 229 ? ? 1.59 
2 1 OE1 A GLN 110 ? B O A HOH 201 ? ? 1.74 
3 1 OE2 A GLU 116 ? ? O A HOH 202 ? ? 1.78 
4 1 O   A HOH 300 ? ? O A HOH 306 ? ? 1.92 
5 1 O   A HOH 218 ? ? O A HOH 274 ? ? 2.10 
6 1 O   A HOH 290 ? ? O A HOH 311 ? ? 2.13 
7 1 O   A HOH 258 ? ? O A HOH 282 ? ? 2.19 
# 
loop_
_pdbx_validate_symm_contact.id 
_pdbx_validate_symm_contact.PDB_model_num 
_pdbx_validate_symm_contact.auth_atom_id_1 
_pdbx_validate_symm_contact.auth_asym_id_1 
_pdbx_validate_symm_contact.auth_comp_id_1 
_pdbx_validate_symm_contact.auth_seq_id_1 
_pdbx_validate_symm_contact.PDB_ins_code_1 
_pdbx_validate_symm_contact.label_alt_id_1 
_pdbx_validate_symm_contact.site_symmetry_1 
_pdbx_validate_symm_contact.auth_atom_id_2 
_pdbx_validate_symm_contact.auth_asym_id_2 
_pdbx_validate_symm_contact.auth_comp_id_2 
_pdbx_validate_symm_contact.auth_seq_id_2 
_pdbx_validate_symm_contact.PDB_ins_code_2 
_pdbx_validate_symm_contact.label_alt_id_2 
_pdbx_validate_symm_contact.site_symmetry_2 
_pdbx_validate_symm_contact.dist 
1 1 O   A HOH 262 ? ? 1_555 O   B HOH 312 ? ? 4_555 2.00 
2 1 NH2 A ARG 96  ? ? 1_555 OD2 A ASP 118 ? B 4_455 2.04 
3 1 NH1 A ARG 96  ? ? 1_555 OD1 A ASP 118 ? B 4_455 2.04 
4 1 O   A HOH 253 ? ? 1_555 O   A HOH 303 ? ? 4_455 2.16 
# 
_pdbx_validate_rmsd_bond.id                        1 
_pdbx_validate_rmsd_bond.PDB_model_num             1 
_pdbx_validate_rmsd_bond.auth_atom_id_1            CD 
_pdbx_validate_rmsd_bond.auth_asym_id_1            A 
_pdbx_validate_rmsd_bond.auth_comp_id_1            GLU 
_pdbx_validate_rmsd_bond.auth_seq_id_1             98 
_pdbx_validate_rmsd_bond.PDB_ins_code_1            ? 
_pdbx_validate_rmsd_bond.label_alt_id_1            ? 
_pdbx_validate_rmsd_bond.auth_atom_id_2            OE2 
_pdbx_validate_rmsd_bond.auth_asym_id_2            A 
_pdbx_validate_rmsd_bond.auth_comp_id_2            GLU 
_pdbx_validate_rmsd_bond.auth_seq_id_2             98 
_pdbx_validate_rmsd_bond.PDB_ins_code_2            ? 
_pdbx_validate_rmsd_bond.label_alt_id_2            ? 
_pdbx_validate_rmsd_bond.bond_value                1.355 
_pdbx_validate_rmsd_bond.bond_target_value         1.252 
_pdbx_validate_rmsd_bond.bond_deviation            0.103 
_pdbx_validate_rmsd_bond.bond_standard_deviation   0.011 
_pdbx_validate_rmsd_bond.linker_flag               N 
# 
_pdbx_validate_planes.id              1 
_pdbx_validate_planes.PDB_model_num   1 
_pdbx_validate_planes.auth_comp_id    ARG 
_pdbx_validate_planes.auth_asym_id    A 
_pdbx_validate_planes.auth_seq_id     96 
_pdbx_validate_planes.PDB_ins_code    ? 
_pdbx_validate_planes.label_alt_id    ? 
_pdbx_validate_planes.rmsd            0.110 
_pdbx_validate_planes.type            'SIDE CHAIN' 
# 
loop_
_space_group_symop.id 
_space_group_symop.operation_xyz 
1 x,y,z           
2 x+1/2,-y+1/2,-z 
3 -x,y+1/2,-z+1/2 
4 -x+1/2,-y,z+1/2 
# 
loop_
_pdbx_refine_tls.id 
_pdbx_refine_tls.pdbx_refine_id 
_pdbx_refine_tls.details 
_pdbx_refine_tls.method 
_pdbx_refine_tls.origin_x 
_pdbx_refine_tls.origin_y 
_pdbx_refine_tls.origin_z 
_pdbx_refine_tls.T[1][1] 
_pdbx_refine_tls.T[1][1]_esd 
_pdbx_refine_tls.T[1][2] 
_pdbx_refine_tls.T[1][2]_esd 
_pdbx_refine_tls.T[1][3] 
_pdbx_refine_tls.T[1][3]_esd 
_pdbx_refine_tls.T[2][2] 
_pdbx_refine_tls.T[2][2]_esd 
_pdbx_refine_tls.T[2][3] 
_pdbx_refine_tls.T[2][3]_esd 
_pdbx_refine_tls.T[3][3] 
_pdbx_refine_tls.T[3][3]_esd 
_pdbx_refine_tls.L[1][1] 
_pdbx_refine_tls.L[1][1]_esd 
_pdbx_refine_tls.L[1][2] 
_pdbx_refine_tls.L[1][2]_esd 
_pdbx_refine_tls.L[1][3] 
_pdbx_refine_tls.L[1][3]_esd 
_pdbx_refine_tls.L[2][2] 
_pdbx_refine_tls.L[2][2]_esd 
_pdbx_refine_tls.L[2][3] 
_pdbx_refine_tls.L[2][3]_esd 
_pdbx_refine_tls.L[3][3] 
_pdbx_refine_tls.L[3][3]_esd 
_pdbx_refine_tls.S[1][1] 
_pdbx_refine_tls.S[1][1]_esd 
_pdbx_refine_tls.S[1][2] 
_pdbx_refine_tls.S[1][2]_esd 
_pdbx_refine_tls.S[1][3] 
_pdbx_refine_tls.S[1][3]_esd 
_pdbx_refine_tls.S[2][1] 
_pdbx_refine_tls.S[2][1]_esd 
_pdbx_refine_tls.S[2][2] 
_pdbx_refine_tls.S[2][2]_esd 
_pdbx_refine_tls.S[2][3] 
_pdbx_refine_tls.S[2][3]_esd 
_pdbx_refine_tls.S[3][1] 
_pdbx_refine_tls.S[3][1]_esd 
_pdbx_refine_tls.S[3][2] 
_pdbx_refine_tls.S[3][2]_esd 
_pdbx_refine_tls.S[3][3] 
_pdbx_refine_tls.S[3][3]_esd 
1 'X-RAY DIFFRACTION' ? refined -1.0969 0.4114  1.3605  0.0311 ? -0.0214 ? 0.0135 ? 0.0281 ? -0.0118 ? 0.0160 ? 1.3830 ? 0.2162  ? -0.6778 ? 0.4512 ? 0.3371 ? 1.7370 ? -0.0435 ? -0.0559 ? -0.0398 ? 0.0096 ? 0.0041  ? -0.0522 ? 0.1087 ? 0.0240 ? 0.0394  ? 
2 'X-RAY DIFFRACTION' ? refined 9.1925  -4.0911 -8.3556 0.0965 ? -0.0093 ? 0.0349 ? 0.1374 ? -0.0437 ? 0.1027 ? 6.0587 ? -0.5895 ? 0.8829  ? 4.0331 ? 1.8875 ? 1.1454 ? 0.2427  ? 0.1054  ? 0.2941  ? 0.1039 ? -0.1717 ? -0.1493 ? 0.0852 ? 0.0007 ? -0.0709 ? 
# 
_pdbx_refine_tls_group.id                  1 
_pdbx_refine_tls_group.pdbx_refine_id      'X-RAY DIFFRACTION' 
_pdbx_refine_tls_group.refine_tls_id       1 
_pdbx_refine_tls_group.beg_label_asym_id   ? 
_pdbx_refine_tls_group.beg_label_seq_id    ? 
_pdbx_refine_tls_group.beg_auth_asym_id    A 
_pdbx_refine_tls_group.beg_auth_seq_id     82 
_pdbx_refine_tls_group.beg_PDB_ins_code    ? 
_pdbx_refine_tls_group.end_label_asym_id   ? 
_pdbx_refine_tls_group.end_label_seq_id    ? 
_pdbx_refine_tls_group.end_auth_asym_id    A 
_pdbx_refine_tls_group.end_auth_seq_id     141 
_pdbx_refine_tls_group.end_PDB_ins_code    ? 
_pdbx_refine_tls_group.selection           ALL 
_pdbx_refine_tls_group.selection_details   ? 
# 
_pdbx_distant_solvent_atoms.id                                1 
_pdbx_distant_solvent_atoms.PDB_model_num                     1 
_pdbx_distant_solvent_atoms.auth_atom_id                      O 
_pdbx_distant_solvent_atoms.label_alt_id                      ? 
_pdbx_distant_solvent_atoms.auth_asym_id                      A 
_pdbx_distant_solvent_atoms.auth_comp_id                      HOH 
_pdbx_distant_solvent_atoms.auth_seq_id                       318 
_pdbx_distant_solvent_atoms.PDB_ins_code                      ? 
_pdbx_distant_solvent_atoms.neighbor_macromolecule_distance   5.99 
_pdbx_distant_solvent_atoms.neighbor_ligand_distance          . 
# 
loop_
_pdbx_unobs_or_zero_occ_residues.id 
_pdbx_unobs_or_zero_occ_residues.PDB_model_num 
_pdbx_unobs_or_zero_occ_residues.polymer_flag 
_pdbx_unobs_or_zero_occ_residues.occupancy_flag 
_pdbx_unobs_or_zero_occ_residues.auth_asym_id 
_pdbx_unobs_or_zero_occ_residues.auth_comp_id 
_pdbx_unobs_or_zero_occ_residues.auth_seq_id 
_pdbx_unobs_or_zero_occ_residues.PDB_ins_code 
_pdbx_unobs_or_zero_occ_residues.label_asym_id 
_pdbx_unobs_or_zero_occ_residues.label_comp_id 
_pdbx_unobs_or_zero_occ_residues.label_seq_id 
1 1 Y 1 A ASP 142 ? A ASP 61 
2 1 Y 1 B GLY 207 ? B GLY 1  
3 1 Y 1 B SER 208 ? B SER 2  
4 1 Y 1 B ARG 209 ? B ARG 3  
5 1 Y 1 B SER 210 ? B SER 4  
6 1 Y 1 B ARG 211 ? B ARG 5  
# 
loop_
_chem_comp_atom.comp_id 
_chem_comp_atom.atom_id 
_chem_comp_atom.type_symbol 
_chem_comp_atom.pdbx_aromatic_flag 
_chem_comp_atom.pdbx_stereo_config 
_chem_comp_atom.pdbx_ordinal 
ALA N    N N N 1   
ALA CA   C N S 2   
ALA C    C N N 3   
ALA O    O N N 4   
ALA CB   C N N 5   
ALA OXT  O N N 6   
ALA H    H N N 7   
ALA H2   H N N 8   
ALA HA   H N N 9   
ALA HB1  H N N 10  
ALA HB2  H N N 11  
ALA HB3  H N N 12  
ALA HXT  H N N 13  
ARG N    N N N 14  
ARG CA   C N S 15  
ARG C    C N N 16  
ARG O    O N N 17  
ARG CB   C N N 18  
ARG CG   C N N 19  
ARG CD   C N N 20  
ARG NE   N N N 21  
ARG CZ   C N N 22  
ARG NH1  N N N 23  
ARG NH2  N N N 24  
ARG OXT  O N N 25  
ARG H    H N N 26  
ARG H2   H N N 27  
ARG HA   H N N 28  
ARG HB2  H N N 29  
ARG HB3  H N N 30  
ARG HG2  H N N 31  
ARG HG3  H N N 32  
ARG HD2  H N N 33  
ARG HD3  H N N 34  
ARG HE   H N N 35  
ARG HH11 H N N 36  
ARG HH12 H N N 37  
ARG HH21 H N N 38  
ARG HH22 H N N 39  
ARG HXT  H N N 40  
ASN N    N N N 41  
ASN CA   C N S 42  
ASN C    C N N 43  
ASN O    O N N 44  
ASN CB   C N N 45  
ASN CG   C N N 46  
ASN OD1  O N N 47  
ASN ND2  N N N 48  
ASN OXT  O N N 49  
ASN H    H N N 50  
ASN H2   H N N 51  
ASN HA   H N N 52  
ASN HB2  H N N 53  
ASN HB3  H N N 54  
ASN HD21 H N N 55  
ASN HD22 H N N 56  
ASN HXT  H N N 57  
ASP N    N N N 58  
ASP CA   C N S 59  
ASP C    C N N 60  
ASP O    O N N 61  
ASP CB   C N N 62  
ASP CG   C N N 63  
ASP OD1  O N N 64  
ASP OD2  O N N 65  
ASP OXT  O N N 66  
ASP H    H N N 67  
ASP H2   H N N 68  
ASP HA   H N N 69  
ASP HB2  H N N 70  
ASP HB3  H N N 71  
ASP HD2  H N N 72  
ASP HXT  H N N 73  
GLN N    N N N 74  
GLN CA   C N S 75  
GLN C    C N N 76  
GLN O    O N N 77  
GLN CB   C N N 78  
GLN CG   C N N 79  
GLN CD   C N N 80  
GLN OE1  O N N 81  
GLN NE2  N N N 82  
GLN OXT  O N N 83  
GLN H    H N N 84  
GLN H2   H N N 85  
GLN HA   H N N 86  
GLN HB2  H N N 87  
GLN HB3  H N N 88  
GLN HG2  H N N 89  
GLN HG3  H N N 90  
GLN HE21 H N N 91  
GLN HE22 H N N 92  
GLN HXT  H N N 93  
GLU N    N N N 94  
GLU CA   C N S 95  
GLU C    C N N 96  
GLU O    O N N 97  
GLU CB   C N N 98  
GLU CG   C N N 99  
GLU CD   C N N 100 
GLU OE1  O N N 101 
GLU OE2  O N N 102 
GLU OXT  O N N 103 
GLU H    H N N 104 
GLU H2   H N N 105 
GLU HA   H N N 106 
GLU HB2  H N N 107 
GLU HB3  H N N 108 
GLU HG2  H N N 109 
GLU HG3  H N N 110 
GLU HE2  H N N 111 
GLU HXT  H N N 112 
GLY N    N N N 113 
GLY CA   C N N 114 
GLY C    C N N 115 
GLY O    O N N 116 
GLY OXT  O N N 117 
GLY H    H N N 118 
GLY H2   H N N 119 
GLY HA2  H N N 120 
GLY HA3  H N N 121 
GLY HXT  H N N 122 
HIS N    N N N 123 
HIS CA   C N S 124 
HIS C    C N N 125 
HIS O    O N N 126 
HIS CB   C N N 127 
HIS CG   C Y N 128 
HIS ND1  N Y N 129 
HIS CD2  C Y N 130 
HIS CE1  C Y N 131 
HIS NE2  N Y N 132 
HIS OXT  O N N 133 
HIS H    H N N 134 
HIS H2   H N N 135 
HIS HA   H N N 136 
HIS HB2  H N N 137 
HIS HB3  H N N 138 
HIS HD1  H N N 139 
HIS HD2  H N N 140 
HIS HE1  H N N 141 
HIS HE2  H N N 142 
HIS HXT  H N N 143 
HOH O    O N N 144 
HOH H1   H N N 145 
HOH H2   H N N 146 
ILE N    N N N 147 
ILE CA   C N S 148 
ILE C    C N N 149 
ILE O    O N N 150 
ILE CB   C N S 151 
ILE CG1  C N N 152 
ILE CG2  C N N 153 
ILE CD1  C N N 154 
ILE OXT  O N N 155 
ILE H    H N N 156 
ILE H2   H N N 157 
ILE HA   H N N 158 
ILE HB   H N N 159 
ILE HG12 H N N 160 
ILE HG13 H N N 161 
ILE HG21 H N N 162 
ILE HG22 H N N 163 
ILE HG23 H N N 164 
ILE HD11 H N N 165 
ILE HD12 H N N 166 
ILE HD13 H N N 167 
ILE HXT  H N N 168 
LEU N    N N N 169 
LEU CA   C N S 170 
LEU C    C N N 171 
LEU O    O N N 172 
LEU CB   C N N 173 
LEU CG   C N N 174 
LEU CD1  C N N 175 
LEU CD2  C N N 176 
LEU OXT  O N N 177 
LEU H    H N N 178 
LEU H2   H N N 179 
LEU HA   H N N 180 
LEU HB2  H N N 181 
LEU HB3  H N N 182 
LEU HG   H N N 183 
LEU HD11 H N N 184 
LEU HD12 H N N 185 
LEU HD13 H N N 186 
LEU HD21 H N N 187 
LEU HD22 H N N 188 
LEU HD23 H N N 189 
LEU HXT  H N N 190 
LYS N    N N N 191 
LYS CA   C N S 192 
LYS C    C N N 193 
LYS O    O N N 194 
LYS CB   C N N 195 
LYS CG   C N N 196 
LYS CD   C N N 197 
LYS CE   C N N 198 
LYS NZ   N N N 199 
LYS OXT  O N N 200 
LYS H    H N N 201 
LYS H2   H N N 202 
LYS HA   H N N 203 
LYS HB2  H N N 204 
LYS HB3  H N N 205 
LYS HG2  H N N 206 
LYS HG3  H N N 207 
LYS HD2  H N N 208 
LYS HD3  H N N 209 
LYS HE2  H N N 210 
LYS HE3  H N N 211 
LYS HZ1  H N N 212 
LYS HZ2  H N N 213 
LYS HZ3  H N N 214 
LYS HXT  H N N 215 
PHE N    N N N 216 
PHE CA   C N S 217 
PHE C    C N N 218 
PHE O    O N N 219 
PHE CB   C N N 220 
PHE CG   C Y N 221 
PHE CD1  C Y N 222 
PHE CD2  C Y N 223 
PHE CE1  C Y N 224 
PHE CE2  C Y N 225 
PHE CZ   C Y N 226 
PHE OXT  O N N 227 
PHE H    H N N 228 
PHE H2   H N N 229 
PHE HA   H N N 230 
PHE HB2  H N N 231 
PHE HB3  H N N 232 
PHE HD1  H N N 233 
PHE HD2  H N N 234 
PHE HE1  H N N 235 
PHE HE2  H N N 236 
PHE HZ   H N N 237 
PHE HXT  H N N 238 
PRO N    N N N 239 
PRO CA   C N S 240 
PRO C    C N N 241 
PRO O    O N N 242 
PRO CB   C N N 243 
PRO CG   C N N 244 
PRO CD   C N N 245 
PRO OXT  O N N 246 
PRO H    H N N 247 
PRO HA   H N N 248 
PRO HB2  H N N 249 
PRO HB3  H N N 250 
PRO HG2  H N N 251 
PRO HG3  H N N 252 
PRO HD2  H N N 253 
PRO HD3  H N N 254 
PRO HXT  H N N 255 
SER N    N N N 256 
SER CA   C N S 257 
SER C    C N N 258 
SER O    O N N 259 
SER CB   C N N 260 
SER OG   O N N 261 
SER OXT  O N N 262 
SER H    H N N 263 
SER H2   H N N 264 
SER HA   H N N 265 
SER HB2  H N N 266 
SER HB3  H N N 267 
SER HG   H N N 268 
SER HXT  H N N 269 
THR N    N N N 270 
THR CA   C N S 271 
THR C    C N N 272 
THR O    O N N 273 
THR CB   C N R 274 
THR OG1  O N N 275 
THR CG2  C N N 276 
THR OXT  O N N 277 
THR H    H N N 278 
THR H2   H N N 279 
THR HA   H N N 280 
THR HB   H N N 281 
THR HG1  H N N 282 
THR HG21 H N N 283 
THR HG22 H N N 284 
THR HG23 H N N 285 
THR HXT  H N N 286 
TRP N    N N N 287 
TRP CA   C N S 288 
TRP C    C N N 289 
TRP O    O N N 290 
TRP CB   C N N 291 
TRP CG   C Y N 292 
TRP CD1  C Y N 293 
TRP CD2  C Y N 294 
TRP NE1  N Y N 295 
TRP CE2  C Y N 296 
TRP CE3  C Y N 297 
TRP CZ2  C Y N 298 
TRP CZ3  C Y N 299 
TRP CH2  C Y N 300 
TRP OXT  O N N 301 
TRP H    H N N 302 
TRP H2   H N N 303 
TRP HA   H N N 304 
TRP HB2  H N N 305 
TRP HB3  H N N 306 
TRP HD1  H N N 307 
TRP HE1  H N N 308 
TRP HE3  H N N 309 
TRP HZ2  H N N 310 
TRP HZ3  H N N 311 
TRP HH2  H N N 312 
TRP HXT  H N N 313 
TYR N    N N N 314 
TYR CA   C N S 315 
TYR C    C N N 316 
TYR O    O N N 317 
TYR CB   C N N 318 
TYR CG   C Y N 319 
TYR CD1  C Y N 320 
TYR CD2  C Y N 321 
TYR CE1  C Y N 322 
TYR CE2  C Y N 323 
TYR CZ   C Y N 324 
TYR OH   O N N 325 
TYR OXT  O N N 326 
TYR H    H N N 327 
TYR H2   H N N 328 
TYR HA   H N N 329 
TYR HB2  H N N 330 
TYR HB3  H N N 331 
TYR HD1  H N N 332 
TYR HD2  H N N 333 
TYR HE1  H N N 334 
TYR HE2  H N N 335 
TYR HH   H N N 336 
TYR HXT  H N N 337 
VAL N    N N N 338 
VAL CA   C N S 339 
VAL C    C N N 340 
VAL O    O N N 341 
VAL CB   C N N 342 
VAL CG1  C N N 343 
VAL CG2  C N N 344 
VAL OXT  O N N 345 
VAL H    H N N 346 
VAL H2   H N N 347 
VAL HA   H N N 348 
VAL HB   H N N 349 
VAL HG11 H N N 350 
VAL HG12 H N N 351 
VAL HG13 H N N 352 
VAL HG21 H N N 353 
VAL HG22 H N N 354 
VAL HG23 H N N 355 
VAL HXT  H N N 356 
# 
loop_
_chem_comp_bond.comp_id 
_chem_comp_bond.atom_id_1 
_chem_comp_bond.atom_id_2 
_chem_comp_bond.value_order 
_chem_comp_bond.pdbx_aromatic_flag 
_chem_comp_bond.pdbx_stereo_config 
_chem_comp_bond.pdbx_ordinal 
ALA N   CA   sing N N 1   
ALA N   H    sing N N 2   
ALA N   H2   sing N N 3   
ALA CA  C    sing N N 4   
ALA CA  CB   sing N N 5   
ALA CA  HA   sing N N 6   
ALA C   O    doub N N 7   
ALA C   OXT  sing N N 8   
ALA CB  HB1  sing N N 9   
ALA CB  HB2  sing N N 10  
ALA CB  HB3  sing N N 11  
ALA OXT HXT  sing N N 12  
ARG N   CA   sing N N 13  
ARG N   H    sing N N 14  
ARG N   H2   sing N N 15  
ARG CA  C    sing N N 16  
ARG CA  CB   sing N N 17  
ARG CA  HA   sing N N 18  
ARG C   O    doub N N 19  
ARG C   OXT  sing N N 20  
ARG CB  CG   sing N N 21  
ARG CB  HB2  sing N N 22  
ARG CB  HB3  sing N N 23  
ARG CG  CD   sing N N 24  
ARG CG  HG2  sing N N 25  
ARG CG  HG3  sing N N 26  
ARG CD  NE   sing N N 27  
ARG CD  HD2  sing N N 28  
ARG CD  HD3  sing N N 29  
ARG NE  CZ   sing N N 30  
ARG NE  HE   sing N N 31  
ARG CZ  NH1  sing N N 32  
ARG CZ  NH2  doub N N 33  
ARG NH1 HH11 sing N N 34  
ARG NH1 HH12 sing N N 35  
ARG NH2 HH21 sing N N 36  
ARG NH2 HH22 sing N N 37  
ARG OXT HXT  sing N N 38  
ASN N   CA   sing N N 39  
ASN N   H    sing N N 40  
ASN N   H2   sing N N 41  
ASN CA  C    sing N N 42  
ASN CA  CB   sing N N 43  
ASN CA  HA   sing N N 44  
ASN C   O    doub N N 45  
ASN C   OXT  sing N N 46  
ASN CB  CG   sing N N 47  
ASN CB  HB2  sing N N 48  
ASN CB  HB3  sing N N 49  
ASN CG  OD1  doub N N 50  
ASN CG  ND2  sing N N 51  
ASN ND2 HD21 sing N N 52  
ASN ND2 HD22 sing N N 53  
ASN OXT HXT  sing N N 54  
ASP N   CA   sing N N 55  
ASP N   H    sing N N 56  
ASP N   H2   sing N N 57  
ASP CA  C    sing N N 58  
ASP CA  CB   sing N N 59  
ASP CA  HA   sing N N 60  
ASP C   O    doub N N 61  
ASP C   OXT  sing N N 62  
ASP CB  CG   sing N N 63  
ASP CB  HB2  sing N N 64  
ASP CB  HB3  sing N N 65  
ASP CG  OD1  doub N N 66  
ASP CG  OD2  sing N N 67  
ASP OD2 HD2  sing N N 68  
ASP OXT HXT  sing N N 69  
GLN N   CA   sing N N 70  
GLN N   H    sing N N 71  
GLN N   H2   sing N N 72  
GLN CA  C    sing N N 73  
GLN CA  CB   sing N N 74  
GLN CA  HA   sing N N 75  
GLN C   O    doub N N 76  
GLN C   OXT  sing N N 77  
GLN CB  CG   sing N N 78  
GLN CB  HB2  sing N N 79  
GLN CB  HB3  sing N N 80  
GLN CG  CD   sing N N 81  
GLN CG  HG2  sing N N 82  
GLN CG  HG3  sing N N 83  
GLN CD  OE1  doub N N 84  
GLN CD  NE2  sing N N 85  
GLN NE2 HE21 sing N N 86  
GLN NE2 HE22 sing N N 87  
GLN OXT HXT  sing N N 88  
GLU N   CA   sing N N 89  
GLU N   H    sing N N 90  
GLU N   H2   sing N N 91  
GLU CA  C    sing N N 92  
GLU CA  CB   sing N N 93  
GLU CA  HA   sing N N 94  
GLU C   O    doub N N 95  
GLU C   OXT  sing N N 96  
GLU CB  CG   sing N N 97  
GLU CB  HB2  sing N N 98  
GLU CB  HB3  sing N N 99  
GLU CG  CD   sing N N 100 
GLU CG  HG2  sing N N 101 
GLU CG  HG3  sing N N 102 
GLU CD  OE1  doub N N 103 
GLU CD  OE2  sing N N 104 
GLU OE2 HE2  sing N N 105 
GLU OXT HXT  sing N N 106 
GLY N   CA   sing N N 107 
GLY N   H    sing N N 108 
GLY N   H2   sing N N 109 
GLY CA  C    sing N N 110 
GLY CA  HA2  sing N N 111 
GLY CA  HA3  sing N N 112 
GLY C   O    doub N N 113 
GLY C   OXT  sing N N 114 
GLY OXT HXT  sing N N 115 
HIS N   CA   sing N N 116 
HIS N   H    sing N N 117 
HIS N   H2   sing N N 118 
HIS CA  C    sing N N 119 
HIS CA  CB   sing N N 120 
HIS CA  HA   sing N N 121 
HIS C   O    doub N N 122 
HIS C   OXT  sing N N 123 
HIS CB  CG   sing N N 124 
HIS CB  HB2  sing N N 125 
HIS CB  HB3  sing N N 126 
HIS CG  ND1  sing Y N 127 
HIS CG  CD2  doub Y N 128 
HIS ND1 CE1  doub Y N 129 
HIS ND1 HD1  sing N N 130 
HIS CD2 NE2  sing Y N 131 
HIS CD2 HD2  sing N N 132 
HIS CE1 NE2  sing Y N 133 
HIS CE1 HE1  sing N N 134 
HIS NE2 HE2  sing N N 135 
HIS OXT HXT  sing N N 136 
HOH O   H1   sing N N 137 
HOH O   H2   sing N N 138 
ILE N   CA   sing N N 139 
ILE N   H    sing N N 140 
ILE N   H2   sing N N 141 
ILE CA  C    sing N N 142 
ILE CA  CB   sing N N 143 
ILE CA  HA   sing N N 144 
ILE C   O    doub N N 145 
ILE C   OXT  sing N N 146 
ILE CB  CG1  sing N N 147 
ILE CB  CG2  sing N N 148 
ILE CB  HB   sing N N 149 
ILE CG1 CD1  sing N N 150 
ILE CG1 HG12 sing N N 151 
ILE CG1 HG13 sing N N 152 
ILE CG2 HG21 sing N N 153 
ILE CG2 HG22 sing N N 154 
ILE CG2 HG23 sing N N 155 
ILE CD1 HD11 sing N N 156 
ILE CD1 HD12 sing N N 157 
ILE CD1 HD13 sing N N 158 
ILE OXT HXT  sing N N 159 
LEU N   CA   sing N N 160 
LEU N   H    sing N N 161 
LEU N   H2   sing N N 162 
LEU CA  C    sing N N 163 
LEU CA  CB   sing N N 164 
LEU CA  HA   sing N N 165 
LEU C   O    doub N N 166 
LEU C   OXT  sing N N 167 
LEU CB  CG   sing N N 168 
LEU CB  HB2  sing N N 169 
LEU CB  HB3  sing N N 170 
LEU CG  CD1  sing N N 171 
LEU CG  CD2  sing N N 172 
LEU CG  HG   sing N N 173 
LEU CD1 HD11 sing N N 174 
LEU CD1 HD12 sing N N 175 
LEU CD1 HD13 sing N N 176 
LEU CD2 HD21 sing N N 177 
LEU CD2 HD22 sing N N 178 
LEU CD2 HD23 sing N N 179 
LEU OXT HXT  sing N N 180 
LYS N   CA   sing N N 181 
LYS N   H    sing N N 182 
LYS N   H2   sing N N 183 
LYS CA  C    sing N N 184 
LYS CA  CB   sing N N 185 
LYS CA  HA   sing N N 186 
LYS C   O    doub N N 187 
LYS C   OXT  sing N N 188 
LYS CB  CG   sing N N 189 
LYS CB  HB2  sing N N 190 
LYS CB  HB3  sing N N 191 
LYS CG  CD   sing N N 192 
LYS CG  HG2  sing N N 193 
LYS CG  HG3  sing N N 194 
LYS CD  CE   sing N N 195 
LYS CD  HD2  sing N N 196 
LYS CD  HD3  sing N N 197 
LYS CE  NZ   sing N N 198 
LYS CE  HE2  sing N N 199 
LYS CE  HE3  sing N N 200 
LYS NZ  HZ1  sing N N 201 
LYS NZ  HZ2  sing N N 202 
LYS NZ  HZ3  sing N N 203 
LYS OXT HXT  sing N N 204 
PHE N   CA   sing N N 205 
PHE N   H    sing N N 206 
PHE N   H2   sing N N 207 
PHE CA  C    sing N N 208 
PHE CA  CB   sing N N 209 
PHE CA  HA   sing N N 210 
PHE C   O    doub N N 211 
PHE C   OXT  sing N N 212 
PHE CB  CG   sing N N 213 
PHE CB  HB2  sing N N 214 
PHE CB  HB3  sing N N 215 
PHE CG  CD1  doub Y N 216 
PHE CG  CD2  sing Y N 217 
PHE CD1 CE1  sing Y N 218 
PHE CD1 HD1  sing N N 219 
PHE CD2 CE2  doub Y N 220 
PHE CD2 HD2  sing N N 221 
PHE CE1 CZ   doub Y N 222 
PHE CE1 HE1  sing N N 223 
PHE CE2 CZ   sing Y N 224 
PHE CE2 HE2  sing N N 225 
PHE CZ  HZ   sing N N 226 
PHE OXT HXT  sing N N 227 
PRO N   CA   sing N N 228 
PRO N   CD   sing N N 229 
PRO N   H    sing N N 230 
PRO CA  C    sing N N 231 
PRO CA  CB   sing N N 232 
PRO CA  HA   sing N N 233 
PRO C   O    doub N N 234 
PRO C   OXT  sing N N 235 
PRO CB  CG   sing N N 236 
PRO CB  HB2  sing N N 237 
PRO CB  HB3  sing N N 238 
PRO CG  CD   sing N N 239 
PRO CG  HG2  sing N N 240 
PRO CG  HG3  sing N N 241 
PRO CD  HD2  sing N N 242 
PRO CD  HD3  sing N N 243 
PRO OXT HXT  sing N N 244 
SER N   CA   sing N N 245 
SER N   H    sing N N 246 
SER N   H2   sing N N 247 
SER CA  C    sing N N 248 
SER CA  CB   sing N N 249 
SER CA  HA   sing N N 250 
SER C   O    doub N N 251 
SER C   OXT  sing N N 252 
SER CB  OG   sing N N 253 
SER CB  HB2  sing N N 254 
SER CB  HB3  sing N N 255 
SER OG  HG   sing N N 256 
SER OXT HXT  sing N N 257 
THR N   CA   sing N N 258 
THR N   H    sing N N 259 
THR N   H2   sing N N 260 
THR CA  C    sing N N 261 
THR CA  CB   sing N N 262 
THR CA  HA   sing N N 263 
THR C   O    doub N N 264 
THR C   OXT  sing N N 265 
THR CB  OG1  sing N N 266 
THR CB  CG2  sing N N 267 
THR CB  HB   sing N N 268 
THR OG1 HG1  sing N N 269 
THR CG2 HG21 sing N N 270 
THR CG2 HG22 sing N N 271 
THR CG2 HG23 sing N N 272 
THR OXT HXT  sing N N 273 
TRP N   CA   sing N N 274 
TRP N   H    sing N N 275 
TRP N   H2   sing N N 276 
TRP CA  C    sing N N 277 
TRP CA  CB   sing N N 278 
TRP CA  HA   sing N N 279 
TRP C   O    doub N N 280 
TRP C   OXT  sing N N 281 
TRP CB  CG   sing N N 282 
TRP CB  HB2  sing N N 283 
TRP CB  HB3  sing N N 284 
TRP CG  CD1  doub Y N 285 
TRP CG  CD2  sing Y N 286 
TRP CD1 NE1  sing Y N 287 
TRP CD1 HD1  sing N N 288 
TRP CD2 CE2  doub Y N 289 
TRP CD2 CE3  sing Y N 290 
TRP NE1 CE2  sing Y N 291 
TRP NE1 HE1  sing N N 292 
TRP CE2 CZ2  sing Y N 293 
TRP CE3 CZ3  doub Y N 294 
TRP CE3 HE3  sing N N 295 
TRP CZ2 CH2  doub Y N 296 
TRP CZ2 HZ2  sing N N 297 
TRP CZ3 CH2  sing Y N 298 
TRP CZ3 HZ3  sing N N 299 
TRP CH2 HH2  sing N N 300 
TRP OXT HXT  sing N N 301 
TYR N   CA   sing N N 302 
TYR N   H    sing N N 303 
TYR N   H2   sing N N 304 
TYR CA  C    sing N N 305 
TYR CA  CB   sing N N 306 
TYR CA  HA   sing N N 307 
TYR C   O    doub N N 308 
TYR C   OXT  sing N N 309 
TYR CB  CG   sing N N 310 
TYR CB  HB2  sing N N 311 
TYR CB  HB3  sing N N 312 
TYR CG  CD1  doub Y N 313 
TYR CG  CD2  sing Y N 314 
TYR CD1 CE1  sing Y N 315 
TYR CD1 HD1  sing N N 316 
TYR CD2 CE2  doub Y N 317 
TYR CD2 HD2  sing N N 318 
TYR CE1 CZ   doub Y N 319 
TYR CE1 HE1  sing N N 320 
TYR CE2 CZ   sing Y N 321 
TYR CE2 HE2  sing N N 322 
TYR CZ  OH   sing N N 323 
TYR OH  HH   sing N N 324 
TYR OXT HXT  sing N N 325 
VAL N   CA   sing N N 326 
VAL N   H    sing N N 327 
VAL N   H2   sing N N 328 
VAL CA  C    sing N N 329 
VAL CA  CB   sing N N 330 
VAL CA  HA   sing N N 331 
VAL C   O    doub N N 332 
VAL C   OXT  sing N N 333 
VAL CB  CG1  sing N N 334 
VAL CB  CG2  sing N N 335 
VAL CB  HB   sing N N 336 
VAL CG1 HG11 sing N N 337 
VAL CG1 HG12 sing N N 338 
VAL CG1 HG13 sing N N 339 
VAL CG2 HG21 sing N N 340 
VAL CG2 HG22 sing N N 341 
VAL CG2 HG23 sing N N 342 
VAL OXT HXT  sing N N 343 
# 
_pdbx_audit_support.funding_organization   'Not funded' 
_pdbx_audit_support.country                India 
_pdbx_audit_support.grant_number           ? 
_pdbx_audit_support.ordinal                1 
# 
_pdbx_initial_refinement_model.id               1 
_pdbx_initial_refinement_model.entity_id_list   ? 
_pdbx_initial_refinement_model.type             'experimental model' 
_pdbx_initial_refinement_model.source_name      PDB 
_pdbx_initial_refinement_model.accession_code   4EIK 
_pdbx_initial_refinement_model.details          ? 
# 
_space_group.name_H-M_alt     'P 21 21 21' 
_space_group.name_Hall        'P 2ac 2ab' 
_space_group.IT_number        19 
_space_group.crystal_system   orthorhombic 
_space_group.id               1 
# 
_atom_sites.entry_id                    8KDX 
_atom_sites.Cartn_transf_matrix[1][1]   ? 
_atom_sites.Cartn_transf_matrix[1][2]   ? 
_atom_sites.Cartn_transf_matrix[1][3]   ? 
_atom_sites.Cartn_transf_matrix[2][1]   ? 
_atom_sites.Cartn_transf_matrix[2][2]   ? 
_atom_sites.Cartn_transf_matrix[2][3]   ? 
_atom_sites.Cartn_transf_matrix[3][1]   ? 
_atom_sites.Cartn_transf_matrix[3][2]   ? 
_atom_sites.Cartn_transf_matrix[3][3]   ? 
_atom_sites.Cartn_transf_vector[1]      ? 
_atom_sites.Cartn_transf_vector[2]      ? 
_atom_sites.Cartn_transf_vector[3]      ? 
_atom_sites.Cartn_transform_axes        ? 
_atom_sites.fract_transf_matrix[1][1]   0.01805849 
_atom_sites.fract_transf_matrix[1][2]   -0.02275236 
_atom_sites.fract_transf_matrix[1][3]   0.01366364 
_atom_sites.fract_transf_matrix[2][1]   -0.01955233 
_atom_sites.fract_transf_matrix[2][2]   -0.01924055 
_atom_sites.fract_transf_matrix[2][3]   -0.00619765 
_atom_sites.fract_transf_matrix[3][1]   0.00611469 
_atom_sites.fract_transf_matrix[3][2]   -0.00235009 
_atom_sites.fract_transf_matrix[3][3]   -0.01199477 
_atom_sites.fract_transf_vector[1]      0.022938 
_atom_sites.fract_transf_vector[2]      0.228321 
_atom_sites.fract_transf_vector[3]      -0.149359 
_atom_sites.solution_primary            ? 
_atom_sites.solution_secondary          ? 
_atom_sites.solution_hydrogens          ? 
_atom_sites.special_details             ? 
# 
loop_
_atom_type.symbol 
_atom_type.scat_dispersion_real 
_atom_type.scat_dispersion_imag 
_atom_type.scat_Cromer_Mann_a1 
_atom_type.scat_Cromer_Mann_a2 
_atom_type.scat_Cromer_Mann_a3 
_atom_type.scat_Cromer_Mann_a4 
_atom_type.scat_Cromer_Mann_b1 
_atom_type.scat_Cromer_Mann_b2 
_atom_type.scat_Cromer_Mann_b3 
_atom_type.scat_Cromer_Mann_b4 
_atom_type.scat_Cromer_Mann_c 
_atom_type.scat_source 
_atom_type.scat_dispersion_source 
C ? ? 3.54356 2.42580 ? ? 25.62398 1.50364 ? ? 0.0 
;2-Gaussian fit: Grosse-Kunstleve RW, Sauter NK, Adams PD: Newsletter of the IUCr Commission on Crystallographic Computing 2004, 3, 22-31.
;
? 
H ? ? ?       ?       ? ? ?        ?       ? ? ?   ? ? 
N ? ? 4.01032 2.96436 ? ? 19.97189 1.75589 ? ? 0.0 
;2-Gaussian fit: Grosse-Kunstleve RW, Sauter NK, Adams PD: Newsletter of the IUCr Commission on Crystallographic Computing 2004, 3, 22-31.
;
? 
O ? ? 4.49882 3.47563 ? ? 15.80542 1.70748 ? ? 0.0 
;2-Gaussian fit: Grosse-Kunstleve RW, Sauter NK, Adams PD: Newsletter of the IUCr Commission on Crystallographic Computing 2004, 3, 22-31.
;
? 
# 
loop_
_atom_site.group_PDB 
_atom_site.id 
_atom_site.type_symbol 
_atom_site.label_atom_id 
_atom_site.label_alt_id 
_atom_site.label_comp_id 
_atom_site.label_asym_id 
_atom_site.label_entity_id 
_atom_site.label_seq_id 
_atom_site.pdbx_PDB_ins_code 
_atom_site.Cartn_x 
_atom_site.Cartn_y 
_atom_site.Cartn_z 
_atom_site.occupancy 
_atom_site.B_iso_or_equiv 
_atom_site.pdbx_formal_charge 
_atom_site.auth_seq_id 
_atom_site.auth_comp_id 
_atom_site.auth_asym_id 
_atom_site.auth_atom_id 
_atom_site.pdbx_PDB_model_num 
ATOM   1   N N   . SER A 1 1  ? -8.797  -5.304  18.104  1.000 47.474 0 82  SER A N   1 
ATOM   2   C CA  . SER A 1 1  ? -8.322  -6.714  18.169  1.000 46.105 0 82  SER A CA  1 
ATOM   3   C C   . SER A 1 1  ? -8.994  -7.538  17.071  1.000 41.941 0 82  SER A C   1 
ATOM   4   O O   . SER A 1 1  ? -10.142 -7.278  16.704  1.000 36.080 0 82  SER A O   1 
ATOM   5   C CB  . SER A 1 1  ? -8.559  -7.320  19.545  1.000 50.267 0 82  SER A CB  1 
ATOM   6   O OG  . SER A 1 1  ? -9.890  -7.814  19.685  1.000 55.472 0 82  SER A OG  1 
ATOM   7   N N   . GLY A 1 2  ? -8.264  -8.552  16.584  1.000 38.994 0 83  GLY A N   1 
ATOM   8   C CA  . GLY A 1 2  ? -8.725  -9.456  15.543  1.000 33.929 0 83  GLY A CA  1 
ATOM   9   C C   . GLY A 1 2  ? -8.470  -8.914  14.142  1.000 30.364 0 83  GLY A C   1 
ATOM   10  O O   . GLY A 1 2  ? -8.934  -9.512  13.160  1.000 34.548 0 83  GLY A O   1 
ATOM   11  N N   . THR A 1 3  ? -7.772  -7.771  14.052  1.000 28.107 0 84  THR A N   1 
ATOM   12  C CA  . THR A 1 3  ? -7.298  -7.242  12.775  1.000 25.415 0 84  THR A CA  1 
ATOM   13  C C   . THR A 1 3  ? -5.801  -6.949  12.846  1.000 25.352 0 84  THR A C   1 
ATOM   14  O O   . THR A 1 3  ? -5.266  -6.888  13.952  1.000 27.233 0 84  THR A O   1 
ATOM   15  C CB  . THR A 1 3  ? -8.067  -5.986  12.352  1.000 25.687 0 84  THR A CB  1 
ATOM   16  O OG1 . THR A 1 3  ? -7.781  -4.965  13.299  1.000 31.955 0 84  THR A OG1 1 
ATOM   17  C CG2 . THR A 1 3  ? -9.558  -6.251  12.284  1.000 28.301 0 84  THR A CG2 1 
ATOM   18  N N   . THR A 1 4  ? -5.180  -6.682  11.686  1.000 22.177 0 85  THR A N   1 
ATOM   19  C CA  . THR A 1 4  ? -3.734  -6.489  11.502  1.000 23.711 0 85  THR A CA  1 
ATOM   20  C C   . THR A 1 4  ? -3.444  -5.168  10.760  1.000 18.873 0 85  THR A C   1 
ATOM   21  O O   . THR A 1 4  ? -3.796  -5.042  9.572   1.000 20.741 0 85  THR A O   1 
ATOM   22  C CB  . THR A 1 4  ? -3.175  -7.657  10.660  1.000 29.067 0 85  THR A CB  1 
ATOM   23  O OG1 . THR A 1 4  ? -3.507  -8.911  11.261  1.000 33.621 0 85  THR A OG1 1 
ATOM   24  C CG2 . THR A 1 4  ? -1.671  -7.646  10.436  1.000 30.084 0 85  THR A CG2 1 
ATOM   25  N N   . LEU A 1 5  ? -2.677  -4.207  11.268  1.000 18.046 0 86  LEU A N   1 
ATOM   26  C CA  . LEU A 1 5  ? -2.193  -3.132  10.427  1.000 19.816 0 86  LEU A CA  1 
ATOM   27  C C   . LEU A 1 5  ? -1.067  -3.618  9.510   1.000 17.046 0 86  LEU A C   1 
ATOM   28  O O   . LEU A 1 5  ? -0.392  -4.615  9.813   1.000 18.285 0 86  LEU A O   1 
ATOM   29  C CB  . LEU A 1 5  ? -1.731  -2.019  11.352  1.000 19.286 0 86  LEU A CB  1 
ATOM   30  C CG  . LEU A 1 5  ? -2.815  -1.277  12.130  1.000 24.273 0 86  LEU A CG  1 
ATOM   31  C CD1 . LEU A 1 5  ? -2.251  0.045   12.622  1.000 26.058 0 86  LEU A CD1 1 
ATOM   32  C CD2 . LEU A 1 5  ? -4.039  -1.075  11.268  1.000 24.699 0 86  LEU A CD2 1 
ATOM   33  N N   . PHE A 1 6  ? -0.907  -2.944  8.369   1.000 13.938 0 87  PHE A N   1 
ATOM   34  C CA  . PHE A 1 6  ? 0.244   -3.136  7.501   1.000 12.601 0 87  PHE A CA  1 
ATOM   35  C C   . PHE A 1 6  ? 1.073   -1.865  7.535   1.000 12.364 0 87  PHE A C   1 
ATOM   36  O O   . PHE A 1 6  ? 0.556   -0.783  7.839   1.000 14.120 0 87  PHE A O   1 
ATOM   37  C CB  . PHE A 1 6  ? -0.202  -3.446  6.070   1.000 13.245 0 87  PHE A CB  1 
ATOM   38  C CG  . PHE A 1 6  ? -0.569  -4.901  5.883   1.000 14.493 0 87  PHE A CG  1 
ATOM   39  C CD1 . PHE A 1 6  ? -1.666  -5.464  6.532   1.000 16.504 0 87  PHE A CD1 1 
ATOM   40  C CD2 . PHE A 1 6  ? 0.212   -5.718  5.109   1.000 15.760 0 87  PHE A CD2 1 
ATOM   41  C CE1 . PHE A 1 6  ? -1.975  -6.813  6.387   1.000 18.242 0 87  PHE A CE1 1 
ATOM   42  C CE2 . PHE A 1 6  ? -0.092  -7.070  4.963   1.000 18.022 0 87  PHE A CE2 1 
ATOM   43  C CZ  . PHE A 1 6  ? -1.190  -7.585  5.614   1.000 18.814 0 87  PHE A CZ  1 
ATOM   44  N N   . VAL A 1 7  ? 2.338   -1.999  7.222   1.000 12.180 0 88  VAL A N   1 
ATOM   45  C CA  . VAL A 1 7  ? 3.287   -0.908  7.218   1.000 12.011 0 88  VAL A CA  1 
ATOM   46  C C   . VAL A 1 7  ? 4.020   -0.861  5.891   1.000 11.760 0 88  VAL A C   1 
ATOM   47  O O   . VAL A 1 7  ? 4.427   -1.918  5.344   1.000 12.446 0 88  VAL A O   1 
ATOM   48  C CB  . VAL A 1 7  ? 4.268   -1.038  8.415   1.000 12.834 0 88  VAL A CB  1 
ATOM   49  C CG1 . VAL A 1 7  ? 5.068   -2.340  8.404   1.000 14.885 0 88  VAL A CG1 1 
ATOM   50  C CG2 . VAL A 1 7  ? 5.220   0.115   8.448   1.000 13.323 0 88  VAL A CG2 1 
ATOM   51  N N   . ALA A 1 8  ? 4.252   0.348   5.394   1.000 11.417 0 89  ALA A N   1 
ATOM   52  C CA  . ALA A 1 8  ? 5.030   0.520   4.173   1.000 11.673 0 89  ALA A CA  1 
ATOM   53  C C   . ALA A 1 8  ? 6.502   0.237   4.412   1.000 11.815 0 89  ALA A C   1 
ATOM   54  O O   . ALA A 1 8  ? 7.110   0.755   5.341   1.000 13.209 0 89  ALA A O   1 
ATOM   55  C CB  . ALA A 1 8  ? 4.876   1.922   3.637   1.000 11.452 0 89  ALA A CB  1 
ATOM   56  N N   . LEU A 1 9  ? 7.066   -0.583  3.526   1.000 12.500 0 90  LEU A N   1 
ATOM   57  C CA  . LEU A 1 9  ? 8.485   -0.943  3.557   1.000 13.978 0 90  LEU A CA  1 
ATOM   58  C C   . LEU A 1 9  ? 9.337   0.116   2.881   1.000 13.836 0 90  LEU A C   1 
ATOM   59  O O   . LEU A 1 9  ? 10.547  0.181   3.149   1.000 15.951 0 90  LEU A O   1 
ATOM   60  C CB  . LEU A 1 9  ? 8.670   -2.301  2.865   1.000 14.873 0 90  LEU A CB  1 
ATOM   61  C CG  . LEU A 1 9  ? 7.925   -3.468  3.495   1.000 15.563 0 90  LEU A CG  1 
ATOM   62  C CD1 . LEU A 1 9  ? 8.030   -4.720  2.618   1.000 18.018 0 90  LEU A CD1 1 
ATOM   63  C CD2 . LEU A 1 9  ? 8.484   -3.741  4.878   1.000 19.250 0 90  LEU A CD2 1 
ATOM   64  N N   . TYR A 1 10 ? 8.775   0.877   1.937   1.000 13.172 0 91  TYR A N   1 
ATOM   65  C CA  . TYR A 1 10 ? 9.496   1.814   1.109   1.000 13.571 0 91  TYR A CA  1 
ATOM   66  C C   . TYR A 1 10 ? 8.601   3.006   0.861   1.000 12.377 0 91  TYR A C   1 
ATOM   67  O O   . TYR A 1 10 ? 7.373   2.870   0.904   1.000 12.950 0 91  TYR A O   1 
ATOM   68  C CB  . TYR A 1 10 ? 9.909   1.239   -0.258  1.000 13.495 0 91  TYR A CB  1 
ATOM   69  C CG  . TYR A 1 10 ? 10.287  -0.239  -0.265  1.000 14.907 0 91  TYR A CG  1 
ATOM   70  C CD1 . TYR A 1 10 ? 11.495  -0.700  0.221   1.000 19.443 0 91  TYR A CD1 1 
ATOM   71  C CD2 . TYR A 1 10 ? 9.420   -1.198  -0.752  1.000 14.884 0 91  TYR A CD2 1 
ATOM   72  C CE1 . TYR A 1 10 ? 11.814  -2.055  0.173   1.000 20.889 0 91  TYR A CE1 1 
ATOM   73  C CE2 . TYR A 1 10 ? 9.682   -2.551  -0.774  1.000 16.488 0 91  TYR A CE2 1 
ATOM   74  C CZ  . TYR A 1 10 ? 10.898  -2.969  -0.299  1.000 19.441 0 91  TYR A CZ  1 
ATOM   75  O OH  . TYR A 1 10 ? 11.142  -4.338  -0.366  1.000 22.708 0 91  TYR A OH  1 
ATOM   76  N N   . ASP A 1 11 ? 9.200   4.140   0.508   1.000 12.626 0 92  ASP A N   1 
ATOM   77  C CA  . ASP A 1 11 ? 8.425   5.222   -0.064  1.000 12.280 0 92  ASP A CA  1 
ATOM   78  C C   . ASP A 1 11 ? 7.852   4.801   -1.410  1.000 11.839 0 92  ASP A C   1 
ATOM   79  O O   . ASP A 1 11 ? 8.470   4.013   -2.155  1.000 12.725 0 92  ASP A O   1 
ATOM   80  C CB  . ASP A 1 11 ? 9.348   6.415   -0.324  1.000 14.072 0 92  ASP A CB  1 
ATOM   81  C CG  . ASP A 1 11 ? 9.962   7.083   0.901   1.000 13.810 0 92  ASP A CG  1 
ATOM   82  O OD1 . ASP A 1 11 ? 9.449   6.991   2.009   1.000 14.136 0 92  ASP A OD1 1 
ATOM   83  O OD2 . ASP A 1 11 ? 10.951  7.854   0.669   1.000 17.437 0 92  ASP A OD2 1 
ATOM   84  N N   . TYR A 1 12 ? 6.707   5.378   -1.767  1.000 11.557 0 93  TYR A N   1 
ATOM   85  C CA  . TYR A 1 12 ? 6.098   5.124   -3.070  1.000 11.321 0 93  TYR A CA  1 
ATOM   86  C C   . TYR A 1 12 ? 5.411   6.349   -3.594  1.000 10.727 0 93  TYR A C   1 
ATOM   87  O O   . TYR A 1 12 ? 4.594   6.970   -2.889  1.000 11.481 0 93  TYR A O   1 
ATOM   88  C CB  . TYR A 1 12 ? 5.126   3.953   -3.029  1.000 11.526 0 93  TYR A CB  1 
ATOM   89  C CG  . TYR A 1 12 ? 4.570   3.591   -4.381  1.000 11.361 0 93  TYR A CG  1 
ATOM   90  C CD1 . TYR A 1 12 ? 5.397   3.115   -5.381  1.000 12.270 0 93  TYR A CD1 1 
ATOM   91  C CD2 . TYR A 1 12 ? 3.220   3.745   -4.666  1.000 11.325 0 93  TYR A CD2 1 
ATOM   92  C CE1 . TYR A 1 12 ? 4.901   2.814   -6.654  1.000 12.525 0 93  TYR A CE1 1 
ATOM   93  C CE2 . TYR A 1 12 ? 2.730   3.410   -5.916  1.000 12.100 0 93  TYR A CE2 1 
ATOM   94  C CZ  . TYR A 1 12 ? 3.577   2.972   -6.910  1.000 12.248 0 93  TYR A CZ  1 
ATOM   95  O OH  . TYR A 1 12 ? 3.038   2.698   -8.158  1.000 14.037 0 93  TYR A OH  1 
ATOM   96  N N   . GLU A 1 13 ? 5.695   6.692   -4.840  1.000 11.805 0 94  GLU A N   1 
ATOM   97  C CA  A GLU A 1 13 ? 5.004   7.744   -5.558  0.500 11.992 0 94  GLU A CA  1 
ATOM   98  C CA  B GLU A 1 13 ? 4.990   7.742   -5.545  0.500 12.445 0 94  GLU A CA  1 
ATOM   99  C C   . GLU A 1 13 ? 3.996   7.116   -6.500  1.000 11.561 0 94  GLU A C   1 
ATOM   100 O O   . GLU A 1 13 ? 4.367   6.428   -7.496  1.000 13.613 0 94  GLU A O   1 
ATOM   101 C CB  A GLU A 1 13 ? 6.005   8.595   -6.331  0.500 14.180 0 94  GLU A CB  1 
ATOM   102 C CB  B GLU A 1 13 ? 6.000   8.632   -6.254  0.500 15.494 0 94  GLU A CB  1 
ATOM   103 C CG  A GLU A 1 13 ? 5.308   9.665   -7.153  0.500 16.192 0 94  GLU A CG  1 
ATOM   104 C CG  B GLU A 1 13 ? 6.861   9.425   -5.303  0.500 18.821 0 94  GLU A CG  1 
ATOM   105 C CD  A GLU A 1 13 ? 6.212   10.502  -8.037  0.500 19.856 0 94  GLU A CD  1 
ATOM   106 C CD  B GLU A 1 13 ? 7.401   10.726  -5.862  0.500 22.748 0 94  GLU A CD  1 
ATOM   107 O OE1 A GLU A 1 13 ? 7.447   10.446  -7.857  0.500 22.633 0 94  GLU A OE1 1 
ATOM   108 O OE1 B GLU A 1 13 ? 7.823   11.557  -5.038  0.500 26.779 0 94  GLU A OE1 1 
ATOM   109 O OE2 A GLU A 1 13 ? 5.694   11.213  -8.936  0.500 22.360 0 94  GLU A OE2 1 
ATOM   110 O OE2 B GLU A 1 13 ? 7.381   10.927  -7.097  0.500 24.221 0 94  GLU A OE2 1 
ATOM   111 N N   . ALA A 1 14 ? 2.730   7.289   -6.247  1.000 11.076 0 95  ALA A N   1 
ATOM   112 C CA  . ALA A 1 14 ? 1.696   6.771   -7.128  1.000 11.396 0 95  ALA A CA  1 
ATOM   113 C C   . ALA A 1 14 ? 1.740   7.392   -8.496  1.000 10.917 0 95  ALA A C   1 
ATOM   114 O O   . ALA A 1 14 ? 2.051   8.581   -8.637  1.000 12.654 0 95  ALA A O   1 
ATOM   115 C CB  . ALA A 1 14 ? 0.318   7.018   -6.514  1.000 12.772 0 95  ALA A CB  1 
ATOM   116 N N   . ARG A 1 15 ? 1.441   6.591   -9.509  1.000 11.076 0 96  ARG A N   1 
ATOM   117 C CA  . ARG A 1 15 ? 1.476   7.050   -10.890 1.000 12.438 0 96  ARG A CA  1 
ATOM   118 C C   . ARG A 1 15 ? 0.119   7.050   -11.578 1.000 11.751 0 96  ARG A C   1 
ATOM   119 O O   . ARG A 1 15 ? -0.045  7.669   -12.626 1.000 13.957 0 96  ARG A O   1 
ATOM   120 C CB  . ARG A 1 15 ? 2.473   6.229   -11.711 1.000 15.835 0 96  ARG A CB  1 
ATOM   121 C CG  . ARG A 1 15 ? 3.859   6.163   -11.078 1.000 18.570 0 96  ARG A CG  1 
ATOM   122 C CD  . ARG A 1 15 ? 4.629   7.438   -11.028 1.000 22.893 0 96  ARG A CD  1 
ATOM   123 N NE  . ARG A 1 15 ? 5.193   7.667   -12.327 1.000 25.653 0 96  ARG A NE  1 
ATOM   124 C CZ  . ARG A 1 15 ? 4.772   8.591   -13.128 1.000 27.415 0 96  ARG A CZ  1 
ATOM   125 N NH1 . ARG A 1 15 ? 4.985   8.452   -14.431 1.000 30.569 0 96  ARG A NH1 1 
ATOM   126 N NH2 . ARG A 1 15 ? 3.995   9.539   -12.645 1.000 26.200 0 96  ARG A NH2 1 
ATOM   127 N N   . THR A 1 16 ? -0.847  6.324   -11.045 1.000 11.511 0 97  THR A N   1 
ATOM   128 C CA  . THR A 1 16 ? -2.161  6.243   -11.684 1.000 10.855 0 97  THR A CA  1 
ATOM   129 C C   . THR A 1 16 ? -3.240  6.724   -10.714 1.000 10.810 0 97  THR A C   1 
ATOM   130 O O   . THR A 1 16 ? -3.044  6.720   -9.480  1.000 11.453 0 97  THR A O   1 
ATOM   131 C CB  . THR A 1 16 ? -2.516  4.862   -12.239 1.000 11.184 0 97  THR A CB  1 
ATOM   132 O OG1 . THR A 1 16 ? -3.093  4.002   -11.252 1.000 11.988 0 97  THR A OG1 1 
ATOM   133 C CG2 . THR A 1 16 ? -1.350  4.174   -12.906 1.000 11.941 0 97  THR A CG2 1 
ATOM   134 N N   . GLU A 1 17 ? -4.369  7.100   -11.266 1.000 11.541 0 98  GLU A N   1 
ATOM   135 C CA  . GLU A 1 17 ? -5.421  7.846   -10.586 1.000 12.960 0 98  GLU A CA  1 
ATOM   136 C C   . GLU A 1 17 ? -5.943  7.160   -9.337  1.000 11.626 0 98  GLU A C   1 
ATOM   137 O O   . GLU A 1 17 ? -6.325  7.856   -8.369  1.000 13.584 0 98  GLU A O   1 
ATOM   138 C CB  . GLU A 1 17 ? -6.598  8.066   -11.603 1.000 15.417 0 98  GLU A CB  1 
ATOM   139 C CG  . GLU A 1 17 ? -7.207  6.805   -12.170 1.000 18.636 0 98  GLU A CG  1 
ATOM   140 C CD  . GLU A 1 17 ? -8.045  6.911   -13.432 1.000 20.135 0 98  GLU A CD  1 
ATOM   141 O OE1 . GLU A 1 17 ? -8.271  8.115   -13.891 1.000 21.664 0 98  GLU A OE1 1 
ATOM   142 O OE2 . GLU A 1 17 ? -8.384  5.792   -14.118 1.000 17.046 0 98  GLU A OE2 1 
ATOM   143 N N   . ASP A 1 18 ? -6.020  5.856   -9.326  1.000 11.598 0 99  ASP A N   1 
ATOM   144 C CA  . ASP A 1 18 ? -6.653  5.144   -8.224  1.000 12.079 0 99  ASP A CA  1 
ATOM   145 C C   . ASP A 1 18 ? -5.653  4.752   -7.136  1.000 10.192 0 99  ASP A C   1 
ATOM   146 O O   . ASP A 1 18 ? -6.075  4.119   -6.164  1.000 11.577 0 99  ASP A O   1 
ATOM   147 C CB  . ASP A 1 18 ? -7.395  3.943   -8.760  1.000 14.576 0 99  ASP A CB  1 
ATOM   148 C CG  . ASP A 1 18 ? -8.624  4.275   -9.594  1.000 17.875 0 99  ASP A CG  1 
ATOM   149 O OD1 . ASP A 1 18 ? -9.101  5.413   -9.478  1.000 22.158 0 99  ASP A OD1 1 
ATOM   150 O OD2 . ASP A 1 18 ? -9.087  3.376   -10.315 1.000 20.722 0 99  ASP A OD2 1 
ATOM   151 N N   . ASP A 1 19 ? -4.399  5.139   -7.263  1.000 9.693  0 100 ASP A N   1 
ATOM   152 C CA  . ASP A 1 19 ? -3.352  4.641   -6.374  1.000 9.499  0 100 ASP A CA  1 
ATOM   153 C C   . ASP A 1 19 ? -2.978  5.667   -5.320  1.000 9.444  0 100 ASP A C   1 
ATOM   154 O O   . ASP A 1 19 ? -3.062  6.885   -5.552  1.000 11.814 0 100 ASP A O   1 
ATOM   155 C CB  . ASP A 1 19 ? -2.130  4.287   -7.218  1.000 9.767  0 100 ASP A CB  1 
ATOM   156 C CG  . ASP A 1 19 ? -2.398  3.183   -8.210  1.000 10.152 0 100 ASP A CG  1 
ATOM   157 O OD1 . ASP A 1 19 ? -3.367  2.443   -8.040  1.000 11.083 0 100 ASP A OD1 1 
ATOM   158 O OD2 . ASP A 1 19 ? -1.603  3.059   -9.196  1.000 10.707 0 100 ASP A OD2 1 
ATOM   159 N N   . LEU A 1 20 ? -2.523  5.211   -4.168  1.000 9.072  0 101 LEU A N   1 
ATOM   160 C CA  . LEU A 1 20 ? -2.044  6.056   -3.089  1.000 9.415  0 101 LEU A CA  1 
ATOM   161 C C   . LEU A 1 20 ? -0.526  6.188   -3.137  1.000 9.280  0 101 LEU A C   1 
ATOM   162 O O   . LEU A 1 20 ? 0.189   5.218   -3.349  1.000 10.589 0 101 LEU A O   1 
ATOM   163 C CB  . LEU A 1 20 ? -2.413  5.503   -1.719  1.000 9.557  0 101 LEU A CB  1 
ATOM   164 C CG  . LEU A 1 20 ? -3.893  5.267   -1.463  1.000 10.017 0 101 LEU A CG  1 
ATOM   165 C CD1 . LEU A 1 20 ? -4.099  4.745   -0.072  1.000 10.967 0 101 LEU A CD1 1 
ATOM   166 C CD2 . LEU A 1 20 ? -4.682  6.481   -1.685  1.000 12.480 0 101 LEU A CD2 1 
ATOM   167 N N   . SER A 1 21 ? -0.018  7.391   -2.835  1.000 10.162 0 102 SER A N   1 
ATOM   168 C CA  . SER A 1 21 ? 1.387   7.581   -2.510  1.000 9.863  0 102 SER A CA  1 
ATOM   169 C C   . SER A 1 21 ? 1.572   7.442   -1.013  1.000 10.189 0 102 SER A C   1 
ATOM   170 O O   . SER A 1 21 ? 0.596   7.641   -0.251  1.000 11.870 0 102 SER A O   1 
ATOM   171 C CB  . SER A 1 21 ? 1.825   9.003   -2.890  1.000 11.416 0 102 SER A CB  1 
ATOM   172 O OG  . SER A 1 21 ? 1.804   9.180   -4.306  1.000 12.700 0 102 SER A OG  1 
ATOM   173 N N   . PHE A 1 22 ? 2.778   7.134   -0.566  1.000 9.796  0 103 PHE A N   1 
ATOM   174 C CA  . PHE A 1 22 ? 3.010   6.953   0.840   1.000 10.241 0 103 PHE A CA  1 
ATOM   175 C C   . PHE A 1 22 ? 4.503   6.997   1.135   1.000 11.035 0 103 PHE A C   1 
ATOM   176 O O   . PHE A 1 22 ? 5.344   6.911   0.263   1.000 11.863 0 103 PHE A O   1 
ATOM   177 C CB  . PHE A 1 22 ? 2.378   5.635   1.369   1.000 10.199 0 103 PHE A CB  1 
ATOM   178 C CG  . PHE A 1 22 ? 2.692   4.419   0.557   1.000 9.401  0 103 PHE A CG  1 
ATOM   179 C CD1 . PHE A 1 22 ? 3.818   3.673   0.775   1.000 10.552 0 103 PHE A CD1 1 
ATOM   180 C CD2 . PHE A 1 22 ? 1.823   3.984   -0.438  1.000 9.662  0 103 PHE A CD2 1 
ATOM   181 C CE1 . PHE A 1 22 ? 4.073   2.499   0.072   1.000 10.986 0 103 PHE A CE1 1 
ATOM   182 C CE2 . PHE A 1 22 ? 2.080   2.839   -1.174  1.000 9.810  0 103 PHE A CE2 1 
ATOM   183 C CZ  . PHE A 1 22 ? 3.183   2.097   -0.922  1.000 10.611 0 103 PHE A CZ  1 
ATOM   184 N N   . HIS A 1 23 ? 4.815   7.126   2.424   1.000 11.925 0 104 HIS A N   1 
ATOM   185 C CA  A HIS A 1 23 ? 6.240   7.073   2.780   0.500 11.905 0 104 HIS A CA  1 
ATOM   186 C CA  B HIS A 1 23 ? 6.110   7.159   3.063   0.500 13.085 0 104 HIS A CA  1 
ATOM   187 C C   . HIS A 1 23 ? 6.477   5.816   3.623   1.000 11.616 0 104 HIS A C   1 
ATOM   188 O O   . HIS A 1 23 ? 5.594   5.193   4.197   1.000 12.320 0 104 HIS A O   1 
ATOM   189 C CB  A HIS A 1 23 ? 6.723   8.388   3.431   0.500 10.752 0 104 HIS A CB  1 
ATOM   190 C CB  B HIS A 1 23 ? 6.137   8.246   4.144   0.500 14.537 0 104 HIS A CB  1 
ATOM   191 C CG  A HIS A 1 23 ? 5.722   9.099   4.305   0.500 12.273 0 104 HIS A CG  1 
ATOM   192 C CG  B HIS A 1 23 ? 6.371   9.572   3.391   0.500 19.890 0 104 HIS A CG  1 
ATOM   193 N ND1 A HIS A 1 23 ? 5.218   8.586   5.492   0.500 16.785 0 104 HIS A ND1 1 
ATOM   194 N ND1 B HIS A 1 23 ? 7.333   9.570   2.397   0.500 25.204 0 104 HIS A ND1 1 
ATOM   195 C CD2 A HIS A 1 23 ? 5.072   10.161  4.050   0.500 17.995 0 104 HIS A CD2 1 
ATOM   196 C CD2 B HIS A 1 23 ? 5.854   10.784  3.358   0.500 20.667 0 104 HIS A CD2 1 
ATOM   197 C CE1 A HIS A 1 23 ? 4.195   9.337   5.864   0.500 13.010 0 104 HIS A CE1 1 
ATOM   198 C CE1 B HIS A 1 23 ? 7.424   10.753  1.798   0.500 21.504 0 104 HIS A CE1 1 
ATOM   199 N NE2 A HIS A 1 23 ? 4.220   10.356  5.052   0.500 18.631 0 104 HIS A NE2 1 
ATOM   200 N NE2 B HIS A 1 23 ? 6.545   11.519  2.389   0.500 23.448 0 104 HIS A NE2 1 
ATOM   201 N N   . LYS A 1 24 ? 7.734   5.440   3.639   1.000 11.865 0 105 LYS A N   1 
ATOM   202 C CA  . LYS A 1 24 ? 8.196   4.312   4.417   1.000 12.076 0 105 LYS A CA  1 
ATOM   203 C C   . LYS A 1 24 ? 7.690   4.467   5.867   1.000 12.279 0 105 LYS A C   1 
ATOM   204 O O   . LYS A 1 24 ? 7.814   5.551   6.477   1.000 13.358 0 105 LYS A O   1 
ATOM   205 C CB  . LYS A 1 24 ? 9.709   4.263   4.405   1.000 13.894 0 105 LYS A CB  1 
ATOM   206 C CG  . LYS A 1 24 ? 10.283  3.119   5.203   1.000 14.862 0 105 LYS A CG  1 
ATOM   207 C CD  . LYS A 1 24 ? 11.775  3.041   5.013   1.000 19.750 0 105 LYS A CD  1 
ATOM   208 C CE  . LYS A 1 24 ? 12.425  1.994   5.886   1.000 23.484 0 105 LYS A CE  1 
ATOM   209 N NZ  . LYS A 1 24 ? 13.880  2.055   5.669   1.000 29.984 0 105 LYS A NZ  1 
ATOM   210 N N   . GLY A 1 25 ? 7.151   3.392   6.417   1.000 12.172 0 106 GLY A N   1 
ATOM   211 C CA  . GLY A 1 25 ? 6.616   3.423   7.779   1.000 12.797 0 106 GLY A CA  1 
ATOM   212 C C   . GLY A 1 25 ? 5.144   3.821   7.889   1.000 11.517 0 106 GLY A C   1 
ATOM   213 O O   . GLY A 1 25 ? 4.566   3.655   8.965   1.000 11.594 0 106 GLY A O   1 
ATOM   214 N N   . GLU A 1 26 ? 4.559   4.337   6.831   1.000 11.093 0 107 GLU A N   1 
ATOM   215 C CA  . GLU A 1 26 ? 3.155   4.704   6.905   1.000 10.747 0 107 GLU A CA  1 
ATOM   216 C C   . GLU A 1 26 ? 2.323   3.456   7.155   1.000 9.871  0 107 GLU A C   1 
ATOM   217 O O   . GLU A 1 26 ? 2.614   2.377   6.616   1.000 11.002 0 107 GLU A O   1 
ATOM   218 C CB  . GLU A 1 26 ? 2.757   5.434   5.600   1.000 10.841 0 107 GLU A CB  1 
ATOM   219 C CG  . GLU A 1 26 ? 1.379   6.020   5.610   1.000 12.099 0 107 GLU A CG  1 
ATOM   220 C CD  . GLU A 1 26 ? 1.195   7.059   4.504   1.000 11.961 0 107 GLU A CD  1 
ATOM   221 O OE1 . GLU A 1 26 ? 2.171   7.591   3.995   1.000 13.181 0 107 GLU A OE1 1 
ATOM   222 O OE2 . GLU A 1 26 ? 0.004   7.352   4.208   1.000 15.360 0 107 GLU A OE2 1 
ATOM   223 N N   . LYS A 1 27 ? 1.288   3.607   7.968   1.000 9.825  0 108 LYS A N   1 
ATOM   224 C CA  . LYS A 1 27 ? 0.439   2.503   8.339   1.000 10.112 0 108 LYS A CA  1 
ATOM   225 C C   . LYS A 1 27 ? -0.855  2.507   7.527   1.000 9.622  0 108 LYS A C   1 
ATOM   226 O O   . LYS A 1 27 ? -1.382  3.522   7.165   1.000 10.153 0 108 LYS A O   1 
ATOM   227 C CB  . LYS A 1 27 ? 0.121   2.543   9.832   1.000 10.964 0 108 LYS A CB  1 
ATOM   228 C CG  . LYS A 1 27 ? 1.352   2.575   10.736  1.000 11.624 0 108 LYS A CG  1 
ATOM   229 C CD  . LYS A 1 27 ? 2.305   1.409   10.496  1.000 13.279 0 108 LYS A CD  1 
ATOM   230 C CE  . LYS A 1 27 ? 3.417   1.317   11.513  1.000 13.719 0 108 LYS A CE  1 
ATOM   231 N NZ  . LYS A 1 27 ? 4.303   2.498   11.521  1.000 12.930 0 108 LYS A NZ  1 
ATOM   232 N N   . PHE A 1 28 ? -1.364  1.285   7.292   1.000 9.860  0 109 PHE A N   1 
ATOM   233 C CA  . PHE A 1 28 ? -2.519  1.036   6.458   1.000 9.904  0 109 PHE A CA  1 
ATOM   234 C C   . PHE A 1 28 ? -3.436  -0.009  7.092   1.000 10.694 0 109 PHE A C   1 
ATOM   235 O O   . PHE A 1 28 ? -2.988  -0.963  7.714   1.000 11.932 0 109 PHE A O   1 
ATOM   236 C CB  . PHE A 1 28 ? -2.138  0.462   5.100   1.000 10.626 0 109 PHE A CB  1 
ATOM   237 C CG  . PHE A 1 28 ? -1.391  1.433   4.242   1.000 10.179 0 109 PHE A CG  1 
ATOM   238 C CD1 . PHE A 1 28 ? -2.045  2.298   3.424   1.000 10.830 0 109 PHE A CD1 1 
ATOM   239 C CD2 . PHE A 1 28 ? -0.017  1.550   4.331   1.000 12.854 0 109 PHE A CD2 1 
ATOM   240 C CE1 . PHE A 1 28 ? -1.365  3.215   2.657   1.000 12.969 0 109 PHE A CE1 1 
ATOM   241 C CE2 . PHE A 1 28 ? 0.662   2.476   3.572   1.000 14.055 0 109 PHE A CE2 1 
ATOM   242 C CZ  . PHE A 1 28 ? -0.035  3.301   2.778   1.000 14.582 0 109 PHE A CZ  1 
ATOM   243 N N   . GLN A 1 29 ? -4.732  0.149   6.846   1.000 9.670  0 110 GLN A N   1 
ATOM   244 C CA  A GLN A 1 29 ? -5.611  -0.990  6.961   0.500 10.543 0 110 GLN A CA  1 
ATOM   245 C CA  B GLN A 1 29 ? -5.792  -0.862  6.984   0.500 10.119 0 110 GLN A CA  1 
ATOM   246 C C   . GLN A 1 29 ? -5.999  -1.440  5.566   1.000 10.183 0 110 GLN A C   1 
ATOM   247 O O   . GLN A 1 29 ? -6.339  -0.680  4.670   1.000 11.365 0 110 GLN A O   1 
ATOM   248 C CB  A GLN A 1 29 ? -6.871  -0.604  7.705   0.500 11.648 0 110 GLN A CB  1 
ATOM   249 C CB  B GLN A 1 29 ? -7.125  -0.293  7.530   0.500 10.600 0 110 GLN A CB  1 
ATOM   250 C CG  A GLN A 1 29 ? -6.572  -0.440  9.164   0.500 12.670 0 110 GLN A CG  1 
ATOM   251 C CG  B GLN A 1 29 ? -7.050  -0.016  9.015   0.500 11.723 0 110 GLN A CG  1 
ATOM   252 C CD  A GLN A 1 29 ? -6.708  -1.782  9.826   0.500 15.630 0 110 GLN A CD  1 
ATOM   253 C CD  B GLN A 1 29 ? -8.164  0.788   9.631   0.500 11.051 0 110 GLN A CD  1 
ATOM   254 O OE1 A GLN A 1 29 ? -7.210  -2.777  9.291   0.500 21.203 0 110 GLN A OE1 1 
ATOM   255 O OE1 B GLN A 1 29 ? -8.938  1.388   8.918   0.500 15.662 0 110 GLN A OE1 1 
ATOM   256 N NE2 A GLN A 1 29 ? -6.088  -1.839  10.959  0.500 17.195 0 110 GLN A NE2 1 
ATOM   257 N NE2 B GLN A 1 29 ? -8.140  0.921   10.942  0.500 15.645 0 110 GLN A NE2 1 
ATOM   258 N N   . ILE A 1 30 ? -5.853  -2.745  5.348   1.000 10.022 0 111 ILE A N   1 
ATOM   259 C CA  . ILE A 1 30 ? -6.125  -3.336  4.055   1.000 10.058 0 111 ILE A CA  1 
ATOM   260 C C   . ILE A 1 30 ? -7.620  -3.618  3.961   1.000 9.958  0 111 ILE A C   1 
ATOM   261 O O   . ILE A 1 30 ? -8.187  -4.180  4.899   1.000 11.608 0 111 ILE A O   1 
ATOM   262 C CB  . ILE A 1 30 ? -5.282  -4.610  3.839   1.000 11.459 0 111 ILE A CB  1 
ATOM   263 C CG1 . ILE A 1 30 ? -3.795  -4.332  4.061   1.000 12.818 0 111 ILE A CG1 1 
ATOM   264 C CG2 . ILE A 1 30 ? -5.591  -5.203  2.472   1.000 11.820 0 111 ILE A CG2 1 
ATOM   265 C CD1 . ILE A 1 30 ? -3.222  -3.200  3.234   1.000 12.870 0 111 ILE A CD1 1 
ATOM   266 N N   . LEU A 1 31 ? -8.225  -3.234  2.834   1.000 10.124 0 112 LEU A N   1 
ATOM   267 C CA  . LEU A 1 31 ? -9.665  -3.371  2.624   1.000 10.668 0 112 LEU A CA  1 
ATOM   268 C C   . LEU A 1 31 ? -10.028 -4.483  1.667   1.000 10.826 0 112 LEU A C   1 
ATOM   269 O O   . LEU A 1 31 ? -11.132 -5.032  1.756   1.000 11.115 0 112 LEU A O   1 
ATOM   270 C CB  . LEU A 1 31 ? -10.252 -2.044  2.145   1.000 10.833 0 112 LEU A CB  1 
ATOM   271 C CG  . LEU A 1 31 ? -9.888  -0.822  2.968   1.000 12.178 0 112 LEU A CG  1 
ATOM   272 C CD1 . LEU A 1 31 ? -10.595 0.400   2.419   1.000 13.325 0 112 LEU A CD1 1 
ATOM   273 C CD2 . LEU A 1 31 ? -10.189 -1.015  4.469   1.000 12.795 0 112 LEU A CD2 1 
ATOM   274 N N   . ASN A 1 32 ? -9.154  -4.769  0.692   1.000 10.355 0 113 ASN A N   1 
ATOM   275 C CA  . ASN A 1 32 ? -9.440  -5.837  -0.267  1.000 10.870 0 113 ASN A CA  1 
ATOM   276 C C   . ASN A 1 32 ? -8.113  -6.267  -0.870  1.000 10.722 0 113 ASN A C   1 
ATOM   277 O O   . ASN A 1 32 ? -7.481  -5.477  -1.579  1.000 11.804 0 113 ASN A O   1 
ATOM   278 C CB  . ASN A 1 32 ? -10.424 -5.356  -1.350  1.000 12.111 0 113 ASN A CB  1 
ATOM   279 C CG  . ASN A 1 32 ? -10.892 -6.483  -2.248  1.000 12.708 0 113 ASN A CG  1 
ATOM   280 O OD1 . ASN A 1 32 ? -10.329 -7.577  -2.263  1.000 13.011 0 113 ASN A OD1 1 
ATOM   281 N ND2 . ASN A 1 32 ? -11.969 -6.181  -2.984  1.000 14.788 0 113 ASN A ND2 1 
ATOM   282 N N   . SER A 1 33 ? -7.684  -7.461  -0.587  1.000 11.651 0 114 SER A N   1 
ATOM   283 C CA  . SER A 1 33 ? -6.467  -8.014  -1.154  1.000 12.528 0 114 SER A CA  1 
ATOM   284 C C   . SER A 1 33 ? -6.772  -9.177  -2.072  1.000 13.970 0 114 SER A C   1 
ATOM   285 O O   . SER A 1 33 ? -5.884  -9.971  -2.419  1.000 16.289 0 114 SER A O   1 
ATOM   286 C CB  . SER A 1 33 ? -5.505  -8.445  -0.095  1.000 14.602 0 114 SER A CB  1 
ATOM   287 O OG  . SER A 1 33 ? -6.071  -9.506  0.708   1.000 19.588 0 114 SER A OG  1 
ATOM   288 N N   . SER A 1 34 ? -8.010  -9.334  -2.488  1.000 13.634 0 115 SER A N   1 
ATOM   289 C CA  . SER A 1 34 ? -8.477  -10.493 -3.208  1.000 15.621 0 115 SER A CA  1 
ATOM   290 C C   . SER A 1 34 ? -8.499  -10.311 -4.696  1.000 16.666 0 115 SER A C   1 
ATOM   291 O O   . SER A 1 34 ? -8.908  -11.263 -5.403  1.000 19.954 0 115 SER A O   1 
ATOM   292 C CB  . SER A 1 34 ? -9.851  -10.829 -2.754  1.000 16.518 0 115 SER A CB  1 
ATOM   293 O OG  . SER A 1 34 ? -9.602  -11.391 -1.442  1.000 25.522 0 115 SER A OG  1 
ATOM   294 N N   . GLU A 1 35 ? -8.105  -9.173  -5.206  1.000 16.111 0 116 GLU A N   1 
ATOM   295 C CA  . GLU A 1 35 ? -8.285  -8.905  -6.627  1.000 18.336 0 116 GLU A CA  1 
ATOM   296 C C   . GLU A 1 35 ? -6.959  -8.659  -7.298  1.000 19.775 0 116 GLU A C   1 
ATOM   297 O O   . GLU A 1 35 ? -6.835  -7.829  -8.215  1.000 26.733 0 116 GLU A O   1 
ATOM   298 C CB  . GLU A 1 35 ? -9.173  -7.696  -6.796  1.000 21.235 0 116 GLU A CB  1 
ATOM   299 C CG  . GLU A 1 35 ? -10.571 -7.979  -6.304  1.000 24.462 0 116 GLU A CG  1 
ATOM   300 C CD  . GLU A 1 35 ? -11.536 -6.813  -6.356  1.000 26.028 0 116 GLU A CD  1 
ATOM   301 O OE1 . GLU A 1 35 ? -11.082 -5.698  -6.858  1.000 29.352 0 116 GLU A OE1 1 
ATOM   302 O OE2 . GLU A 1 35 ? -12.661 -6.969  -5.788  1.000 26.112 0 116 GLU A OE2 1 
ATOM   303 N N   . GLY A 1 36 ? -5.978  -9.393  -6.837  1.000 16.334 0 117 GLY A N   1 
ATOM   304 C CA  . GLY A 1 36 ? -4.680  -9.340  -7.443  1.000 17.157 0 117 GLY A CA  1 
ATOM   305 C C   . GLY A 1 36 ? -3.641  -8.616  -6.589  1.000 14.291 0 117 GLY A C   1 
ATOM   306 O O   . GLY A 1 36 ? -3.836  -8.372  -5.416  1.000 15.720 0 117 GLY A O   1 
ATOM   307 N N   . ASP A 1 37 ? -2.571  -8.238  -7.242  1.000 14.262 0 118 ASP A N   1 
ATOM   308 C CA  A ASP A 1 37 ? -1.376  -7.616  -6.753  0.500 13.270 0 118 ASP A CA  1 
ATOM   309 C CA  B ASP A 1 37 ? -1.417  -7.752  -6.458  0.500 15.263 0 118 ASP A CA  1 
ATOM   310 C C   . ASP A 1 37 ? -1.543  -6.269  -6.075  1.000 11.825 0 118 ASP A C   1 
ATOM   311 O O   . ASP A 1 37 ? -0.701  -5.878  -5.247  1.000 13.086 0 118 ASP A O   1 
ATOM   312 C CB  A ASP A 1 37 ? -0.439  -7.546  -7.949  0.500 12.053 0 118 ASP A CB  1 
ATOM   313 C CB  B ASP A 1 37 ? -0.015  -8.085  -7.037  0.500 16.163 0 118 ASP A CB  1 
ATOM   314 C CG  A ASP A 1 37 ? 0.012   -8.942  -8.358  0.500 15.210 0 118 ASP A CG  1 
ATOM   315 C CG  B ASP A 1 37 ? 0.407   -9.546  -7.108  0.500 18.135 0 118 ASP A CG  1 
ATOM   316 O OD1 A ASP A 1 37 ? -0.339  -9.910  -7.651  0.500 18.543 0 118 ASP A OD1 1 
ATOM   317 O OD1 B ASP A 1 37 ? 0.092   -10.359 -6.172  0.500 21.100 0 118 ASP A OD1 1 
ATOM   318 O OD2 A ASP A 1 37 ? 0.735   -9.021  -9.328  0.500 16.034 0 118 ASP A OD2 1 
ATOM   319 O OD2 B ASP A 1 37 ? 1.134   -9.834  -8.079  0.500 22.513 0 118 ASP A OD2 1 
ATOM   320 N N   . TRP A 1 38 ? -2.470  -5.534  -6.534  1.000 12.211 0 119 TRP A N   1 
ATOM   321 C CA  . TRP A 1 38 ? -2.716  -4.192  -6.027  1.000 11.442 0 119 TRP A CA  1 
ATOM   322 C C   . TRP A 1 38 ? -3.883  -4.278  -5.061  1.000 11.529 0 119 TRP A C   1 
ATOM   323 O O   . TRP A 1 38 ? -4.977  -4.791  -5.397  1.000 13.428 0 119 TRP A O   1 
ATOM   324 C CB  . TRP A 1 38 ? -3.000  -3.239  -7.183  1.000 11.944 0 119 TRP A CB  1 
ATOM   325 C CG  . TRP A 1 38 ? -1.799  -3.049  -8.055  1.000 12.302 0 119 TRP A CG  1 
ATOM   326 C CD1 . TRP A 1 38 ? -1.346  -3.889  -9.012  1.000 13.011 0 119 TRP A CD1 1 
ATOM   327 C CD2 . TRP A 1 38 ? -0.905  -1.941  -8.027  1.000 11.741 0 119 TRP A CD2 1 
ATOM   328 N NE1 . TRP A 1 38 ? -0.193  -3.411  -9.580  1.000 13.263 0 119 TRP A NE1 1 
ATOM   329 C CE2 . TRP A 1 38 ? 0.094   -2.202  -8.994  1.000 12.479 0 119 TRP A CE2 1 
ATOM   330 C CE3 . TRP A 1 38 ? -0.844  -0.753  -7.320  1.000 11.673 0 119 TRP A CE3 1 
ATOM   331 C CZ2 . TRP A 1 38 ? 1.153   -1.325  -9.246  1.000 13.296 0 119 TRP A CZ2 1 
ATOM   332 C CZ3 . TRP A 1 38 ? 0.181   0.139   -7.586  1.000 12.285 0 119 TRP A CZ3 1 
ATOM   333 C CH2 . TRP A 1 38 ? 1.159   -0.140  -8.564  1.000 13.379 0 119 TRP A CH2 1 
ATOM   334 N N   . TRP A 1 39 ? -3.637  -3.904  -3.819  1.000 9.975  0 120 TRP A N   1 
ATOM   335 C CA  . TRP A 1 39 ? -4.617  -4.050  -2.749  1.000 10.195 0 120 TRP A CA  1 
ATOM   336 C C   . TRP A 1 39 ? -5.338  -2.736  -2.511  1.000 9.943  0 120 TRP A C   1 
ATOM   337 O O   . TRP A 1 39 ? -4.681  -1.675  -2.485  1.000 10.584 0 120 TRP A O   1 
ATOM   338 C CB  . TRP A 1 39 ? -3.913  -4.488  -1.469  1.000 10.366 0 120 TRP A CB  1 
ATOM   339 C CG  . TRP A 1 39 ? -3.289  -5.849  -1.513  1.000 10.989 0 120 TRP A CG  1 
ATOM   340 C CD1 . TRP A 1 39 ? -3.347  -6.795  -2.502  1.000 11.823 0 120 TRP A CD1 1 
ATOM   341 C CD2 . TRP A 1 39 ? -2.534  -6.415  -0.448  1.000 11.884 0 120 TRP A CD2 1 
ATOM   342 N NE1 . TRP A 1 39 ? -2.668  -7.895  -2.096  1.000 12.604 0 120 TRP A NE1 1 
ATOM   343 C CE2 . TRP A 1 39 ? -2.168  -7.700  -0.866  1.000 12.960 0 120 TRP A CE2 1 
ATOM   344 C CE3 . TRP A 1 39 ? -2.107  -5.941  0.806   1.000 13.309 0 120 TRP A CE3 1 
ATOM   345 C CZ2 . TRP A 1 39 ? -1.396  -8.521  -0.050  1.000 15.162 0 120 TRP A CZ2 1 
ATOM   346 C CZ3 . TRP A 1 39 ? -1.322  -6.751  1.574   1.000 15.603 0 120 TRP A CZ3 1 
ATOM   347 C CH2 . TRP A 1 39 ? -0.990  -8.024  1.167   1.000 16.808 0 120 TRP A CH2 1 
ATOM   348 N N   . GLU A 1 40 ? -6.633  -2.790  -2.221  1.000 9.753  0 121 GLU A N   1 
ATOM   349 C CA  . GLU A 1 40 ? -7.332  -1.608  -1.755  1.000 10.250 0 121 GLU A CA  1 
ATOM   350 C C   . GLU A 1 40 ? -6.967  -1.432  -0.300  1.000 9.714  0 121 GLU A C   1 
ATOM   351 O O   . GLU A 1 40 ? -7.046  -2.394  0.491   1.000 10.044 0 121 GLU A O   1 
ATOM   352 C CB  . GLU A 1 40 ? -8.831  -1.748  -1.941  1.000 10.750 0 121 GLU A CB  1 
ATOM   353 C CG  . GLU A 1 40 ? -9.570  -0.461  -1.665  1.000 12.233 0 121 GLU A CG  1 
ATOM   354 C CD  . GLU A 1 40 ? -11.055 -0.576  -1.674  1.000 14.650 0 121 GLU A CD  1 
ATOM   355 O OE1 . GLU A 1 40 ? -11.638 -1.635  -1.331  1.000 13.734 0 121 GLU A OE1 1 
ATOM   356 O OE2 . GLU A 1 40 ? -11.699 0.501   -1.843  1.000 21.134 0 121 GLU A OE2 1 
ATOM   357 N N   . ALA A 1 41 ? -6.649  -0.197  0.110   1.000 9.368  0 122 ALA A N   1 
ATOM   358 C CA  . ALA A 1 41 ? -6.195  0.095   1.449   1.000 9.295  0 122 ALA A CA  1 
ATOM   359 C C   . ALA A 1 41 ? -6.655  1.475   1.858   1.000 9.173  0 122 ALA A C   1 
ATOM   360 O O   . ALA A 1 41 ? -6.909  2.327   1.018   1.000 10.568 0 122 ALA A O   1 
ATOM   361 C CB  . ALA A 1 41 ? -4.689  -0.002  1.540   1.000 10.808 0 122 ALA A CB  1 
ATOM   362 N N   . ARG A 1 42 ? -6.663  1.714   3.178   1.000 9.886  0 123 ARG A N   1 
ATOM   363 C CA  . ARG A 1 42 ? -6.840  3.034   3.745   1.000 10.199 0 123 ARG A CA  1 
ATOM   364 C C   . ARG A 1 42 ? -5.546  3.450   4.428   1.000 9.664  0 123 ARG A C   1 
ATOM   365 O O   . ARG A 1 42 ? -5.027  2.740   5.285   1.000 10.071 0 123 ARG A O   1 
ATOM   366 C CB  . ARG A 1 42 ? -7.950  3.045   4.819   1.000 10.795 0 123 ARG A CB  1 
ATOM   367 C CG  . ARG A 1 42 ? -8.155  4.415   5.405   1.000 11.618 0 123 ARG A CG  1 
ATOM   368 C CD  . ARG A 1 42 ? -9.103  4.437   6.577   1.000 12.620 0 123 ARG A CD  1 
ATOM   369 N NE  . ARG A 1 42 ? -10.331 3.732   6.325   1.000 15.582 0 123 ARG A NE  1 
ATOM   370 C CZ  . ARG A 1 42 ? -11.370 4.044   5.600   1.000 18.087 0 123 ARG A CZ  1 
ATOM   371 N NH1 . ARG A 1 42 ? -12.387 3.199   5.481   1.000 15.754 0 123 ARG A NH1 1 
ATOM   372 N NH2 . ARG A 1 42 ? -11.372 5.226   4.990   1.000 19.430 0 123 ARG A NH2 1 
ATOM   373 N N   . SER A 1 43 ? -5.006  4.613   4.042   1.000 9.736  0 124 SER A N   1 
ATOM   374 C CA  . SER A 1 43 ? -3.909  5.200   4.786   1.000 9.625  0 124 SER A CA  1 
ATOM   375 C C   . SER A 1 43 ? -4.404  5.678   6.154   1.000 9.774  0 124 SER A C   1 
ATOM   376 O O   . SER A 1 43 ? -5.360  6.399   6.249   1.000 10.652 0 124 SER A O   1 
ATOM   377 C CB  . SER A 1 43 ? -3.362  6.408   4.064   1.000 10.693 0 124 SER A CB  1 
ATOM   378 O OG  . SER A 1 43 ? -2.570  7.197   4.931   1.000 11.160 0 124 SER A OG  1 
ATOM   379 N N   . LEU A 1 44 ? -3.661  5.277   7.196   1.000 9.687  0 125 LEU A N   1 
ATOM   380 C CA  . LEU A 1 44 ? -3.933  5.718   8.549   1.000 10.431 0 125 LEU A CA  1 
ATOM   381 C C   . LEU A 1 44 ? -3.339  7.082   8.846   1.000 10.092 0 125 LEU A C   1 
ATOM   382 O O   . LEU A 1 44 ? -3.483  7.556   9.987   1.000 12.051 0 125 LEU A O   1 
ATOM   383 C CB  . LEU A 1 44 ? -3.558  4.674   9.576   1.000 10.920 0 125 LEU A CB  1 
ATOM   384 C CG  . LEU A 1 44 ? -4.308  3.346   9.408   1.000 12.594 0 125 LEU A CG  1 
ATOM   385 C CD1 . LEU A 1 44 ? -3.885  2.368   10.461  1.000 15.183 0 125 LEU A CD1 1 
ATOM   386 C CD2 . LEU A 1 44 ? -5.797  3.570   9.360   1.000 15.234 0 125 LEU A CD2 1 
ATOM   387 N N   . THR A 1 45 ? -2.721  7.737   7.880   1.000 11.259 0 126 THR A N   1 
ATOM   388 C CA  A THR A 1 45 ? -2.218  9.104   7.931   0.500 11.814 0 126 THR A CA  1 
ATOM   389 C CA  B THR A 1 45 ? -2.426  9.121   8.098   0.500 11.393 0 126 THR A CA  1 
ATOM   390 C C   . THR A 1 45 ? -3.331  10.036  7.408   1.000 11.603 0 126 THR A C   1 
ATOM   391 O O   . THR A 1 45 ? -3.629  11.062  8.003   1.000 16.799 0 126 THR A O   1 
ATOM   392 C CB  A THR A 1 45 ? -0.831  9.246   7.263   0.500 12.244 0 126 THR A CB  1 
ATOM   393 C CB  B THR A 1 45 ? -1.054  9.532   7.628   0.500 10.970 0 126 THR A CB  1 
ATOM   394 O OG1 A THR A 1 45 ? 0.182   8.403   7.847   0.500 12.737 0 126 THR A OG1 1 
ATOM   395 O OG1 B THR A 1 45 ? -0.902  9.349   6.231   0.500 15.558 0 126 THR A OG1 1 
ATOM   396 C CG2 A THR A 1 45 ? -0.412  10.689  7.248   0.500 14.859 0 126 THR A CG2 1 
ATOM   397 C CG2 B THR A 1 45 ? -0.121  8.638   8.366   0.500 10.247 0 126 THR A CG2 1 
ATOM   398 N N   . THR A 1 46 ? -3.792  9.739   6.192   1.000 12.230 0 127 THR A N   1 
ATOM   399 C CA  . THR A 1 46 ? -4.671  10.652  5.514   1.000 14.082 0 127 THR A CA  1 
ATOM   400 C C   . THR A 1 46 ? -6.137  10.271  5.586   1.000 14.182 0 127 THR A C   1 
ATOM   401 O O   . THR A 1 46 ? -7.014  11.108  5.316   1.000 16.444 0 127 THR A O   1 
ATOM   402 C CB  . THR A 1 46 ? -4.276  10.724  4.037   1.000 14.400 0 127 THR A CB  1 
ATOM   403 O OG1 . THR A 1 46 ? -4.577  9.461   3.475   1.000 13.071 0 127 THR A OG1 1 
ATOM   404 C CG2 . THR A 1 46 ? -2.816  11.066  3.815   1.000 15.795 0 127 THR A CG2 1 
ATOM   405 N N   . GLY A 1 47 ? -6.430  9.004   5.900   1.000 12.898 0 128 GLY A N   1 
ATOM   406 C CA  . GLY A 1 47 ? -7.760  8.460   5.779   1.000 13.952 0 128 GLY A CA  1 
ATOM   407 C C   . GLY A 1 47 ? -8.204  8.158   4.362   1.000 13.812 0 128 GLY A C   1 
ATOM   408 O O   . GLY A 1 47 ? -9.341  7.686   4.195   1.000 15.073 0 128 GLY A O   1 
ATOM   409 N N   . GLU A 1 48 ? -7.377  8.414   3.383   1.000 12.826 0 129 GLU A N   1 
ATOM   410 C CA  . GLU A 1 48 ? -7.752  8.140   2.002   1.000 13.520 0 129 GLU A CA  1 
ATOM   411 C C   . GLU A 1 48 ? -7.703  6.682   1.695   1.000 11.253 0 129 GLU A C   1 
ATOM   412 O O   . GLU A 1 48 ? -6.913  5.957   2.233   1.000 11.533 0 129 GLU A O   1 
ATOM   413 C CB  . GLU A 1 48 ? -6.799  8.865   1.056   1.000 14.911 0 129 GLU A CB  1 
ATOM   414 C CG  . GLU A 1 48 ? -6.913  10.360  1.233   1.000 18.969 0 129 GLU A CG  1 
ATOM   415 C CD  . GLU A 1 48 ? -8.282  10.877  0.849   1.000 27.609 0 129 GLU A CD  1 
ATOM   416 O OE1 . GLU A 1 48 ? -8.691  10.512  -0.276  1.000 33.857 0 129 GLU A OE1 1 
ATOM   417 O OE2 . GLU A 1 48 ? -8.942  11.598  1.638   1.000 37.138 0 129 GLU A OE2 1 
ATOM   418 N N   . THR A 1 49 ? -8.556  6.256   0.746   1.000 11.905 0 130 THR A N   1 
ATOM   419 C CA  . THR A 1 49 ? -8.571  4.892   0.274   1.000 11.507 0 130 THR A CA  1 
ATOM   420 C C   . THR A 1 49 ? -8.139  4.871   -1.191  1.000 10.985 0 130 THR A C   1 
ATOM   421 O O   . THR A 1 49 ? -8.469  5.741   -1.986  1.000 12.895 0 130 THR A O   1 
ATOM   422 C CB  . THR A 1 49 ? -9.894  4.205   0.457   1.000 12.799 0 130 THR A CB  1 
ATOM   423 O OG1 . THR A 1 49 ? -10.852 4.787   -0.359  1.000 17.160 0 130 THR A OG1 1 
ATOM   424 C CG2 . THR A 1 49 ? -10.371 4.198   1.858   1.000 12.942 0 130 THR A CG2 1 
ATOM   425 N N   . GLY A 1 50 ? -7.431  3.815   -1.551  1.000 10.324 0 131 GLY A N   1 
ATOM   426 C CA  . GLY A 1 50 ? -7.019  3.587   -2.911  1.000 10.704 0 131 GLY A CA  1 
ATOM   427 C C   . GLY A 1 50 ? -6.145  2.372   -2.996  1.000 10.049 0 131 GLY A C   1 
ATOM   428 O O   . GLY A 1 50 ? -6.047  1.634   -2.006  1.000 11.392 0 131 GLY A O   1 
ATOM   429 N N   . TYR A 1 51 ? -5.540  2.128   -4.129  1.000 10.182 0 132 TYR A N   1 
ATOM   430 C CA  A TYR A 1 51 ? -4.737  0.938   -4.328  0.500 9.511  0 132 TYR A CA  1 
ATOM   431 C CA  B TYR A 1 51 ? -4.745  0.944   -4.286  0.500 9.823  0 132 TYR A CA  1 
ATOM   432 C C   . TYR A 1 51 ? -3.292  1.183   -3.925  1.000 9.194  0 132 TYR A C   1 
ATOM   433 O O   . TYR A 1 51 ? -2.739  2.278   -4.170  1.000 9.986  0 132 TYR A O   1 
ATOM   434 C CB  A TYR A 1 51 ? -4.617  0.403   -5.760  0.500 10.115 0 132 TYR A CB  1 
ATOM   435 C CB  B TYR A 1 51 ? -5.023  0.536   -5.725  0.500 11.428 0 132 TYR A CB  1 
ATOM   436 C CG  A TYR A 1 51 ? -5.917  -0.139  -6.318  0.500 11.543 0 132 TYR A CG  1 
ATOM   437 C CG  B TYR A 1 51 ? -6.452  0.045   -5.867  0.500 12.804 0 132 TYR A CG  1 
ATOM   438 C CD1 A TYR A 1 51 ? -6.386  -1.370  -5.902  0.500 14.463 0 132 TYR A CD1 1 
ATOM   439 C CD1 B TYR A 1 51 ? -6.748  -1.268  -5.570  0.500 11.593 0 132 TYR A CD1 1 
ATOM   440 C CD2 A TYR A 1 51 ? -6.562  0.494   -7.378  0.500 14.890 0 132 TYR A CD2 1 
ATOM   441 C CD2 B TYR A 1 51 ? -7.540  0.915   -5.907  0.500 15.564 0 132 TYR A CD2 1 
ATOM   442 C CE1 A TYR A 1 51 ? -7.535  -1.929  -6.444  0.500 16.997 0 132 TYR A CE1 1 
ATOM   443 C CE1 B TYR A 1 51 ? -8.012  -1.761  -5.718  0.500 13.809 0 132 TYR A CE1 1 
ATOM   444 C CE2 A TYR A 1 51 ? -7.664  -0.079  -7.991  0.500 18.332 0 132 TYR A CE2 1 
ATOM   445 C CE2 B TYR A 1 51 ? -8.847  0.459   -5.929  0.500 18.628 0 132 TYR A CE2 1 
ATOM   446 C CZ  A TYR A 1 51 ? -8.130  -1.286  -7.519  0.500 19.718 0 132 TYR A CZ  1 
ATOM   447 C CZ  B TYR A 1 51 ? -9.075  -0.889  -5.794  0.500 16.806 0 132 TYR A CZ  1 
ATOM   448 O OH  A TYR A 1 51 ? -9.246  -1.819  -8.088  0.500 22.805 0 132 TYR A OH  1 
ATOM   449 O OH  B TYR A 1 51 ? -10.365 -1.351  -5.766  0.500 21.313 0 132 TYR A OH  1 
ATOM   450 N N   . ILE A 1 52 ? -2.683  0.160   -3.411  1.000 9.534  0 133 ILE A N   1 
ATOM   451 C CA  . ILE A 1 52 ? -1.250  0.157   -3.089  1.000 9.239  0 133 ILE A CA  1 
ATOM   452 C C   . ILE A 1 52 ? -0.619  -1.097  -3.643  1.000 9.061  0 133 ILE A C   1 
ATOM   453 O O   . ILE A 1 52 ? -1.266  -2.174  -3.741  1.000 9.907  0 133 ILE A O   1 
ATOM   454 C CB  . ILE A 1 52 ? -0.990  0.280   -1.570  1.000 10.027 0 133 ILE A CB  1 
ATOM   455 C CG1 . ILE A 1 52 ? -1.592  -0.901  -0.777  1.000 11.064 0 133 ILE A CG1 1 
ATOM   456 C CG2 . ILE A 1 52 ? -1.505  1.633   -1.090  1.000 10.630 0 133 ILE A CG2 1 
ATOM   457 C CD1 . ILE A 1 52 ? -1.208  -0.858  0.686   1.000 12.454 0 133 ILE A CD1 1 
ATOM   458 N N   . PRO A 1 53 ? 0.662   -1.038  -4.013  1.000 9.178  0 134 PRO A N   1 
ATOM   459 C CA  . PRO A 1 53 ? 1.362   -2.226  -4.494  1.000 9.664  0 134 PRO A CA  1 
ATOM   460 C C   . PRO A 1 53 ? 1.669   -3.111  -3.323  1.000 10.251 0 134 PRO A C   1 
ATOM   461 O O   . PRO A 1 53 ? 2.345   -2.702  -2.368  1.000 11.233 0 134 PRO A O   1 
ATOM   462 C CB  . PRO A 1 53 ? 2.612   -1.657  -5.160  1.000 10.527 0 134 PRO A CB  1 
ATOM   463 C CG  . PRO A 1 53 ? 2.864   -0.322  -4.464  1.000 10.193 0 134 PRO A CG  1 
ATOM   464 C CD  . PRO A 1 53 ? 1.500   0.166   -4.036  1.000 10.013 0 134 PRO A CD  1 
ATOM   465 N N   . SER A 1 54 ? 1.184   -4.367  -3.359  1.000 11.073 0 135 SER A N   1 
ATOM   466 C CA  . SER A 1 54 ? 1.245   -5.224  -2.193  1.000 12.160 0 135 SER A CA  1 
ATOM   467 C C   . SER A 1 54 ? 2.649   -5.581  -1.779  1.000 12.256 0 135 SER A C   1 
ATOM   468 O O   . SER A 1 54 ? 2.871   -5.890  -0.584  1.000 13.678 0 135 SER A O   1 
ATOM   469 C CB  . SER A 1 54 ? 0.443   -6.484  -2.411  1.000 13.886 0 135 SER A CB  1 
ATOM   470 O OG  . SER A 1 54 ? 0.878   -7.216  -3.550  1.000 14.135 0 135 SER A OG  1 
ATOM   471 N N   . ASN A 1 55 ? 3.605   -5.564  -2.713  1.000 11.490 0 136 ASN A N   1 
ATOM   472 C CA  . ASN A 1 55 ? 4.975   -5.837  -2.337  1.000 12.262 0 136 ASN A CA  1 
ATOM   473 C C   . ASN A 1 55 ? 5.653   -4.723  -1.550  1.000 12.194 0 136 ASN A C   1 
ATOM   474 O O   . ASN A 1 55 ? 6.739   -4.904  -1.038  1.000 14.206 0 136 ASN A O   1 
ATOM   475 C CB  . ASN A 1 55 ? 5.824   -6.162  -3.576  1.000 12.088 0 136 ASN A CB  1 
ATOM   476 C CG  . ASN A 1 55 ? 5.903   -5.058  -4.592  1.000 10.910 0 136 ASN A CG  1 
ATOM   477 O OD1 . ASN A 1 55 ? 4.927   -4.351  -4.806  1.000 11.016 0 136 ASN A OD1 1 
ATOM   478 N ND2 . ASN A 1 55 ? 7.066   -4.903  -5.217  1.000 11.586 0 136 ASN A ND2 1 
ATOM   479 N N   . TYR A 1 56 ? 4.995   -3.553  -1.412  1.000 11.543 0 137 TYR A N   1 
ATOM   480 C CA  . TYR A 1 56 ? 5.531   -2.430  -0.668  1.000 11.374 0 137 TYR A CA  1 
ATOM   481 C C   . TYR A 1 56 ? 5.065   -2.408  0.766   1.000 12.087 0 137 TYR A C   1 
ATOM   482 O O   . TYR A 1 56 ? 5.451   -1.440  1.490   1.000 12.979 0 137 TYR A O   1 
ATOM   483 C CB  . TYR A 1 56 ? 5.219   -1.110  -1.350  1.000 11.053 0 137 TYR A CB  1 
ATOM   484 C CG  . TYR A 1 56 ? 6.173   -0.709  -2.455  1.000 11.207 0 137 TYR A CG  1 
ATOM   485 C CD1 . TYR A 1 56 ? 6.494   -1.524  -3.505  1.000 12.274 0 137 TYR A CD1 1 
ATOM   486 C CD2 . TYR A 1 56 ? 6.740   0.552   -2.438  1.000 11.528 0 137 TYR A CD2 1 
ATOM   487 C CE1 . TYR A 1 56 ? 7.382   -1.151  -4.470  1.000 13.093 0 137 TYR A CE1 1 
ATOM   488 C CE2 . TYR A 1 56 ? 7.590   0.978   -3.451  1.000 11.953 0 137 TYR A CE2 1 
ATOM   489 C CZ  . TYR A 1 56 ? 7.934   0.111   -4.469  1.000 12.222 0 137 TYR A CZ  1 
ATOM   490 O OH  . TYR A 1 56 ? 8.829   0.443   -5.458  1.000 13.955 0 137 TYR A OH  1 
ATOM   491 N N   . VAL A 1 57 ? 4.258   -3.357  1.237   1.000 11.794 0 138 VAL A N   1 
ATOM   492 C CA  . VAL A 1 57 ? 3.791   -3.375  2.610   1.000 12.509 0 138 VAL A CA  1 
ATOM   493 C C   . VAL A 1 57 ? 4.020   -4.743  3.210   1.000 12.953 0 138 VAL A C   1 
ATOM   494 O O   . VAL A 1 57 ? 4.174   -5.745  2.503   1.000 14.124 0 138 VAL A O   1 
ATOM   495 C CB  . VAL A 1 57 ? 2.314   -2.947  2.740   1.000 12.460 0 138 VAL A CB  1 
ATOM   496 C CG1 . VAL A 1 57 ? 2.130   -1.485  2.403   1.000 13.366 0 138 VAL A CG1 1 
ATOM   497 C CG2 . VAL A 1 57 ? 1.386   -3.821  1.918   1.000 13.333 0 138 VAL A CG2 1 
ATOM   498 N N   . ALA A 1 58 ? 4.024   -4.787  4.546   1.000 13.333 0 139 ALA A N   1 
ATOM   499 C CA  . ALA A 1 58 ? 4.105   -6.009  5.298   1.000 14.640 0 139 ALA A CA  1 
ATOM   500 C C   . ALA A 1 58 ? 3.269   -5.864  6.538   1.000 14.226 0 139 ALA A C   1 
ATOM   501 O O   . ALA A 1 58 ? 3.012   -4.762  7.019   1.000 13.584 0 139 ALA A O   1 
ATOM   502 C CB  . ALA A 1 58 ? 5.522   -6.265  5.701   1.000 17.026 0 139 ALA A CB  1 
ATOM   503 N N   . PRO A 1 59 ? 2.836   -6.981  7.128   1.000 15.771 0 140 PRO A N   1 
ATOM   504 C CA  . PRO A 1 59 ? 2.069   -6.884  8.363   1.000 17.656 0 140 PRO A CA  1 
ATOM   505 C C   . PRO A 1 59 ? 2.901   -6.310  9.482   1.000 18.944 0 140 PRO A C   1 
ATOM   506 O O   . PRO A 1 59 ? 4.079   -6.567  9.590   1.000 20.182 0 140 PRO A O   1 
ATOM   507 C CB  . PRO A 1 59 ? 1.680   -8.310  8.748   1.000 20.157 0 140 PRO A CB  1 
ATOM   508 C CG  . PRO A 1 59 ? 2.055   -9.163  7.612   1.000 21.524 0 140 PRO A CG  1 
ATOM   509 C CD  . PRO A 1 59 ? 2.959   -8.379  6.683   1.000 18.533 0 140 PRO A CD  1 
ATOM   510 N N   . VAL A 1 60 ? 2.262   -5.500  10.319  1.000 19.290 0 141 VAL A N   1 
ATOM   511 C CA  . VAL A 1 60 ? 2.841   -5.066  11.581  1.000 21.805 0 141 VAL A CA  1 
ATOM   512 C C   . VAL A 1 60 ? 2.945   -6.269  12.530  1.000 27.131 0 141 VAL A C   1 
ATOM   513 O O   . VAL A 1 60 ? 1.919   -6.973  12.735  1.000 28.599 0 141 VAL A O   1 
ATOM   514 C CB  . VAL A 1 60 ? 2.013   -3.885  12.103  1.000 21.294 0 141 VAL A CB  1 
ATOM   515 C CG1 . VAL A 1 60 ? 2.301   -3.630  13.555  1.000 22.830 0 141 VAL A CG1 1 
ATOM   516 C CG2 . VAL A 1 60 ? 2.229   -2.629  11.269  1.000 20.144 0 141 VAL A CG2 1 
ATOM   517 N N   . THR B 2 6  ? 2.822   -6.921  -17.790 1.000 45.946 0 212 THR B N   1 
ATOM   518 C CA  . THR B 2 6  ? 3.122   -7.438  -16.450 1.000 35.033 0 212 THR B CA  1 
ATOM   519 C C   . THR B 2 6  ? 4.587   -7.843  -16.424 1.000 30.226 0 212 THR B C   1 
ATOM   520 O O   . THR B 2 6  ? 5.246   -7.969  -17.494 1.000 39.979 0 212 THR B O   1 
ATOM   521 C CB  . THR B 2 6  ? 2.154   -8.596  -16.131 1.000 43.687 0 212 THR B CB  1 
ATOM   522 O OG1 . THR B 2 6  ? 1.474   -8.332  -14.904 1.000 50.486 0 212 THR B OG1 1 
ATOM   523 C CG2 . THR B 2 6  ? 2.804   -9.969  -16.130 1.000 48.086 0 212 THR B CG2 1 
ATOM   524 N N   . PRO B 2 7  ? 5.100   -8.212  -15.232 1.000 24.338 0 213 PRO B N   1 
ATOM   525 C CA  . PRO B 2 7  ? 4.392   -8.102  -13.945 1.000 20.643 0 213 PRO B CA  1 
ATOM   526 C C   . PRO B 2 7  ? 4.069   -6.652  -13.714 1.000 19.557 0 213 PRO B C   1 
ATOM   527 O O   . PRO B 2 7  ? 4.799   -5.781  -14.193 1.000 23.399 0 213 PRO B O   1 
ATOM   528 C CB  . PRO B 2 7  ? 5.431   -8.613  -12.967 1.000 20.208 0 213 PRO B CB  1 
ATOM   529 C CG  . PRO B 2 7  ? 6.273   -9.511  -13.750 1.000 22.688 0 213 PRO B CG  1 
ATOM   530 C CD  . PRO B 2 7  ? 6.436   -8.790  -15.057 1.000 23.360 0 213 PRO B CD  1 
ATOM   531 N N   . SER B 2 8  ? 3.033   -6.378  -12.921 1.000 18.393 0 214 SER B N   1 
ATOM   532 C CA  . SER B 2 8  ? 2.597   -5.005  -12.788 1.000 17.612 0 214 SER B CA  1 
ATOM   533 C C   . SER B 2 8  ? 3.266   -4.324  -11.614 1.000 15.657 0 214 SER B C   1 
ATOM   534 O O   . SER B 2 8  ? 3.246   -3.039  -11.595 1.000 18.074 0 214 SER B O   1 
ATOM   535 C CB  . SER B 2 8  ? 1.106   -4.870  -12.707 1.000 19.542 0 214 SER B CB  1 
ATOM   536 O OG  . SER B 2 8  ? 0.651   -5.400  -11.474 1.000 19.299 0 214 SER B OG  1 
ATOM   537 N N   . LEU B 2 9  ? 3.727   -5.036  -10.564 1.000 13.401 0 215 LEU B N   1 
ATOM   538 C CA  . LEU B 2 9  ? 4.168   -4.336  -9.370  1.000 12.368 0 215 LEU B CA  1 
ATOM   539 C C   . LEU B 2 9  ? 5.482   -3.615  -9.649  1.000 11.804 0 215 LEU B C   1 
ATOM   540 O O   . LEU B 2 9  ? 6.304   -4.060  -10.393 1.000 12.295 0 215 LEU B O   1 
ATOM   541 C CB  . LEU B 2 9  ? 4.298   -5.300  -8.204  1.000 12.411 0 215 LEU B CB  1 
ATOM   542 C CG  . LEU B 2 9  ? 3.012   -5.894  -7.683  1.000 13.703 0 215 LEU B CG  1 
ATOM   543 C CD1 . LEU B 2 9  ? 3.290   -7.009  -6.677  1.000 15.163 0 215 LEU B CD1 1 
ATOM   544 C CD2 . LEU B 2 9  ? 2.184   -4.797  -7.011  1.000 13.914 0 215 LEU B CD2 1 
ATOM   545 N N   . PRO B 2 10 ? 5.706   -2.504  -8.916  1.000 12.205 0 216 PRO B N   1 
ATOM   546 C CA  . PRO B 2 10 ? 6.952   -1.776  -9.033  1.000 12.827 0 216 PRO B CA  1 
ATOM   547 C C   . PRO B 2 10 ? 8.088   -2.581  -8.454  1.000 12.242 0 216 PRO B C   1 
ATOM   548 O O   . PRO B 2 10 ? 7.928   -3.270  -7.445  1.000 12.779 0 216 PRO B O   1 
ATOM   549 C CB  . PRO B 2 10 ? 6.745   -0.480  -8.264  1.000 13.822 0 216 PRO B CB  1 
ATOM   550 C CG  . PRO B 2 10 ? 5.462   -0.659  -7.533  1.000 14.802 0 216 PRO B CG  1 
ATOM   551 C CD  . PRO B 2 10 ? 4.817   -1.875  -7.908  1.000 12.897 0 216 PRO B CD  1 
ATOM   552 N N   . THR B 2 11 ? 9.266   -2.441  -9.060  1.000 12.834 0 217 THR B N   1 
ATOM   553 C CA  . THR B 2 11 ? 10.462  -3.051  -8.488  1.000 13.255 0 217 THR B CA  1 
ATOM   554 C C   . THR B 2 11 ? 11.034  -2.082  -7.488  1.000 14.339 0 217 THR B C   1 
ATOM   555 O O   . THR B 2 11 ? 11.424  -0.949  -7.837  1.000 15.476 0 217 THR B O   1 
ATOM   556 C CB  . THR B 2 11 ? 11.503  -3.361  -9.568  1.000 13.894 0 217 THR B CB  1 
ATOM   557 O OG1 . THR B 2 11 ? 10.923  -4.232  -10.535 1.000 14.044 0 217 THR B OG1 1 
ATOM   558 C CG2 . THR B 2 11 ? 12.729  -4.022  -8.964  1.000 14.541 0 217 THR B CG2 1 
ATOM   559 N N   . PRO B 2 12 ? 11.179  -2.430  -6.192  1.000 14.647 0 218 PRO B N   1 
ATOM   560 C CA  . PRO B 2 12 ? 11.687  -1.457  -5.229  1.000 16.010 0 218 PRO B CA  1 
ATOM   561 C C   . PRO B 2 12 ? 13.102  -1.082  -5.596  1.000 16.298 0 218 PRO B C   1 
ATOM   562 O O   . PRO B 2 12 ? 13.938  -1.927  -5.830  1.000 16.716 0 218 PRO B O   1 
ATOM   563 C CB  . PRO B 2 12 ? 11.646  -2.164  -3.873  1.000 17.450 0 218 PRO B CB  1 
ATOM   564 C CG  . PRO B 2 12 ? 10.654  -3.312  -4.069  1.000 16.590 0 218 PRO B CG  1 
ATOM   565 C CD  . PRO B 2 12 ? 10.783  -3.702  -5.536  1.000 15.037 0 218 PRO B CD  1 
ATOM   566 N N   . PRO B 2 13 ? 13.465  0.214   -5.581  1.000 18.389 0 219 PRO B N   1 
ATOM   567 C CA  . PRO B 2 13 ? 14.799  0.623   -5.994  1.000 20.435 0 219 PRO B CA  1 
ATOM   568 C C   . PRO B 2 13 ? 15.893  0.172   -5.033  1.000 21.558 0 219 PRO B C   1 
ATOM   569 O O   . PRO B 2 13 ? 17.040  0.113   -5.460  1.000 24.368 0 219 PRO B O   1 
ATOM   570 C CB  . PRO B 2 13 ? 14.722  2.146   -6.102  1.000 23.166 0 219 PRO B CB  1 
ATOM   571 C CG  . PRO B 2 13 ? 13.443  2.550   -5.508  1.000 23.480 0 219 PRO B CG  1 
ATOM   572 C CD  . PRO B 2 13 ? 12.581  1.341   -5.308  1.000 20.411 0 219 PRO B CD  1 
ATOM   573 N N   . THR B 2 14 ? 15.578  -0.061  -3.745  1.000 22.863 0 220 THR B N   1 
ATOM   574 C CA  . THR B 2 14 ? 16.625  -0.480  -2.819  1.000 24.396 0 220 THR B CA  1 
ATOM   575 C C   . THR B 2 14 ? 16.887  -1.998  -2.786  1.000 24.033 0 220 THR B C   1 
ATOM   576 O O   . THR B 2 14 ? 17.876  -2.469  -2.184  1.000 28.815 0 220 THR B O   1 
ATOM   577 C CB  . THR B 2 14 ? 16.452  0.061   -1.390  1.000 26.358 0 220 THR B CB  1 
ATOM   578 O OG1 . THR B 2 14 ? 15.359  -0.620  -0.777  1.000 30.646 0 220 THR B OG1 1 
ATOM   579 C CG2 . THR B 2 14 ? 16.303  1.569   -1.325  1.000 28.874 0 220 THR B CG2 1 
ATOM   580 N N   . ARG B 2 15 ? 16.127  -2.807  -3.527  1.000 23.254 0 221 ARG B N   1 
ATOM   581 C CA  . ARG B 2 15 ? 16.343  -4.244  -3.572  1.000 24.604 0 221 ARG B CA  1 
ATOM   582 C C   . ARG B 2 15 ? 17.741  -4.515  -4.203  1.000 28.243 0 221 ARG B C   1 
ATOM   583 O O   . ARG B 2 15 ? 18.403  -5.582  -3.847  1.000 30.327 0 221 ARG B O   1 
ATOM   584 C CB  . ARG B 2 15 ? 15.077  -4.797  -4.317  1.000 20.837 0 221 ARG B CB  1 
ATOM   585 C CG  . ARG B 2 15 ? 14.649  -6.233  -4.007  1.000 19.092 0 221 ARG B CG  1 
ATOM   586 C CD  . ARG B 2 15 ? 13.872  -6.948  -5.055  1.000 16.845 0 221 ARG B CD  1 
ATOM   587 N NE  . ARG B 2 15 ? 14.363  -6.830  -6.422  1.000 15.509 0 221 ARG B NE  1 
ATOM   588 C CZ  . ARG B 2 15 ? 13.789  -7.374  -7.483  1.000 13.606 0 221 ARG B CZ  1 
ATOM   589 N NH1 . ARG B 2 15 ? 12.618  -7.956  -7.356  1.000 13.220 0 221 ARG B NH1 1 
ATOM   590 N NH2 . ARG B 2 15 ? 14.346  -7.252  -8.673  1.000 13.919 0 221 ARG B NH2 1 
ATOM   591 O OXT . ARG B 2 15 ? 18.187  -3.660  -5.082  1.000 30.597 0 221 ARG B OXT 1 
HETATM 592 O O   . HOH C 3 .  ? -10.175 1.217   7.710   1.000 23.082 0 201 HOH A O   1 
HETATM 593 O O   . HOH C 3 .  ? -13.591 -8.145  -4.833  1.000 29.932 0 202 HOH A O   1 
HETATM 594 O O   . HOH C 3 .  ? -8.003  -11.956 0.083   1.000 34.095 0 203 HOH A O   1 
HETATM 595 O O   . HOH C 3 .  ? -10.838 -0.795  -9.475  1.000 37.738 0 204 HOH A O   1 
HETATM 596 O O   . HOH C 3 .  ? -9.000  -9.584  10.763  1.000 36.028 0 205 HOH A O   1 
HETATM 597 O O   . HOH C 3 .  ? 0.192   9.978   -13.238 1.000 21.102 0 206 HOH A O   1 
HETATM 598 O O   . HOH C 3 .  ? -8.310  10.340  -12.830 1.000 34.147 0 207 HOH A O   1 
HETATM 599 O O   . HOH C 3 .  ? 9.420   8.934   -7.773  1.000 49.366 0 208 HOH A O   1 
HETATM 600 O O   . HOH C 3 .  ? -10.535 -3.800  -5.221  1.000 26.321 0 209 HOH A O   1 
HETATM 601 O O   . HOH C 3 .  ? -5.636  -3.629  13.027  1.000 32.667 0 210 HOH A O   1 
HETATM 602 O O   . HOH C 3 .  ? -14.388 -5.394  -6.791  1.000 41.411 0 211 HOH A O   1 
HETATM 603 O O   . HOH C 3 .  ? 1.454   -9.502  12.626  1.000 47.611 0 212 HOH A O   1 
HETATM 604 O O   . HOH C 3 .  ? -8.845  3.323   11.546  1.000 39.801 0 213 HOH A O   1 
HETATM 605 O O   . HOH C 3 .  ? 4.305   1.809   -10.223 1.000 17.394 0 214 HOH A O   1 
HETATM 606 O O   . HOH C 3 .  ? -10.879 6.688   -2.185  1.000 22.492 0 215 HOH A O   1 
HETATM 607 O O   . HOH C 3 .  ? -2.281  -11.322 -5.701  1.000 38.872 0 216 HOH A O   1 
HETATM 608 O O   . HOH C 3 .  ? -5.370  -10.530 10.398  1.000 43.979 0 217 HOH A O   1 
HETATM 609 O O   . HOH C 3 .  ? 12.154  8.220   -1.637  1.000 37.434 0 218 HOH A O   1 
HETATM 610 O O   . HOH C 3 .  ? -5.325  -4.496  7.502   1.000 19.413 0 219 HOH A O   1 
HETATM 611 O O   . HOH C 3 .  ? -9.190  0.836   -11.010 1.000 31.101 0 220 HOH A O   1 
HETATM 612 O O   . HOH C 3 .  ? -11.499 8.015   2.718   1.000 43.285 0 221 HOH A O   1 
HETATM 613 O O   . HOH C 3 .  ? -3.261  8.652   1.331   1.000 17.452 0 222 HOH A O   1 
HETATM 614 O O   . HOH C 3 .  ? -10.260 8.394   -0.476  1.000 26.877 0 223 HOH A O   1 
HETATM 615 O O   . HOH C 3 .  ? -9.581  11.309  4.189   1.000 34.251 0 224 HOH A O   1 
HETATM 616 O O   . HOH C 3 .  ? 0.938   3.825   -9.344  1.000 11.554 0 225 HOH A O   1 
HETATM 617 O O   . HOH C 3 .  ? 3.391   10.401  -10.041 1.000 25.590 0 226 HOH A O   1 
HETATM 618 O O   . HOH C 3 .  ? 10.872  3.773   -3.292  1.000 17.387 0 227 HOH A O   1 
HETATM 619 O O   . HOH C 3 .  ? -10.002 3.982   -12.755 1.000 21.075 0 228 HOH A O   1 
HETATM 620 O O   . HOH C 3 .  ? -10.959 -9.904  -3.429  1.000 18.085 0 229 HOH A O   1 
HETATM 621 O O   . HOH C 3 .  ? 9.509   3.038   -5.676  1.000 14.910 0 230 HOH A O   1 
HETATM 622 O O   . HOH C 3 .  ? -1.247  7.076   1.640   1.000 26.429 0 231 HOH A O   1 
HETATM 623 O O   . HOH C 3 .  ? 12.154  -1.563  4.452   1.000 28.209 0 232 HOH A O   1 
HETATM 624 O O   . HOH C 3 .  ? -10.603 6.630   -11.375 1.000 42.894 0 233 HOH A O   1 
HETATM 625 O O   . HOH C 3 .  ? 2.604   -8.167  0.871   1.000 37.829 0 234 HOH A O   1 
HETATM 626 O O   . HOH C 3 .  ? 5.803   -8.588  9.012   1.000 36.862 0 235 HOH A O   1 
HETATM 627 O O   . HOH C 3 .  ? 12.926  1.370   2.551   1.000 38.049 0 236 HOH A O   1 
HETATM 628 O O   . HOH C 3 .  ? -0.345  10.675  -5.073  1.000 26.944 0 237 HOH A O   1 
HETATM 629 O O   . HOH C 3 .  ? -5.721  7.889   -5.704  1.000 20.231 0 238 HOH A O   1 
HETATM 630 O O   . HOH C 3 .  ? 6.666   5.431   -8.596  1.000 17.809 0 239 HOH A O   1 
HETATM 631 O O   . HOH C 3 .  ? -9.755  5.430   -16.460 1.000 19.940 0 240 HOH A O   1 
HETATM 632 O O   . HOH C 3 .  ? -5.842  0.091   12.888  1.000 37.859 0 241 HOH A O   1 
HETATM 633 O O   . HOH C 3 .  ? -8.953  -4.537  -8.288  1.000 25.299 0 242 HOH A O   1 
HETATM 634 O O   . HOH C 3 .  ? -13.822 5.858   3.937   1.000 43.330 0 243 HOH A O   1 
HETATM 635 O O   . HOH C 3 .  ? 10.698  8.023   4.223   1.000 22.031 0 244 HOH A O   1 
HETATM 636 O O   . HOH C 3 .  ? -0.126  2.946   -4.862  1.000 13.698 0 245 HOH A O   1 
HETATM 637 O O   . HOH C 3 .  ? 9.234   -5.994  -1.465  1.000 19.943 0 246 HOH A O   1 
HETATM 638 O O   . HOH C 3 .  ? -2.438  9.473   -4.815  1.000 24.999 0 247 HOH A O   1 
HETATM 639 O O   . HOH C 3 .  ? 2.662   -9.284  -3.138  1.000 30.213 0 248 HOH A O   1 
HETATM 640 O O   . HOH C 3 .  ? -5.351  -11.284 -4.796  1.000 25.070 0 249 HOH A O   1 
HETATM 641 O O   . HOH C 3 .  ? 6.542   -5.360  9.964   1.000 38.286 0 250 HOH A O   1 
HETATM 642 O O   . HOH C 3 .  ? -11.615 -9.590  18.427  1.000 28.844 0 251 HOH A O   1 
HETATM 643 O O   . HOH C 3 .  ? -12.593 -3.352  -3.303  1.000 14.823 0 252 HOH A O   1 
HETATM 644 O O   . HOH C 3 .  ? 4.070   5.828   -14.613 1.000 43.302 0 253 HOH A O   1 
HETATM 645 O O   . HOH C 3 .  ? -6.379  -7.156  -4.360  1.000 16.512 0 254 HOH A O   1 
HETATM 646 O O   . HOH C 3 .  ? 1.260   10.126  3.239   1.000 47.054 0 255 HOH A O   1 
HETATM 647 O O   . HOH C 3 .  ? -10.555 2.852   -2.838  1.000 28.317 0 256 HOH A O   1 
HETATM 648 O O   . HOH C 3 .  ? 9.047   0.186   7.282   1.000 21.207 0 257 HOH A O   1 
HETATM 649 O O   . HOH C 3 .  ? -10.148 -13.396 0.458   1.000 31.581 0 258 HOH A O   1 
HETATM 650 O O   . HOH C 3 .  ? 6.064   -7.290  1.074   1.000 27.594 0 259 HOH A O   1 
HETATM 651 O O   . HOH C 3 .  ? -6.555  -7.894  9.519   1.000 32.987 0 260 HOH A O   1 
HETATM 652 O O   . HOH C 3 .  ? 7.061   1.854   11.766  1.000 27.617 0 261 HOH A O   1 
HETATM 653 O O   . HOH C 3 .  ? 11.601  -5.513  2.190   1.000 39.380 0 262 HOH A O   1 
HETATM 654 O O   . HOH C 3 .  ? -7.993  6.640   -4.656  1.000 27.232 0 263 HOH A O   1 
HETATM 655 O O   . HOH C 3 .  ? 6.402   9.008   -1.421  1.000 20.906 0 264 HOH A O   1 
HETATM 656 O O   . HOH C 3 .  ? -11.084 8.272   -14.562 1.000 32.773 0 265 HOH A O   1 
HETATM 657 O O   . HOH C 3 .  ? -1.267  -4.414  13.798  1.000 40.244 0 266 HOH A O   1 
HETATM 658 O O   . HOH C 3 .  ? -1.746  9.610   -2.096  1.000 20.186 0 267 HOH A O   1 
HETATM 659 O O   . HOH C 3 .  ? -11.180 8.020   6.426   1.000 42.090 0 268 HOH A O   1 
HETATM 660 O O   . HOH C 3 .  ? -6.453  -4.268  -7.852  1.000 23.652 0 269 HOH A O   1 
HETATM 661 O O   . HOH C 3 .  ? 9.268   -6.561  -4.259  1.000 16.023 0 270 HOH A O   1 
HETATM 662 O O   . HOH C 3 .  ? -8.965  4.262   -5.737  1.000 30.503 0 271 HOH A O   1 
HETATM 663 O O   . HOH C 3 .  ? -3.630  -11.440 -1.249  1.000 29.611 0 272 HOH A O   1 
HETATM 664 O O   . HOH C 3 .  ? -1.957  -10.527 -3.228  1.000 23.265 0 273 HOH A O   1 
HETATM 665 O O   . HOH C 3 .  ? 10.768  9.801   -1.556  1.000 40.218 0 274 HOH A O   1 
HETATM 666 O O   . HOH C 3 .  ? 7.966   5.290   -6.154  1.000 15.504 0 275 HOH A O   1 
HETATM 667 O O   . HOH C 3 .  ? -15.043 3.192   4.129   1.000 22.916 0 276 HOH A O   1 
HETATM 668 O O   . HOH C 3 .  ? -2.649  -8.938  -10.167 1.000 23.789 0 277 HOH A O   1 
HETATM 669 O O   . HOH C 3 .  ? 12.224  4.009   0.868   1.000 18.756 0 278 HOH A O   1 
HETATM 670 O O   . HOH C 3 .  ? -3.986  -4.303  14.977  1.000 41.766 0 279 HOH A O   1 
HETATM 671 O O   . HOH C 3 .  ? -1.648  13.335  7.310   1.000 27.048 0 280 HOH A O   1 
HETATM 672 O O   . HOH C 3 .  ? -8.136  -4.984  -4.564  1.000 32.295 0 281 HOH A O   1 
HETATM 673 O O   . HOH C 3 .  ? -10.932 -14.231 -1.408  1.000 35.527 0 282 HOH A O   1 
HETATM 674 O O   . HOH C 3 .  ? -3.846  -8.623  2.777   1.000 21.034 0 283 HOH A O   1 
HETATM 675 O O   . HOH C 3 .  ? 8.150   -7.559  0.005   1.000 41.148 0 284 HOH A O   1 
HETATM 676 O O   . HOH C 3 .  ? 8.483   9.011   -3.212  1.000 26.508 0 285 HOH A O   1 
HETATM 677 O O   . HOH C 3 .  ? -12.920 6.095   7.662   1.000 36.627 0 286 HOH A O   1 
HETATM 678 O O   . HOH C 3 .  ? -6.674  2.654   13.237  1.000 42.782 0 287 HOH A O   1 
HETATM 679 O O   . HOH C 3 .  ? 0.610   12.297  5.764   1.000 28.269 0 288 HOH A O   1 
HETATM 680 O O   . HOH C 3 .  ? -3.106  -11.077 1.597   1.000 30.036 0 289 HOH A O   1 
HETATM 681 O O   . HOH C 3 .  ? -5.167  13.903  6.408   1.000 47.956 0 290 HOH A O   1 
HETATM 682 O O   . HOH C 3 .  ? -5.720  -11.919 -9.321  1.000 43.565 0 291 HOH A O   1 
HETATM 683 O O   . HOH C 3 .  ? -6.016  9.903   -2.547  1.000 33.408 0 292 HOH A O   1 
HETATM 684 O O   . HOH C 3 .  ? 2.007   2.570   -11.567 1.000 15.080 0 293 HOH A O   1 
HETATM 685 O O   . HOH C 3 .  ? -11.765 4.698   9.476   1.000 32.336 0 294 HOH A O   1 
HETATM 686 O O   . HOH C 3 .  ? -4.469  -9.094  7.720   1.000 36.094 0 295 HOH A O   1 
HETATM 687 O O   . HOH C 3 .  ? 8.037   7.292   -9.855  1.000 36.573 0 296 HOH A O   1 
HETATM 688 O O   . HOH C 3 .  ? 9.442   7.421   -5.276  1.000 26.356 0 297 HOH A O   1 
HETATM 689 O O   . HOH C 3 .  ? 4.920   -9.184  -0.601  1.000 27.374 0 298 HOH A O   1 
HETATM 690 O O   . HOH C 3 .  ? 2.300   -9.072  3.209   1.000 34.599 0 299 HOH A O   1 
HETATM 691 O O   . HOH C 3 .  ? -12.131 6.394   -13.240 1.000 46.977 0 300 HOH A O   1 
HETATM 692 O O   . HOH C 3 .  ? 11.166  -1.390  6.815   1.000 38.731 0 301 HOH A O   1 
HETATM 693 O O   . HOH C 3 .  ? 7.353   -8.926  -4.776  1.000 23.359 0 302 HOH A O   1 
HETATM 694 O O   . HOH C 3 .  ? 4.919   -9.411  -3.248  1.000 37.982 0 303 HOH A O   1 
HETATM 695 O O   . HOH C 3 .  ? 6.341   3.798   -13.144 1.000 33.531 0 304 HOH A O   1 
HETATM 696 O O   . HOH C 3 .  ? -12.316 5.431   -15.298 1.000 35.687 0 305 HOH A O   1 
HETATM 697 O O   . HOH C 3 .  ? -12.317 4.594   -12.587 1.000 35.211 0 306 HOH A O   1 
HETATM 698 O O   . HOH C 3 .  ? 6.552   3.309   -10.375 1.000 19.883 0 307 HOH A O   1 
HETATM 699 O O   . HOH C 3 .  ? 4.166   -0.646  14.412  1.000 30.799 0 308 HOH A O   1 
HETATM 700 O O   . HOH C 3 .  ? 11.645  6.382   -3.867  1.000 26.952 0 309 HOH A O   1 
HETATM 701 O O   . HOH C 3 .  ? -4.031  10.022  -0.802  1.000 24.584 0 310 HOH A O   1 
HETATM 702 O O   . HOH C 3 .  ? -3.365  14.850  5.782   1.000 40.233 0 311 HOH A O   1 
HETATM 703 O O   . HOH C 3 .  ? 5.645   -1.804  12.171  1.000 32.364 0 312 HOH A O   1 
HETATM 704 O O   . HOH C 3 .  ? 1.442   0.204   14.322  1.000 29.598 0 313 HOH A O   1 
HETATM 705 O O   . HOH C 3 .  ? 8.652   -1.948  8.789   1.000 42.571 0 314 HOH A O   1 
HETATM 706 O O   . HOH C 3 .  ? 1.292   -10.792 -0.071  1.000 33.922 0 315 HOH A O   1 
HETATM 707 O O   . HOH C 3 .  ? 0.558   -10.676 4.104   1.000 38.454 0 316 HOH A O   1 
HETATM 708 O O   . HOH C 3 .  ? 8.953   -6.658  7.166   1.000 39.279 0 317 HOH A O   1 
HETATM 709 O O   . HOH C 3 .  ? -0.356  -11.565 2.035   1.000 42.603 0 318 HOH A O   1 
HETATM 710 O O   . HOH D 3 .  ? 4.656   -3.546  -15.656 1.000 34.978 0 301 HOH B O   1 
HETATM 711 O O   . HOH D 3 .  ? 2.119   -1.397  -13.424 1.000 22.389 0 302 HOH B O   1 
HETATM 712 O O   . HOH D 3 .  ? 17.757  -6.993  -1.616  1.000 51.414 0 303 HOH B O   1 
HETATM 713 O O   . HOH D 3 .  ? 16.058  -2.716  -7.382  1.000 22.720 0 304 HOH B O   1 
HETATM 714 O O   . HOH D 3 .  ? 13.420  0.099   -9.431  1.000 24.707 0 305 HOH B O   1 
HETATM 715 O O   . HOH D 3 .  ? 13.161  0.338   -2.178  1.000 24.914 0 306 HOH B O   1 
HETATM 716 O O   . HOH D 3 .  ? 19.866  -7.136  -5.679  1.000 20.493 0 307 HOH B O   1 
HETATM 717 O O   . HOH D 3 .  ? 10.382  1.685   -8.086  1.000 23.331 0 308 HOH B O   1 
HETATM 718 O O   . HOH D 3 .  ? 16.540  -5.527  -7.761  1.000 22.066 0 309 HOH B O   1 
HETATM 719 O O   . HOH D 3 .  ? 4.868   -0.607  -11.358 1.000 18.363 0 310 HOH B O   1 
HETATM 720 O O   . HOH D 3 .  ? 10.892  -8.586  -5.060  1.000 14.250 0 311 HOH B O   1 
HETATM 721 O O   . HOH D 3 .  ? 0.479   -5.806  -19.895 1.000 37.093 0 312 HOH B O   1 
HETATM 722 O O   . HOH D 3 .  ? 3.236   -3.005  -17.703 1.000 35.313 0 313 HOH B O   1 
HETATM 723 O O   . HOH D 3 .  ? 12.986  3.006   -1.853  1.000 22.061 0 314 HOH B O   1 
HETATM 724 O O   . HOH D 3 .  ? 15.012  4.752   -2.420  1.000 31.551 0 315 HOH B O   1 
# 
loop_
_atom_site_anisotrop.id 
_atom_site_anisotrop.type_symbol 
_atom_site_anisotrop.pdbx_label_atom_id 
_atom_site_anisotrop.pdbx_label_alt_id 
_atom_site_anisotrop.pdbx_label_comp_id 
_atom_site_anisotrop.pdbx_label_asym_id 
_atom_site_anisotrop.pdbx_label_seq_id 
_atom_site_anisotrop.pdbx_PDB_ins_code 
_atom_site_anisotrop.U[1][1] 
_atom_site_anisotrop.U[2][2] 
_atom_site_anisotrop.U[3][3] 
_atom_site_anisotrop.U[1][2] 
_atom_site_anisotrop.U[1][3] 
_atom_site_anisotrop.U[2][3] 
_atom_site_anisotrop.pdbx_auth_seq_id 
_atom_site_anisotrop.pdbx_auth_comp_id 
_atom_site_anisotrop.pdbx_auth_asym_id 
_atom_site_anisotrop.pdbx_auth_atom_id 
1   N N   . SER A 1  ? 0.63162461 0.64832236 0.52385217 -0.05490206 0.03051089  0.01724452  82  SER A N   
2   C CA  . SER A 1  ? 0.62464533 0.62194147 0.50517547 -0.05171812 0.03430242  0.02876937  82  SER A CA  
3   C C   . SER A 1  ? 0.57837602 0.55672301 0.45848250 -0.05639516 0.04035885  0.02701283  82  SER A C   
4   O O   . SER A 1  ? 0.50151687 0.48386327 0.38548489 -0.06476320 0.04284017  0.01851669  82  SER A O   
5   C CB  . SER A 1  ? 0.68211905 0.67972631 0.54808434 -0.05439314 0.03705012  0.03637087  82  SER A CB  
6   O OG  . SER A 1  ? 0.75233127 0.74331068 0.61205178 -0.06519060 0.04381706  0.03348154  82  SER A OG  
7   N N   . GLY A 2  ? 0.54910219 0.50807439 0.42440555 -0.05084389 0.04301589  0.03479877  83  GLY A N   
8   C CA  . GLY A 2  ? 0.49211515 0.43114968 0.36589429 -0.05521366 0.04964475  0.03322111  83  GLY A CA  
9   C C   . GLY A 2  ? 0.44164652 0.38347425 0.32856808 -0.05303301 0.04672325  0.02579556  83  GLY A C   
10  O O   . GLY A 2  ? 0.49863723 0.42815451 0.38588138 -0.05792434 0.05176937  0.02205442  83  GLY A O   
11  N N   . THR A 3  ? 0.40412668 0.36255783 0.30123612 -0.04682357 0.03915662  0.02313717  84  THR A N   
12  C CA  . THR A 3  ? 0.36566469 0.32603807 0.27396503 -0.04336090 0.03618066  0.01810310  84  THR A CA  
13  C C   . THR A 3  ? 0.36225502 0.32675816 0.27424063 -0.03276763 0.03110153  0.02302723  84  THR A C   
14  O O   . THR A 3  ? 0.38518714 0.35680459 0.29274945 -0.02871454 0.02860265  0.02862471  84  THR A O   
15  C CB  . THR A 3  ? 0.36018062 0.33709961 0.27871831 -0.04767270 0.03286023  0.00809898  84  THR A CB  
16  O OG1 . THR A 3  ? 0.43326604 0.42623679 0.35464497 -0.04522097 0.02794451  0.00732448  84  THR A OG1 
17  C CG2 . THR A 3  ? 0.39391276 0.37134969 0.31005147 -0.05770644 0.03749396  0.00258832  84  THR A CG2 
18  N N   . THR A 4  ? 0.31962873 0.28298823 0.23999002 -0.02911155 0.02939975  0.02009586  85  THR A N   
19  C CA  . THR A 4  ? 0.33618515 0.30345009 0.26127143 -0.01974437 0.02547760  0.02353284  85  THR A CA  
20  C C   . THR A 4  ? 0.26650408 0.24719592 0.20338739 -0.01985304 0.02078067  0.01602893  85  THR A C   
21  O O   . THR A 4  ? 0.29008495 0.26631019 0.23165283 -0.02263457 0.02213739  0.01111316  85  THR A O   
22  C CB  . THR A 4  ? 0.41101244 0.35967331 0.33373735 -0.01526047 0.02995703  0.02761282  85  THR A CB  
23  O OG1 . THR A 4  ? 0.47829259 0.40998897 0.38916342 -0.01554055 0.03585488  0.03469652  85  THR A OG1 
24  C CG2 . THR A 4  ? 0.42094209 0.37356514 0.34853498 -0.00484107 0.02679915  0.03141996  85  THR A CG2 
25  N N   . LEU A 5  ? 0.24920683 0.24540344 0.19106076 -0.01668098 0.01574113  0.01502773  86  LEU A N   
26  C CA  . LEU A 5  ? 0.26572500 0.26964100 0.21754495 -0.01627726 0.01281808  0.00916387  86  LEU A CA  
27  C C   . LEU A 5  ? 0.23138540 0.22990967 0.18638319 -0.01034745 0.01307172  0.01161541  86  LEU A C   
28  O O   . LEU A 5  ? 0.25035360 0.24343355 0.20094537 -0.00433821 0.01421968  0.01831683  86  LEU A O   
29  C CB  . LEU A 5  ? 0.25214712 0.27336517 0.20727993 -0.01626965 0.00869662  0.00650499  86  LEU A CB  
30  C CG  . LEU A 5  ? 0.31328824 0.34146434 0.26750868 -0.02228196 0.00867464  0.00173824  86  LEU A CG  
31  C CD1 . LEU A 5  ? 0.32891979 0.37219852 0.28897898 -0.02309563 0.00557321  -0.00374317 86  LEU A CD1 
32  C CD2 . LEU A 5  ? 0.32024597 0.34137678 0.27682676 -0.02681976 0.01108319  -0.00285940 86  LEU A CD2 
33  N N   . PHE A 6  ? 0.18929649 0.18877785 0.15148803 -0.01167331 0.01249199  0.00651304  87  PHE A N   
34  C CA  . PHE A 6  ? 0.17119973 0.16970079 0.13788510 -0.00685052 0.01238700  0.00719720  87  PHE A CA  
35  C C   . PHE A 6  ? 0.16079999 0.17417386 0.13479444 -0.00677628 0.00862909  0.00331576  87  PHE A C   
36  O O   . PHE A 6  ? 0.18022349 0.19998283 0.15628823 -0.01135739 0.00718762  -0.00109241 87  PHE A O   
37  C CB  . PHE A 6  ? 0.18258650 0.17015796 0.15050611 -0.00958196 0.01561191  0.00427926  87  PHE A CB  
38  C CG  . PHE A 6  ? 0.20592058 0.17757813 0.16717209 -0.00903485 0.02063507  0.00760843  87  PHE A CG  
39  C CD1 . PHE A 6  ? 0.23613687 0.20075766 0.19016756 -0.01324448 0.02328795  0.00898362  87  PHE A CD1 
40  C CD2 . PHE A 6  ? 0.22455221 0.18775505 0.18649212 -0.00462389 0.02351142  0.00900538  87  PHE A CD2 
41  C CE1 . PHE A 6  ? 0.26615926 0.21379493 0.21316975 -0.01379869 0.02919611  0.01175015  87  PHE A CE1 
42  C CE2 . PHE A 6  ? 0.26119465 0.20700873 0.21655315 -0.00426989 0.02941964  0.01159437  87  PHE A CE2 
43  C CZ  . PHE A 6  ? 0.27652684 0.21412256 0.22419303 -0.00925864 0.03233422  0.01297857  87  PHE A CZ  
44  N N   . VAL A 7  ? 0.15543284 0.17396685 0.13336612 -0.00185317 0.00775342  0.00444608  88  VAL A N   
45  C CA  . VAL A 7  ? 0.14615858 0.17929095 0.13090064 -0.00258031 0.00509569  0.00035485  88  VAL A CA  
46  C C   . VAL A 7  ? 0.14194720 0.17292373 0.13193898 -0.00168238 0.00648828  -0.00171629 88  VAL A C   
47  O O   . VAL A 7  ? 0.15312927 0.17729984 0.14244534 0.00335503  0.00851244  0.00145624  88  VAL A O   
48  C CB  . VAL A 7  ? 0.15125054 0.20041834 0.13596701 0.00213079  0.00206151  0.00320079  88  VAL A CB  
49  C CG1 . VAL A 7  ? 0.17841340 0.22564879 0.16148919 0.01151770  0.00264053  0.01012881  88  VAL A CG1 
50  C CG2 . VAL A 7  ? 0.14947504 0.21548318 0.14126293 -0.00064017 -0.00002271 -0.00264414 88  VAL A CG2 
51  N N   . ALA A 8  ? 0.13417740 0.17054190 0.12908351 -0.00644809 0.00603552  -0.00705102 89  ALA A N   
52  C CA  . ALA A 8  ? 0.13588779 0.17225621 0.13539237 -0.00659989 0.00750693  -0.00923481 89  ALA A CA  
53  C C   . ALA A 8  ? 0.13152299 0.18178809 0.13562023 -0.00174560 0.00638108  -0.00880452 89  ALA A C   
54  O O   . ALA A 8  ? 0.14334706 0.20880323 0.14974558 -0.00207245 0.00394577  -0.01030474 89  ALA A O   
55  C CB  . ALA A 8  ? 0.13201761 0.16888466 0.13420675 -0.01318951 0.00802471  -0.01416392 89  ALA A CB  
56  N N   . LEU A 9  ? 0.14090340 0.18737654 0.14666604 0.00260475  0.00843088  -0.00745961 90  LEU A N   
57  C CA  . LEU A 9  ? 0.15310648 0.21358422 0.16440149 0.00854907  0.00784567  -0.00722875 90  LEU A CA  
58  C C   . LEU A 9  ? 0.14542198 0.21715948 0.16313760 0.00303830  0.00831927  -0.01340681 90  LEU A C   
59  O O   . LEU A 9  ? 0.16423055 0.25411435 0.18772653 0.00576214  0.00713535  -0.01505326 90  LEU A O   
60  C CB  . LEU A 9  ? 0.16833018 0.21807002 0.17872336 0.01578689  0.01096552  -0.00379949 90  LEU A CB  
61  C CG  . LEU A 9  ? 0.18405768 0.21998134 0.18727008 0.02107920  0.01201274  0.00258398  90  LEU A CG  
62  C CD1 . LEU A 9  ? 0.22045207 0.24164006 0.22252053 0.02635094  0.01691089  0.00422651  90  LEU A CD1 
63  C CD2 . LEU A 9  ? 0.22668504 0.27548371 0.22924008 0.02820140  0.00861602  0.00769134  90  LEU A CD2 
64  N N   . TYR A 10 ? 0.14063476 0.20253914 0.15729903 -0.00425490 0.01043384  -0.01653763 91  TYR A N   
65  C CA  . TYR A 10 ? 0.14226415 0.21021490 0.16317071 -0.01011255 0.01223505  -0.02150814 91  TYR A CA  
66  C C   . TYR A 10 ? 0.13149300 0.18964339 0.14913160 -0.01800887 0.01316454  -0.02340294 91  TYR A C   
67  O O   . TYR A 10 ? 0.14455948 0.19022555 0.15723822 -0.01788353 0.01281478  -0.02081835 91  TYR A O   
68  C CB  . TYR A 10 ? 0.14230030 0.20585774 0.16459580 -0.00869922 0.01540558  -0.02195024 91  TYR A CB  
69  C CG  . TYR A 10 ? 0.15999831 0.22309532 0.18328979 0.00079843  0.01599092  -0.01879813 91  TYR A CG  
70  C CD1 . TYR A 10 ? 0.21004727 0.28945069 0.23925402 0.00764554  0.01494881  -0.01869327 91  TYR A CD1 
71  C CD2 . TYR A 10 ? 0.16703803 0.21324104 0.18524253 0.00320534  0.01810298  -0.01604796 91  TYR A CD2 
72  C CE1 . TYR A 10 ? 0.22924129 0.30540089 0.25905875 0.01777610  0.01631251  -0.01512085 91  TYR A CE1 
73  C CE2 . TYR A 10 ? 0.18904419 0.23027676 0.20714073 0.01150123  0.02007272  -0.01333698 91  TYR A CE2 
74  C CZ  . TYR A 10 ? 0.21982283 0.27512627 0.24372807 0.01951515  0.01923244  -0.01241356 91  TYR A CZ  
75  O OH  . TYR A 10 ? 0.26392079 0.31144473 0.28742522 0.02911802  0.02206720  -0.00912371 91  TYR A OH  
76  N N   . ASP A 11 ? 0.13213239 0.19519473 0.15238966 -0.02468606 0.01499951  -0.02781483 92  ASP A N   
77  C CA  . ASP A 11 ? 0.13325636 0.18346830 0.14987653 -0.03082570 0.01716919  -0.02846512 92  ASP A CA  
78  C C   . ASP A 11 ? 0.13285675 0.17113746 0.14582461 -0.02983106 0.01882507  -0.02541127 92  ASP A C   
79  O O   . ASP A 11 ? 0.14245219 0.18401607 0.15703983 -0.02751041 0.01992713  -0.02533099 92  ASP A O   
80  C CB  . ASP A 11 ? 0.15312110 0.20904379 0.17251869 -0.03852325 0.02026206  -0.03351667 92  ASP A CB  
81  C CG  . ASP A 11 ? 0.14413909 0.21346065 0.16710405 -0.04247786 0.01970876  -0.03872525 92  ASP A CG  
82  O OD1 . ASP A 11 ? 0.14779927 0.21940126 0.16990099 -0.04047269 0.01705939  -0.03844054 92  ASP A OD1 
83  O OD2 . ASP A 11 ? 0.18635637 0.26370067 0.21246739 -0.04944244 0.02282516  -0.04399462 92  ASP A OD2 
84  N N   . TYR A 12 ? 0.13495061 0.16094725 0.14320842 -0.03166898 0.01928972  -0.02340528 93  TYR A N   
85  C CA  . TYR A 12 ? 0.13616209 0.15364969 0.14032861 -0.03155082 0.02061670  -0.02073822 93  TYR A CA  
86  C C   . TYR A 12 ? 0.13298077 0.14131124 0.13326740 -0.03490498 0.02210359  -0.01916069 93  TYR A C   
87  O O   . TYR A 12 ? 0.14447370 0.14804102 0.14370646 -0.03449805 0.02115967  -0.01860562 93  TYR A O   
88  C CB  . TYR A 12 ? 0.14100713 0.15439687 0.14253063 -0.02720068 0.01894622  -0.01832332 93  TYR A CB  
89  C CG  . TYR A 12 ? 0.14193921 0.15026050 0.13946907 -0.02798168 0.02042020  -0.01694393 93  TYR A CG  
90  C CD1 . TYR A 12 ? 0.15221557 0.16351909 0.15048157 -0.02877789 0.02280314  -0.01835728 93  TYR A CD1 
91  C CD2 . TYR A 12 ? 0.14472112 0.14764308 0.13793746 -0.02809669 0.01949746  -0.01478878 93  TYR A CD2 
92  C CE1 . TYR A 12 ? 0.15777146 0.16633668 0.15176806 -0.03045467 0.02436191  -0.01781518 93  TYR A CE1 
93  C CE2 . TYR A 12 ? 0.15618779 0.15802690 0.14554826 -0.02930990 0.02060457  -0.01401388 93  TYR A CE2 
94  C CZ  . TYR A 12 ? 0.15719361 0.16162100 0.14657036 -0.03086516 0.02307758  -0.01557791 93  TYR A CZ  
95  O OH  . TYR A 12 ? 0.18118227 0.18618102 0.16598075 -0.03289577 0.02422887  -0.01530402 93  TYR A OH  
96  N N   . GLU A 13 ? 0.14842596 0.15396947 0.14614020 -0.03763454 0.02470375  -0.01803970 94  GLU A N   
97  C CA  A GLU A 13 ? 0.15581277 0.15153417 0.14828064 -0.03927617 0.02635528  -0.01454503 94  GLU A CA  
98  C CA  B GLU A 13 ? 0.16156292 0.15724958 0.15403864 -0.03922351 0.02631387  -0.01453607 94  GLU A CA  
99  C C   . GLU A 13 ? 0.15241357 0.14652130 0.14032534 -0.03639555 0.02495526  -0.01089081 94  GLU A C   
100 O O   . GLU A 13 ? 0.17755570 0.17560560 0.16405995 -0.03739220 0.02596910  -0.01112588 94  GLU A O   
101 C CB  A GLU A 13 ? 0.18449748 0.17861483 0.17566741 -0.04495285 0.03066285  -0.01509105 94  GLU A CB  
102 C CB  B GLU A 13 ? 0.20112154 0.19511847 0.19247262 -0.04496590 0.03063146  -0.01522195 94  GLU A CB  
103 C CG  A GLU A 13 ? 0.21634824 0.19832948 0.20055946 -0.04561324 0.03289286  -0.00973111 94  GLU A CG  
104 C CG  B GLU A 13 ? 0.24123265 0.23721241 0.23667638 -0.04948253 0.03269844  -0.01990175 94  GLU A CG  
105 C CD  A GLU A 13 ? 0.26528479 0.24311063 0.24602755 -0.05183045 0.03805732  -0.00903918 94  GLU A CD  
106 C CD  B GLU A 13 ? 0.29484567 0.28249891 0.28697257 -0.05627497 0.03825502  -0.01989533 94  GLU A CD  
107 O OE1 A GLU A 13 ? 0.29657376 0.28184436 0.28154659 -0.05694682 0.04030237  -0.01422919 94  GLU A OE1 
108 O OE1 B GLU A 13 ? 0.34563683 0.33183521 0.33999262 -0.06084165 0.04074166  -0.02411688 94  GLU A OE1 
109 O OE2 A GLU A 13 ? 0.30268251 0.27074434 0.27613848 -0.05155311 0.04004779  -0.00301903 94  GLU A OE2 
110 O OE2 B GLU A 13 ? 0.31711776 0.29938391 0.30378137 -0.05757488 0.04058230  -0.01583578 94  GLU A OE2 
111 N N   . ALA A 14 ? 0.14823318 0.13860329 0.13401166 -0.03321993 0.02289150  -0.00832931 95  ALA A N   
112 C CA  . ALA A 14 ? 0.15312866 0.14516097 0.13470367 -0.03120459 0.02146887  -0.00554475 95  ALA A CA  
113 C C   . ALA A 14 ? 0.14950703 0.13979377 0.12549278 -0.03262955 0.02333820  -0.00156028 95  ALA A C   
114 O O   . ALA A 14 ? 0.17461254 0.15760627 0.14858039 -0.03366664 0.02565149  0.00115179  95  ALA A O   
115 C CB  . ALA A 14 ? 0.17109797 0.16189476 0.15230285 -0.02741573 0.01898013  -0.00387779 95  ALA A CB  
116 N N   . ARG A 15 ? 0.15051322 0.14704377 0.12327474 -0.03320492 0.02292648  -0.00131530 96  ARG A N   
117 C CA  . ARG A 15 ? 0.16956687 0.16714573 0.13586668 -0.03480204 0.02448134  0.00269722  96  ARG A CA  
118 C C   . ARG A 15 ? 0.16071762 0.16382755 0.12193269 -0.03175985 0.02193822  0.00673625  96  ARG A C   
119 O O   . ARG A 15 ? 0.19047935 0.19458979 0.14522726 -0.03150038 0.02258562  0.01207493  96  ARG A O   
120 C CB  . ARG A 15 ? 0.21073415 0.21409007 0.17683036 -0.03921370 0.02694658  -0.00106889 96  ARG A CB  
121 C CG  . ARG A 15 ? 0.24379218 0.24589485 0.21587969 -0.04152703 0.02922720  -0.00540862 96  ARG A CG  
122 C CD  . ARG A 15 ? 0.30081529 0.29683497 0.27217453 -0.04443277 0.03203131  -0.00348798 96  ARG A CD  
123 N NE  . ARG A 15 ? 0.33689098 0.33484401 0.30295682 -0.04865286 0.03529520  -0.00191283 96  ARG A NE  
124 C CZ  . ARG A 15 ? 0.36366557 0.35611782 0.32184976 -0.04917263 0.03653736  0.00456954  96  ARG A CZ  
125 N NH1 . ARG A 15 ? 0.40401023 0.40146277 0.35599983 -0.05224825 0.03847061  0.00632123  96  ARG A NH1 
126 N NH2 . ARG A 15 ? 0.35216221 0.33500729 0.30829593 -0.04559100 0.03558258  0.00951798  96  ARG A NH2 
127 N N   . THR A 16 ? 0.15509947 0.16353928 0.11871701 -0.02976285 0.01919728  0.00427418  97  THR A N   
128 C CA  . THR A 16 ? 0.14486495 0.16300701 0.10457554 -0.02745568 0.01661613  0.00683713  97  THR A CA  
129 C C   . THR A 16 ? 0.14355558 0.16093154 0.10626205 -0.02215606 0.01401244  0.00838923  97  THR A C   
130 O O   . THR A 16 ? 0.15218364 0.16291744 0.12005413 -0.02165727 0.01414974  0.00558418  97  THR A O   
131 C CB  . THR A 16 ? 0.14562603 0.17492883 0.10438022 -0.03157816 0.01651539  0.00132404  97  THR A CB  
132 O OG1 . THR A 16 ? 0.15409728 0.18416735 0.11721337 -0.03188422 0.01563914  -0.00356698 97  THR A OG1 
133 C CG2 . THR A 16 ? 0.15568054 0.18443416 0.11360632 -0.03671999 0.01991679  -0.00257101 97  THR A CG2 
134 N N   . GLU A 17 ? 0.15091712 0.17708066 0.11050409 -0.01810597 0.01164693  0.01252707  98  GLU A N   
135 C CA  . GLU A 17 ? 0.16797889 0.19449285 0.12993057 -0.01135396 0.00953289  0.01544206  98  GLU A CA  
136 C C   . GLU A 17 ? 0.14835898 0.17699516 0.11637381 -0.01227479 0.00847870  0.00929075  98  GLU A C   
137 O O   . GLU A 17 ? 0.17374808 0.19702388 0.14537055 -0.00795043 0.00817235  0.00996954  98  GLU A O   
138 C CB  . GLU A 17 ? 0.19532007 0.23755464 0.15291933 -0.00675364 0.00661434  0.02034849  98  GLU A CB  
139 C CG  . GLU A 17 ? 0.23023926 0.29094309 0.18691296 -0.01191300 0.00498868  0.01484368  98  GLU A CG  
140 C CD  . GLU A 17 ? 0.24467754 0.32459427 0.19576675 -0.00967375 0.00238065  0.01886308  98  GLU A CD  
141 O OE1 . GLU A 17 ? 0.26576701 0.34422062 0.21313920 -0.00145984 0.00127063  0.02842224  98  GLU A OE1 
142 O OE2 . GLU A 17 ? 0.20068082 0.29719449 0.14978900 -0.01656784 0.00202279  0.01278397  98  GLU A OE2 
143 N N   . ASP A 18 ? 0.14546764 0.18104685 0.11415016 -0.01778876 0.00850949  0.00337477  99  ASP A N   
144 C CA  . ASP A 18 ? 0.14938679 0.18740623 0.12216729 -0.01915616 0.00795557  -0.00170146 99  ASP A CA  
145 C C   . ASP A 18 ? 0.12852222 0.15433832 0.10439831 -0.02158619 0.00985672  -0.00478314 99  ASP A C   
146 O O   . ASP A 18 ? 0.14510836 0.17148052 0.12328035 -0.02297350 0.00980517  -0.00830572 99  ASP A O   
147 C CB  . ASP A 18 ? 0.17721442 0.22840522 0.14819862 -0.02426002 0.00786501  -0.00646365 99  ASP A CB  
148 C CG  . ASP A 18 ? 0.21366788 0.28278700 0.18269643 -0.02168388 0.00514910  -0.00445328 99  ASP A CG  
149 O OD1 . ASP A 18 ? 0.26711726 0.33754194 0.23725545 -0.01410516 0.00305884  0.00102059  99  ASP A OD1 
150 O OD2 . ASP A 18 ? 0.24629739 0.32820424 0.21283687 -0.02719025 0.00548704  -0.00874499 99  ASP A OD2 
151 N N   . ASP A 19 ? 0.12529008 0.14194661 0.10104553 -0.02206862 0.01150531  -0.00336095 100 ASP A N   
152 C CA  . ASP A 19 ? 0.12429338 0.13362955 0.10299424 -0.02418550 0.01299094  -0.00638772 100 ASP A CA  
153 C C   . ASP A 19 ? 0.12483332 0.12729368 0.10671443 -0.02184921 0.01296958  -0.00550636 100 ASP A C   
154 O O   . ASP A 19 ? 0.15636977 0.15495177 0.13757300 -0.01932428 0.01331648  -0.00222933 100 ASP A O   
155 C CB  . ASP A 19 ? 0.12881322 0.13610260 0.10620131 -0.02702481 0.01518886  -0.00694838 100 ASP A CB  
156 C CG  . ASP A 19 ? 0.13265984 0.14611899 0.10696186 -0.03031409 0.01621119  -0.00946902 100 ASP A CG  
157 O OD1 . ASP A 19 ? 0.14310994 0.16120826 0.11677088 -0.03157639 0.01571939  -0.01191465 100 ASP A OD1 
158 O OD2 . ASP A 19 ? 0.14014762 0.15420280 0.11248563 -0.03251391 0.01813400  -0.00973012 100 ASP A OD2 
159 N N   . LEU A 20 ? 0.11981005 0.12025147 0.10461973 -0.02277319 0.01307835  -0.00837659 101 LEU A N   
160 C CA  . LEU A 20 ? 0.12455123 0.12079327 0.11237637 -0.02207287 0.01336616  -0.00918882 101 LEU A CA  
161 C C   . LEU A 20 ? 0.12310819 0.11709044 0.11241545 -0.02440527 0.01503870  -0.01022343 101 LEU A C   
162 O O   . LEU A 20 ? 0.13872561 0.13521521 0.12840017 -0.02552175 0.01539333  -0.01135380 101 LEU A O   
163 C CB  . LEU A 20 ? 0.12496514 0.12354522 0.11461863 -0.02197184 0.01225804  -0.01171659 101 LEU A CB  
164 C CG  . LEU A 20 ? 0.12959692 0.13248175 0.11850702 -0.02074552 0.01102415  -0.01200322 101 LEU A CG  
165 C CD1 . LEU A 20 ? 0.14080451 0.14533072 0.13057942 -0.02159002 0.01060294  -0.01428972 101 LEU A CD1 
166 C CD2 . LEU A 20 ? 0.16059483 0.16335360 0.15024264 -0.01739477 0.01076874  -0.01044426 101 LEU A CD2 
167 N N   . SER A 21 ? 0.13532004 0.12487248 0.12593327 -0.02528009 0.01659376  -0.01057206 102 SER A N   
168 C CA  . SER A 21 ? 0.13027292 0.12094896 0.12351668 -0.02852630 0.01819741  -0.01328497 102 SER A CA  
169 C C   . SER A 21 ? 0.13178426 0.12703109 0.12830439 -0.02870891 0.01697196  -0.01673296 102 SER A C   
170 O O   . SER A 21 ? 0.15342772 0.14775112 0.14981292 -0.02702963 0.01590588  -0.01709710 102 SER A O   
171 C CB  . SER A 21 ? 0.15276830 0.13590194 0.14508143 -0.03114705 0.02159831  -0.01290676 102 SER A CB  
172 O OG  . SER A 21 ? 0.17164993 0.15108080 0.15979697 -0.03123192 0.02298803  -0.00884986 102 SER A OG  
173 N N   . PHE A 22 ? 0.12358920 0.12557328 0.12303153 -0.03053761 0.01708631  -0.01934266 103 PHE A N   
174 C CA  . PHE A 22 ? 0.12603351 0.13523301 0.12783172 -0.03047889 0.01551092  -0.02207386 103 PHE A CA  
175 C C   . PHE A 22 ? 0.13152832 0.15066895 0.13708877 -0.03300965 0.01608533  -0.02529789 103 PHE A C   
176 O O   . PHE A 22 ? 0.14106745 0.16190040 0.14778302 -0.03424548 0.01756867  -0.02537500 103 PHE A O   
177 C CB  . PHE A 22 ? 0.12520515 0.13691789 0.12540862 -0.02654932 0.01287619  -0.01982728 103 PHE A CB  
178 C CG  . PHE A 22 ? 0.11548984 0.12692974 0.11476710 -0.02423359 0.01290837  -0.01746144 103 PHE A CG  
179 C CD1 . PHE A 22 ? 0.12704389 0.14525177 0.12863597 -0.02228543 0.01263255  -0.01761069 103 PHE A CD1 
180 C CD2 . PHE A 22 ? 0.12190084 0.12717447 0.11804493 -0.02374964 0.01351386  -0.01547873 103 PHE A CD2 
181 C CE1 . PHE A 22 ? 0.13347772 0.14963709 0.13432183 -0.01943704 0.01356385  -0.01589872 103 PHE A CE1 
182 C CE2 . PHE A 22 ? 0.12449258 0.12871250 0.11952712 -0.02250931 0.01450318  -0.01461327 103 PHE A CE2 
183 C CZ  . PHE A 22 ? 0.13257010 0.14069117 0.12991144 -0.02020686 0.01487048  -0.01486121 103 PHE A CZ  
184 N N   . HIS A 23 ? 0.13912100 0.16729619 0.14669311 -0.03396677 0.01484451  -0.02842422 104 HIS A N   
185 C CA  A HIS A 23 ? 0.13269017 0.17523131 0.14443013 -0.03591583 0.01474128  -0.03178751 104 HIS A CA  
186 C CA  B HIS A 23 ? 0.14753002 0.19055923 0.15908726 -0.03611689 0.01447264  -0.03223874 104 HIS A CA  
187 C C   . HIS A 23 ? 0.12524900 0.17869307 0.13742105 -0.03012083 0.01106362  -0.02927307 104 HIS A C   
188 O O   . HIS A 23 ? 0.13646155 0.18629505 0.14533824 -0.02660878 0.00919619  -0.02611306 104 HIS A O   
189 C CB  A HIS A 23 ? 0.11583527 0.16299498 0.12969185 -0.04315887 0.01719357  -0.03844816 104 HIS A CB  
190 C CB  B HIS A 23 ? 0.16408038 0.21157480 0.17668029 -0.04152372 0.01560766  -0.03806561 104 HIS A CB  
191 C CG  A HIS A 23 ? 0.13779515 0.17891263 0.14962696 -0.04473406 0.01772386  -0.04056287 104 HIS A CG  
192 C CG  B HIS A 23 ? 0.23508722 0.27275604 0.24789477 -0.04808004 0.02066596  -0.04149261 104 HIS A CG  
193 N ND1 A HIS A 23 ? 0.19287223 0.24116811 0.20371002 -0.04208361 0.01461242  -0.04034749 104 HIS A ND1 
194 N ND1 B HIS A 23 ? 0.30122817 0.34080308 0.31561020 -0.05030957 0.02259286  -0.04155916 104 HIS A ND1 
195 C CD2 A HIS A 23 ? 0.21527892 0.24293861 0.22550722 -0.04749939 0.02118341  -0.04199890 104 HIS A CD2 
196 C CD2 B HIS A 23 ? 0.24962227 0.27481276 0.26080633 -0.05210440 0.02460695  -0.04398873 104 HIS A CD2 
197 C CE1 A HIS A 23 ? 0.14869809 0.18782233 0.15779440 -0.04348075 0.01629036  -0.04218555 104 HIS A CE1 
198 C CE1 B HIS A 23 ? 0.25853494 0.28699228 0.27152080 -0.05633658 0.02765517  -0.04372698 104 HIS A CE1 
199 N NE2 A HIS A 23 ? 0.22376323 0.25107873 0.23304776 -0.04679664 0.02045287  -0.04373199 104 HIS A NE2 
200 N NE2 B HIS A 23 ? 0.28705899 0.30578787 0.29808529 -0.05717524 0.02910114  -0.04510822 104 HIS A NE2 
201 N N   . LYS A 24 ? 0.12248066 0.18965991 0.13866831 -0.02894092 0.01047092  -0.03043442 105 LYS A N   
202 C CA  . LYS A 24 ? 0.12098568 0.19998447 0.13787616 -0.02214548 0.00729044  -0.02733262 105 LYS A CA  
203 C C   . LYS A 24 ? 0.12237820 0.20743445 0.13672394 -0.02253014 0.00490188  -0.02766395 105 LYS A C   
204 O O   . LYS A 24 ? 0.13329433 0.22523186 0.14899889 -0.02904136 0.00556134  -0.03352586 105 LYS A O   
205 C CB  . LYS A 24 ? 0.13557866 0.23372428 0.15859509 -0.02159573 0.00696176  -0.03021251 105 LYS A CB  
206 C CG  . LYS A 24 ? 0.14287958 0.25491516 0.16687568 -0.01263006 0.00356074  -0.02599639 105 LYS A CG  
207 C CD  . LYS A 24 ? 0.19544702 0.32828366 0.22669052 -0.01092500 0.00331930  -0.02891855 105 LYS A CD  
208 C CE  . LYS A 24 ? 0.23668692 0.38628800 0.26929414 -0.00045645 -0.00036581 -0.02412074 105 LYS A CE  
209 N NZ  . LYS A 24 ? 0.30830511 0.48167027 0.34928736 0.00087659  -0.00059222 -0.02810887 105 LYS A NZ  
210 N N   . GLY A 25 ? 0.12333779 0.20560100 0.13355854 -0.01626423 0.00284856  -0.02184868 106 GLY A N   
211 C CA  . GLY A 25 ? 0.13053017 0.21857262 0.13710630 -0.01655257 0.00076074  -0.02138536 106 GLY A CA  
212 C C   . GLY A 25 ? 0.12051880 0.19418422 0.12289596 -0.01998682 0.00205431  -0.02190153 106 GLY A C   
213 O O   . GLY A 25 ? 0.12166363 0.19868304 0.12018982 -0.01983814 0.00072106  -0.02090001 106 GLY A O   
214 N N   . GLU A 26 ? 0.11952088 0.17944841 0.12252354 -0.02269134 0.00454081  -0.02329359 107 GLU A N   
215 C CA  . GLU A 26 ? 0.11979872 0.16878373 0.11975330 -0.02465121 0.00555921  -0.02369018 107 GLU A CA  
216 C C   . GLU A 26 ? 0.11226369 0.15567561 0.10710294 -0.02065394 0.00469144  -0.01819011 107 GLU A C   
217 O O   . GLU A 26 ? 0.12838784 0.16771185 0.12193759 -0.01657600 0.00482082  -0.01384017 107 GLU A O   
218 C CB  . GLU A 26 ? 0.12456647 0.16144661 0.12590642 -0.02676492 0.00810496  -0.02487146 107 GLU A CB  
219 C CG  . GLU A 26 ? 0.14397340 0.17217085 0.14356887 -0.02784951 0.00916897  -0.02571193 107 GLU A CG  
220 C CD  . GLU A 26 ? 0.14492466 0.16363062 0.14590393 -0.02946268 0.01173342  -0.02677826 107 GLU A CD  
221 O OE1 . GLU A 26 ? 0.15957348 0.17860990 0.16264830 -0.03186215 0.01330494  -0.02837963 107 GLU A OE1 
222 O OE2 . GLU A 26 ? 0.19076040 0.20244072 0.19039830 -0.02813955 0.01230375  -0.02581072 107 GLU A OE2 
223 N N   . LYS A 27 ? 0.11294917 0.15560710 0.10476265 -0.02232616 0.00459902  -0.01894656 108 LYS A N   
224 C CA  . LYS A 27 ? 0.12009996 0.15779394 0.10630592 -0.02033684 0.00460563  -0.01446627 108 LYS A CA  
225 C C   . LYS A 27 ? 0.11779655 0.14469701 0.10308891 -0.02193951 0.00643981  -0.01494315 108 LYS A C   
226 O O   . LYS A 27 ? 0.12404374 0.14951123 0.11220193 -0.02402353 0.00710661  -0.01858996 108 LYS A O   
227 C CB  . LYS A 27 ? 0.12911191 0.17565082 0.11181731 -0.02166814 0.00349497  -0.01493306 108 LYS A CB  
228 C CG  . LYS A 27 ? 0.13223905 0.19396928 0.11545315 -0.02024652 0.00113376  -0.01470369 108 LYS A CG  
229 C CD  . LYS A 27 ? 0.15339370 0.21578925 0.13535182 -0.01370611 0.00007465  -0.00808175 108 LYS A CD  
230 C CE  . LYS A 27 ? 0.15278012 0.23383090 0.13465884 -0.01087054 -0.00289212 -0.00670646 108 LYS A CE  
231 N NZ  . LYS A 27 ? 0.13576138 0.23107999 0.12442115 -0.01503592 -0.00374213 -0.01415567 108 LYS A NZ  
232 N N   . PHE A 28 ? 0.12470771 0.14442043 0.10549671 -0.02072850 0.00759567  -0.01101533 109 PHE A N   
233 C CA  . PHE A 28 ? 0.12812569 0.14044807 0.10773862 -0.02272707 0.00941111  -0.01166135 109 PHE A CA  
234 C C   . PHE A 28 ? 0.14138723 0.15019010 0.11476071 -0.02442102 0.01112552  -0.00955334 109 PHE A C   
235 O O   . PHE A 28 ? 0.15953038 0.16559627 0.12822518 -0.02255697 0.01177644  -0.00529763 109 PHE A O   
236 C CB  . PHE A 28 ? 0.13940063 0.14474020 0.11961587 -0.02157977 0.01076227  -0.01040218 109 PHE A CB  
237 C CG  . PHE A 28 ? 0.13134935 0.13874212 0.11668312 -0.02103146 0.00996683  -0.01229322 109 PHE A CG  
238 C CD1 . PHE A 28 ? 0.13923865 0.14573106 0.12651820 -0.02257123 0.01015119  -0.01435672 109 PHE A CD1 
239 C CD2 . PHE A 28 ? 0.16295804 0.17443944 0.15098155 -0.01891637 0.00916778  -0.01184179 109 PHE A CD2 
240 C CE1 . PHE A 28 ? 0.16524660 0.17171234 0.15581496 -0.02246148 0.01016618  -0.01527911 109 PHE A CE1 
241 C CE2 . PHE A 28 ? 0.17622422 0.18942318 0.16838100 -0.01982993 0.00924872  -0.01400154 109 PHE A CE2 
242 C CZ  . PHE A 28 ? 0.18396662 0.19332444 0.17676776 -0.02181987 0.00997812  -0.01543026 109 PHE A CZ  
243 N N   . GLN A 29 ? 0.12849938 0.13729509 0.10163104 -0.02782831 0.01227380  -0.01230762 110 GLN A N   
244 C CA  A GLN A 29 ? 0.14323798 0.14678599 0.11056925 -0.03107424 0.01521850  -0.01115289 110 GLN A CA  
245 C CA  B GLN A 29 ? 0.13734702 0.14208188 0.10506542 -0.03154171 0.01513502  -0.01183517 110 GLN A CA  
246 C C   . GLN A 29 ? 0.14018817 0.13866340 0.10806837 -0.03287241 0.01715400  -0.01258578 110 GLN A C   
247 O O   . GLN A 29 ? 0.15218438 0.15511613 0.12451546 -0.03288720 0.01594567  -0.01536514 110 GLN A O   
248 C CB  A GLN A 29 ? 0.15506861 0.16571092 0.12179492 -0.03480713 0.01560469  -0.01436635 110 GLN A CB  
249 C CB  B GLN A 29 ? 0.14049657 0.15327413 0.10897921 -0.03505696 0.01529522  -0.01584237 110 GLN A CB  
250 C CG  A GLN A 29 ? 0.16726424 0.18282482 0.13129495 -0.03440150 0.01462424  -0.01305021 110 GLN A CG  
251 C CG  B GLN A 29 ? 0.15350612 0.17208015 0.11983285 -0.03532842 0.01451017  -0.01559566 110 GLN A CG  
252 C CD  A GLN A 29 ? 0.21000535 0.21869519 0.16516605 -0.03633300 0.01748781  -0.00838904 110 GLN A CD  
253 C CD  B GLN A 29 ? 0.14102089 0.16918078 0.10969340 -0.03780065 0.01461961  -0.02059126 110 GLN A CD  
254 O OE1 A GLN A 29 ? 0.28494391 0.28458181 0.23608241 -0.03925390 0.02103535  -0.00742265 110 GLN A OE1 
255 O OE1 B GLN A 29 ? 0.19663432 0.22828347 0.17016152 -0.03769174 0.01457761  -0.02415321 110 GLN A OE1 
256 N NE2 A GLN A 29 ? 0.22984979 0.24208289 0.18139496 -0.03438524 0.01623273  -0.00501291 110 GLN A NE2 
257 N NE2 B GLN A 29 ? 0.19825694 0.23210147 0.16406521 -0.03906667 0.01451640  -0.02091121 110 GLN A NE2 
258 N N   . ILE A 30 ? 0.14329455 0.13156290 0.10594933 -0.03409423 0.02063544  -0.01032300 111 ILE A N   
259 C CA  . ILE A 30 ? 0.14554124 0.12879873 0.10783388 -0.03685203 0.02336688  -0.01257017 111 ILE A CA  
260 C C   . ILE A 30 ? 0.14372213 0.13084548 0.10378559 -0.04382756 0.02577396  -0.01665431 111 ILE A C   
261 O O   . ILE A 30 ? 0.16709866 0.15174884 0.12220147 -0.04722955 0.02820799  -0.01599749 111 ILE A O   
262 C CB  . ILE A 30 ? 0.16939704 0.13865777 0.12734197 -0.03516072 0.02720697  -0.00940643 111 ILE A CB  
263 C CG1 . ILE A 30 ? 0.18552872 0.15499551 0.14651448 -0.02760689 0.02450217  -0.00550370 111 ILE A CG1 
264 C CG2 . ILE A 30 ? 0.17563469 0.14035641 0.13312470 -0.03927534 0.03076893  -0.01337472 111 ILE A CG2 
265 C CD1 . ILE A 30 ? 0.18097464 0.15895875 0.14908280 -0.02562605 0.02098430  -0.00781528 111 ILE A CD1 
266 N N   . LEU A 31 ? 0.14221490 0.13680874 0.10565073 -0.04599957 0.02515293  -0.02069555 112 LEU A N   
267 C CA  . LEU A 31 ? 0.14621630 0.14999435 0.10911863 -0.05236965 0.02673687  -0.02551547 112 LEU A CA  
268 C C   . LEU A 31 ? 0.15089099 0.15043426 0.10999757 -0.05911744 0.03153720  -0.02915387 112 LEU A C   
269 O O   . LEU A 31 ? 0.15391145 0.15804932 0.11034097 -0.06668228 0.03485374  -0.03344861 112 LEU A O   
270 C CB  . LEU A 31 ? 0.14093969 0.16018628 0.11047833 -0.04933269 0.02230784  -0.02748485 112 LEU A CB  
271 C CG  . LEU A 31 ? 0.15562702 0.17775245 0.12933197 -0.04314601 0.01855571  -0.02524171 112 LEU A CG  
272 C CD1 . LEU A 31 ? 0.16404867 0.19866437 0.14355754 -0.03966269 0.01555452  -0.02692587 112 LEU A CD1 
273 C CD2 . LEU A 31 ? 0.16439914 0.18622673 0.13552350 -0.04492240 0.01961974  -0.02508744 112 LEU A CD2 
274 N N   . ASN A 32 ? 0.14717575 0.13988202 0.10639399 -0.05731356 0.03229320  -0.02863394 113 ASN A N   
275 C CA  . ASN A 32 ? 0.15641960 0.14469153 0.11189917 -0.06439770 0.03766554  -0.03335004 113 ASN A CA  
276 C C   . ASN A 32 ? 0.15894423 0.13447628 0.11395158 -0.06032775 0.03925066  -0.03120455 113 ASN A C   
277 O O   . ASN A 32 ? 0.16918417 0.15069773 0.12860168 -0.05556500 0.03537493  -0.03010724 113 ASN A O   
278 C CB  . ASN A 32 ? 0.16487544 0.17193587 0.12334874 -0.06848432 0.03585216  -0.03883926 113 ASN A CB  
279 C CG  . ASN A 32 ? 0.17427667 0.18007797 0.12848920 -0.07816119 0.04195664  -0.04563669 113 ASN A CG  
280 O OD1 . ASN A 32 ? 0.18569827 0.17358595 0.13508011 -0.08097872 0.04799042  -0.04625349 113 ASN A OD1 
281 N ND2 . ASN A 32 ? 0.19320527 0.21932389 0.14934687 -0.08307517 0.04056972  -0.05104701 113 ASN A ND2 
282 N N   . SER A 33 ? 0.17827578 0.13639928 0.12801577 -0.06172295 0.04516563  -0.03037913 114 SER A N   
283 C CA  . SER A 33 ? 0.19353272 0.13938047 0.14309926 -0.05746180 0.04775741  -0.02904461 114 SER A CA  
284 C C   . SER A 33 ? 0.21627782 0.15308695 0.16144929 -0.06533286 0.05554657  -0.03551792 114 SER A C   
285 O O   . SER A 33 ? 0.25105575 0.17318473 0.19464867 -0.06272111 0.06025499  -0.03527048 114 SER A O   
286 C CB  . SER A 33 ? 0.22508968 0.15708787 0.17261890 -0.05002679 0.04857995  -0.02202010 114 SER A CB  
287 O OG  . SER A 33 ? 0.29549454 0.21345928 0.23530954 -0.05432888 0.05466041  -0.02095180 114 SER A OG  
288 N N   . SER A 34 ? 0.20960442 0.15551319 0.15292012 -0.07523765 0.05763590  -0.04216328 115 SER A N   
289 C CA  . SER A 34 ? 0.23910692 0.17711039 0.17732816 -0.08538274 0.06617033  -0.04993152 115 SER A CA  
290 C C   . SER A 34 ? 0.24728796 0.19798864 0.18794946 -0.08917628 0.06581107  -0.05660082 115 SER A C   
291 O O   . SER A 34 ? 0.29176147 0.23813114 0.22825831 -0.09905882 0.07333617  -0.06486820 115 SER A O   
292 C CB  . SER A 34 ? 0.24998979 0.19319793 0.18443909 -0.09572263 0.06929486  -0.05445413 115 SER A CB  
293 O OG  . SER A 34 ? 0.37211409 0.29606773 0.30151918 -0.09290283 0.07255868  -0.04806032 115 SER A OG  
294 N N   . GLU A 35 ? 0.23339322 0.19905374 0.17970448 -0.08276320 0.05824230  -0.05379961 116 GLU A N   
295 C CA  . GLU A 35 ? 0.25598912 0.23717878 0.20353068 -0.08685122 0.05730136  -0.05946216 116 GLU A CA  
296 C C   . GLU A 35 ? 0.27490225 0.25154296 0.22491719 -0.07995608 0.05616978  -0.05689439 116 GLU A C   
297 O O   . GLU A 35 ? 0.35714951 0.34897057 0.30959737 -0.07847188 0.05166133  -0.05678924 116 GLU A O   
298 C CB  . GLU A 35 ? 0.28334950 0.28900103 0.23449564 -0.08598979 0.04963852  -0.05834017 116 GLU A CB  
299 C CG  . GLU A 35 ? 0.32168622 0.33658508 0.27115549 -0.09395072 0.05119397  -0.06278596 116 GLU A CG  
300 C CD  . GLU A 35 ? 0.33171041 0.37171186 0.28551821 -0.09163398 0.04388076  -0.06156241 116 GLU A CD  
301 O OE1 . GLU A 35 ? 0.36974566 0.41826214 0.32722324 -0.08325447 0.03752510  -0.05635745 116 GLU A OE1 
302 O OE2 . GLU A 35 ? 0.32980522 0.37893254 0.28338951 -0.09710001 0.04478455  -0.06490519 116 GLU A OE2 
303 N N   . GLY A 36 ? 0.23842923 0.19469009 0.18751141 -0.07557126 0.06056129  -0.05455888 117 GLY A N   
304 C CA  . GLY A 36 ? 0.24942549 0.20126683 0.20121384 -0.06947653 0.06080919  -0.05330204 117 GLY A CA  
305 C C   . GLY A 36 ? 0.21251047 0.16157454 0.16889406 -0.05807900 0.05539462  -0.04446412 117 GLY A C   
306 O O   . GLY A 36 ? 0.23142898 0.17788490 0.18797982 -0.05465398 0.05264333  -0.03928757 117 GLY A O   
307 N N   . ASP A 37 ? 0.20993659 0.16201875 0.16993320 -0.05336663 0.05404652  -0.04368174 118 ASP A N   
308 C CA  A ASP A 37 ? 0.19572492 0.14781572 0.16066515 -0.04401001 0.05009954  -0.03760557 118 ASP A CA  
309 C CA  B ASP A 37 ? 0.22201123 0.17136670 0.18654621 -0.04337766 0.05041216  -0.03680856 118 ASP A CA  
310 C C   . ASP A 37 ? 0.17277848 0.13575856 0.14076222 -0.04072164 0.04238068  -0.03213499 118 ASP A C   
311 O O   . ASP A 37 ? 0.18802347 0.14977248 0.15939743 -0.03387555 0.03959573  -0.02726429 118 ASP A O   
312 C CB  A ASP A 37 ? 0.17812110 0.13439030 0.14546603 -0.04337904 0.05167769  -0.04074387 118 ASP A CB  
313 C CB  B ASP A 37 ? 0.23363415 0.17901758 0.20147416 -0.03817576 0.05321054  -0.03762899 118 ASP A CB  
314 C CG  A ASP A 37 ? 0.22344996 0.16551776 0.18895618 -0.04403191 0.06020658  -0.04580629 118 ASP A CG  
315 C CG  B ASP A 37 ? 0.26518121 0.19307212 0.23080456 -0.03689335 0.06164394  -0.04061307 118 ASP A CG  
316 O OD1 A ASP A 37 ? 0.27177536 0.19890124 0.23385432 -0.04420609 0.06481079  -0.04567170 118 ASP A OD1 
317 O OD1 B ASP A 37 ? 0.30879686 0.22213220 0.27075736 -0.03548767 0.06499716  -0.03813081 118 ASP A OD1 
318 O OD2 A ASP A 37 ? 0.23224323 0.17740359 0.19956160 -0.04402819 0.06254369  -0.04950461 118 ASP A OD2 
319 O OD2 B ASP A 37 ? 0.31988716 0.24811131 0.28740126 -0.03658913 0.06518022  -0.04497777 118 ASP A OD2 
320 N N   . TRP A 38 ? 0.17404771 0.14864132 0.14128302 -0.04504055 0.03929277  -0.03333853 119 TRP A N   
321 C CA  . TRP A 38 ? 0.16033184 0.14411291 0.13031015 -0.04197589 0.03293233  -0.02885812 119 TRP A CA  
322 C C   . TRP A 38 ? 0.16187026 0.14608320 0.13010594 -0.04403407 0.03203874  -0.02847918 119 TRP A C   
323 O O   . TRP A 38 ? 0.18580892 0.17352098 0.15087441 -0.05041682 0.03423447  -0.03267856 119 TRP A O   
324 C CB  . TRP A 38 ? 0.16244210 0.15885351 0.13252402 -0.04379772 0.03019860  -0.02929354 119 TRP A CB  
325 C CG  . TRP A 38 ? 0.16646898 0.16300285 0.13793373 -0.04224074 0.03119187  -0.02931232 119 TRP A CG  
326 C CD1 . TRP A 38 ? 0.17659849 0.17127258 0.14646999 -0.04524966 0.03575835  -0.03388555 119 TRP A CD1 
327 C CD2 . TRP A 38 ? 0.15750604 0.15642409 0.13218342 -0.03812317 0.02825401  -0.02531546 119 TRP A CD2 
328 N NE1 . TRP A 38 ? 0.17834773 0.17504840 0.15054262 -0.04284165 0.03565628  -0.03282756 119 TRP A NE1 
329 C CE2 . TRP A 38 ? 0.16660634 0.16594543 0.14159735 -0.03888126 0.03111704  -0.02750108 119 TRP A CE2 
330 C CE3 . TRP A 38 ? 0.15526020 0.15586459 0.13240275 -0.03472563 0.02429819  -0.02096127 119 TRP A CE3 
331 C CZ2 . TRP A 38 ? 0.17516367 0.17721664 0.15279678 -0.03677293 0.03004710  -0.02520787 119 TRP A CZ2 
332 C CZ3 . TRP A 38 ? 0.16183745 0.16370324 0.14122476 -0.03301930 0.02357260  -0.01891263 119 TRP A CZ3 
333 C CH2 . TRP A 38 ? 0.17525343 0.17833682 0.15473485 -0.03435093 0.02636649  -0.02088837 119 TRP A CH2 
334 N N   . TRP A 39 ? 0.14256016 0.12385552 0.11257597 -0.03951234 0.02955328  -0.02430230 120 TRP A N   
335 C CA  . TRP A 39 ? 0.14608285 0.12708879 0.11419862 -0.04131151 0.02926205  -0.02383061 120 TRP A CA  
336 C C   . TRP A 39 ? 0.13789983 0.13093384 0.10894123 -0.04018958 0.02428204  -0.02276028 120 TRP A C   
337 O O   . TRP A 39 ? 0.14388705 0.13976210 0.11850890 -0.03565804 0.02095108  -0.02005383 120 TRP A O   
338 C CB  . TRP A 39 ? 0.15169307 0.12304272 0.11910632 -0.03688062 0.02986329  -0.01977318 120 TRP A CB  
339 C CG  . TRP A 39 ? 0.16543449 0.12261190 0.12948366 -0.03615797 0.03539484  -0.01959937 120 TRP A CG  
340 C CD1 . TRP A 39 ? 0.17918463 0.12941874 0.14062115 -0.04023882 0.04088042  -0.02392964 120 TRP A CD1 
341 C CD2 . TRP A 39 ? 0.18035462 0.12826890 0.14292732 -0.03041960 0.03638139  -0.01461779 120 TRP A CD2 
342 N NE1 . TRP A 39 ? 0.19510863 0.12998055 0.15380600 -0.03680243 0.04569515  -0.02182184 120 TRP A NE1 
343 C CE2 . TRP A 39 ? 0.19987958 0.13346466 0.15906108 -0.03025204 0.04281647  -0.01552464 120 TRP A CE2 
344 C CE3 . TRP A 39 ? 0.19688370 0.14824739 0.16053133 -0.02516533 0.03254143  -0.00955902 120 TRP A CE3 
345 C CZ2 . TRP A 39 ? 0.23255109 0.15423823 0.18931179 -0.02346090 0.04531777  -0.01015770 120 TRP A CZ2 
346 C CZ3 . TRP A 39 ? 0.22970947 0.17222807 0.19089649 -0.01915740 0.03440013  -0.00456787 120 TRP A CZ3 
347 C CH2 . TRP A 39 ? 0.25116345 0.17860199 0.20886700 -0.01764500 0.04060277  -0.00420836 120 TRP A CH2 
348 N N   . GLU A 40 ? 0.13381862 0.13320054 0.10354689 -0.04406360 0.02431831  -0.02498370 121 GLU A N   
349 C CA  . GLU A 40 ? 0.13564803 0.14518606 0.10863159 -0.04154636 0.02021166  -0.02387383 121 GLU A CA  
350 C C   . GLU A 40 ? 0.13041741 0.13467532 0.10399752 -0.03864654 0.01936278  -0.02126464 121 GLU A C   
351 O O   . GLU A 40 ? 0.13812868 0.13550060 0.10800733 -0.04105350 0.02216082  -0.02117481 121 GLU A O   
352 C CB  . GLU A 40 ? 0.13831545 0.15957443 0.11057673 -0.04628327 0.02058913  -0.02773806 121 GLU A CB  
353 C CG  . GLU A 40 ? 0.15176396 0.18475887 0.12829295 -0.04202058 0.01652895  -0.02666913 121 GLU A CG  
354 C CD  . GLU A 40 ? 0.17731604 0.22497329 0.15434777 -0.04569964 0.01664022  -0.03064381 121 GLU A CD  
355 O OE1 . GLU A 40 ? 0.16681549 0.21433785 0.14065953 -0.05286235 0.02024328  -0.03455874 121 GLU A OE1 
356 O OE2 . GLU A 40 ? 0.25411052 0.31373269 0.23514161 -0.04081571 0.01330458  -0.02971259 121 GLU A OE2 
357 N N   . ALA A 41 ? 0.12362154 0.13121092 0.10111403 -0.03401921 0.01599467  -0.01929743 122 ALA A N   
358 C CA  . ALA A 41 ? 0.12325991 0.12843517 0.10148390 -0.03172840 0.01500388  -0.01766689 122 ALA A CA  
359 C C   . ALA A 41 ? 0.11811264 0.13008040 0.10032203 -0.02922280 0.01250333  -0.01834891 122 ALA A C   
360 O O   . ALA A 41 ? 0.13379814 0.14929567 0.11845951 -0.02725638 0.01133471  -0.01832654 122 ALA A O   
361 C CB  . ALA A 41 ? 0.14418809 0.14335894 0.12309328 -0.02869409 0.01483292  -0.01520225 122 ALA A CB  
362 N N   . ARG A 42 ? 0.12674640 0.13970706 0.10916153 -0.02886794 0.01206664  -0.01866094 123 ARG A N   
363 C CA  . ARG A 42 ? 0.12805155 0.14510998 0.11434915 -0.02647831 0.01068404  -0.02013072 123 ARG A CA  
364 C C   . ARG A 42 ? 0.12186902 0.13617306 0.10914337 -0.02531957 0.01008455  -0.01951566 123 ARG A C   
365 O O   . ARG A 42 ? 0.12799550 0.14207091 0.11260054 -0.02617349 0.01013769  -0.01840321 123 ARG A O   
366 C CB  . ARG A 42 ? 0.13355222 0.15706305 0.11952688 -0.02814838 0.01114368  -0.02275954 123 ARG A CB  
367 C CG  . ARG A 42 ? 0.14141602 0.16830650 0.13172661 -0.02547186 0.01062254  -0.02530584 123 ARG A CG  
368 C CD  . ARG A 42 ? 0.15171164 0.18585592 0.14191824 -0.02726935 0.01144223  -0.02863668 123 ARG A CD  
369 N NE  . ARG A 42 ? 0.18745899 0.22809276 0.17649942 -0.02966410 0.01225257  -0.02974488 123 ARG A NE  
370 C CZ  . ARG A 42 ? 0.21559233 0.26377457 0.20785505 -0.02795114 0.01201398  -0.03129529 123 ARG A CZ  
371 N NH1 . ARG A 42 ? 0.18397070 0.24006247 0.17454929 -0.03214892 0.01314495  -0.03318504 123 ARG A NH1 
372 N NH2 . ARG A 42 ? 0.23108002 0.27914821 0.22800764 -0.02198987 0.01094749  -0.03082849 123 ARG A NH2 
373 N N   . SER A 43 ? 0.12212584 0.13490881 0.11287463 -0.02349394 0.00979581  -0.02013633 124 SER A N   
374 C CA  . SER A 43 ? 0.12006858 0.13320509 0.11243865 -0.02387776 0.00970007  -0.02147773 124 SER A CA  
375 C C   . SER A 43 ? 0.12008373 0.13833090 0.11293520 -0.02499381 0.00986851  -0.02492780 124 SER A C   
376 O O   . SER A 43 ? 0.13037956 0.14928207 0.12508006 -0.02414563 0.01069071  -0.02724720 124 SER A O   
377 C CB  . SER A 43 ? 0.13405298 0.14285529 0.12936445 -0.02319020 0.01070088  -0.02219814 124 SER A CB  
378 O OG  . SER A 43 ? 0.13874353 0.14924996 0.13604088 -0.02511957 0.01149678  -0.02563327 124 SER A OG  
379 N N   . LEU A 44 ? 0.11794354 0.14097794 0.10914606 -0.02645280 0.00912818  -0.02519256 125 LEU A N   
380 C CA  . LEU A 44 ? 0.12517691 0.15501169 0.11613506 -0.02839790 0.00935296  -0.02893674 125 LEU A CA  
381 C C   . LEU A 44 ? 0.11923475 0.15013412 0.11409216 -0.02999503 0.01067311  -0.03413448 125 LEU A C   
382 O O   . LEU A 44 ? 0.14187584 0.17923807 0.13676920 -0.03242830 0.01140270  -0.03871020 125 LEU A O   
383 C CB  . LEU A 44 ? 0.13091289 0.16691209 0.11708768 -0.02918731 0.00804227  -0.02638352 125 LEU A CB  
384 C CG  . LEU A 44 ? 0.15514043 0.18707106 0.13631266 -0.02880268 0.00839947  -0.02188792 125 LEU A CG  
385 C CD1 . LEU A 44 ? 0.18869245 0.22428313 0.16390122 -0.02875911 0.00775887  -0.01802579 125 LEU A CD1 
386 C CD2 . LEU A 44 ? 0.18831148 0.22054496 0.16995587 -0.03039275 0.00981790  -0.02461910 125 LEU A CD2 
387 N N   . THR A 45 ? 0.13524003 0.15973849 0.13281576 -0.02954176 0.01171446  -0.03412711 126 THR A N   
388 C CA  A THR A 45 ? 0.14227162 0.16358859 0.14303254 -0.03190019 0.01452102  -0.03914720 126 THR A CA  
389 C CA  B THR A 45 ? 0.13678245 0.15866911 0.13744379 -0.03182554 0.01457219  -0.03961144 126 THR A CA  
390 C C   . THR A 45 ? 0.14217673 0.15401737 0.14467763 -0.02903974 0.01706596  -0.03992527 126 THR A C   
391 O O   . THR A 45 ? 0.20809920 0.21763655 0.21253958 -0.03006978 0.02010434  -0.04521276 126 THR A O   
392 C CB  A THR A 45 ? 0.14766082 0.16795861 0.14961356 -0.03378819 0.01489253  -0.03858806 126 THR A CB  
393 C CB  B THR A 45 ? 0.13126522 0.15205769 0.13349214 -0.03445406 0.01555077  -0.04053943 126 THR A CB  
394 O OG1 A THR A 45 ? 0.15024183 0.18222966 0.15146607 -0.03491248 0.01234631  -0.03794644 126 THR A OG1 
395 O OG1 B THR A 45 ? 0.19208990 0.20488376 0.19414161 -0.03205433 0.01552829  -0.03573198 126 THR A OG1 
396 C CG2 A THR A 45 ? 0.18192783 0.19633123 0.18632783 -0.03755283 0.01913697  -0.04411977 126 THR A CG2 
397 C CG2 B THR A 45 ? 0.11819586 0.15185609 0.11927211 -0.03580200 0.01272849  -0.04001644 126 THR A CG2 
398 N N   . THR A 46 ? 0.15217781 0.15846151 0.15404903 -0.02524086 0.01621439  -0.03468159 127 THR A N   
399 C CA  . THR A 46 ? 0.17777895 0.17615542 0.18113016 -0.02105159 0.01825243  -0.03383618 127 THR A CA  
400 C C   . THR A 46 ? 0.17706532 0.18094883 0.18082809 -0.01721262 0.01688666  -0.03297123 127 THR A C   
401 O O   . THR A 46 ? 0.20611081 0.20661500 0.21207209 -0.01246301 0.01855472  -0.03310400 127 THR A O   
402 C CB  . THR A 46 ? 0.18466829 0.17575467 0.18669572 -0.01918386 0.01827025  -0.02849722 127 THR A CB  
403 O OG1 . THR A 46 ? 0.16651852 0.16361678 0.16651846 -0.01833160 0.01502893  -0.02466962 127 THR A OG1 
404 C CG2 . THR A 46 ? 0.20384528 0.19066325 0.20562637 -0.02357761 0.02001446  -0.02944137 127 THR A CG2 
405 N N   . GLY A 47 ? 0.15871720 0.17106675 0.16029659 -0.01895718 0.01427871  -0.03188171 128 GLY A N   
406 C CA  . GLY A 47 ? 0.16984932 0.18888027 0.17137337 -0.01698218 0.01321941  -0.03117436 128 GLY A CA  
407 C C   . GLY A 47 ? 0.16835887 0.18717087 0.16928025 -0.01405147 0.01196520  -0.02674982 128 GLY A C   
408 O O   . GLY A 47 ? 0.18146322 0.20858984 0.18263640 -0.01315108 0.01112759  -0.02690758 128 GLY A O   
409 N N   . GLU A 48 ? 0.15857224 0.17018918 0.15857825 -0.01327390 0.01202170  -0.02347802 129 GLU A N   
410 C CA  . GLU A 48 ? 0.16735848 0.18036406 0.16597169 -0.01096516 0.01083106  -0.01937229 129 GLU A CA  
411 C C   . GLU A 48 ? 0.13812639 0.15577230 0.13366556 -0.01499662 0.00955483  -0.01879139 129 GLU A C   
412 O O   . GLU A 48 ? 0.14299277 0.15832240 0.13688780 -0.01849929 0.00972931  -0.01945035 129 GLU A O   
413 C CB  . GLU A 48 ? 0.18850436 0.19193643 0.18610097 -0.00976413 0.01191611  -0.01603853 129 GLU A CB  
414 C CG  . GLU A 48 ? 0.24192355 0.23719280 0.24161700 -0.00571867 0.01452196  -0.01620305 129 GLU A CG  
415 C CD  . GLU A 48 ? 0.34933565 0.34907404 0.35062420 0.00144633  0.01407821  -0.01415077 129 GLU A CD  
416 O OE1 . GLU A 48 ? 0.42726612 0.43263284 0.42651906 0.00373910  0.01205594  -0.00985137 129 GLU A OE1 
417 O OE2 . GLU A 48 ? 0.46898602 0.46843781 0.47364221 0.00486178  0.01572173  -0.01708572 129 GLU A OE2 
418 N N   . THR A 49 ? 0.14440197 0.16897391 0.13896389 -0.01422275 0.00858121  -0.01749994 130 THR A N   
419 C CA  . THR A 49 ? 0.13945509 0.16706410 0.13071151 -0.01884439 0.00854848  -0.01784543 130 THR A CA  
420 C C   . THR A 49 ? 0.13385028 0.16039800 0.12314722 -0.01832801 0.00823372  -0.01497011 130 THR A C   
421 O O   . THR A 49 ? 0.15701326 0.18607502 0.14687219 -0.01409547 0.00735713  -0.01227437 130 THR A O   
422 C CB  . THR A 49 ? 0.15218425 0.19089445 0.14321433 -0.02127211 0.00855397  -0.02071577 130 THR A CB  
423 O OG1 . THR A 49 ? 0.20330571 0.25240950 0.19628829 -0.01746984 0.00715640  -0.02003745 130 THR A OG1 
424 C CG2 . THR A 49 ? 0.15286165 0.19373938 0.14512769 -0.02243527 0.00925333  -0.02361829 130 THR A CG2 
425 N N   . GLY A 50 ? 0.12759992 0.15058724 0.11409187 -0.02243920 0.00930120  -0.01540334 131 GLY A N   
426 C CA  . GLY A 50 ? 0.13309824 0.15634076 0.11725888 -0.02333120 0.00959090  -0.01392982 131 GLY A CA  
427 C C   . GLY A 50 ? 0.12751312 0.14483489 0.10948253 -0.02737206 0.01169287  -0.01545080 131 GLY A C   
428 O O   . GLY A 50 ? 0.14592163 0.15938681 0.12753334 -0.02904893 0.01277779  -0.01689242 131 GLY A O   
429 N N   . TYR A 51 ? 0.13007496 0.14655904 0.11023040 -0.02857283 0.01263798  -0.01497817 132 TYR A N   
430 C CA  A TYR A 51 ? 0.12405617 0.13477310 0.10253652 -0.03158852 0.01537340  -0.01692303 132 TYR A CA  
431 C CA  B TYR A 51 ? 0.12801947 0.13866868 0.10655880 -0.03153449 0.01534024  -0.01690628 132 TYR A CA  
432 C C   . TYR A 51 ? 0.12165507 0.12530226 0.10238645 -0.02915097 0.01567825  -0.01531412 132 TYR A C   
433 O O   . TYR A 51 ? 0.13113168 0.13477830 0.11351885 -0.02718156 0.01461510  -0.01324745 132 TYR A O   
434 C CB  A TYR A 51 ? 0.13162462 0.14541965 0.10727370 -0.03475080 0.01717916  -0.01863712 132 TYR A CB  
435 C CB  B TYR A 51 ? 0.14740607 0.16382022 0.12298321 -0.03475947 0.01652821  -0.01861468 132 TYR A CB  
436 C CG  A TYR A 51 ? 0.14737111 0.17083168 0.12036696 -0.03901785 0.01765024  -0.02191761 132 TYR A CG  
437 C CG  B TYR A 51 ? 0.16228418 0.18815440 0.13605639 -0.03842505 0.01661974  -0.02175199 132 TYR A CG  
438 C CD1 A TYR A 51 ? 0.18590496 0.20656777 0.15703682 -0.04387733 0.02080176  -0.02618058 132 TYR A CD1 
439 C CD1 B TYR A 51 ? 0.14887902 0.17114705 0.12044137 -0.04370891 0.02015675  -0.02609469 132 TYR A CD1 
440 C CD2 A TYR A 51 ? 0.18615841 0.22179281 0.15779974 -0.03877008 0.01562665  -0.02092081 132 TYR A CD2 
441 C CD2 B TYR A 51 ? 0.19308761 0.23023917 0.16804402 -0.03603669 0.01353768  -0.02035122 132 TYR A CD2 
442 C CE1 A TYR A 51 ? 0.21539678 0.24629863 0.18410285 -0.04968361 0.02207718  -0.03073329 132 TYR A CE1 
443 C CE1 B TYR A 51 ? 0.17430860 0.20620147 0.14416062 -0.04885989 0.02108042  -0.03020217 132 TYR A CE1 
444 C CE2 A TYR A 51 ? 0.22629125 0.27459933 0.19562875 -0.04349731 0.01609689  -0.02492114 132 TYR A CE2 
445 C CE2 B TYR A 51 ? 0.22815301 0.27715852 0.20247191 -0.03958168 0.01356925  -0.02398744 132 TYR A CE2 
446 C CZ  A TYR A 51 ? 0.24493583 0.29113358 0.21313628 -0.04958931 0.01948001  -0.03050305 132 TYR A CZ  
447 C CZ  B TYR A 51 ? 0.20672821 0.25332103 0.17848638 -0.04682799 0.01744300  -0.02933255 132 TYR A CZ  
448 O OH  A TYR A 51 ? 0.27999148 0.34036689 0.24614530 -0.05568980 0.02042485  -0.03566334 132 TYR A OH  
449 O OH  B TYR A 51 ? 0.25985839 0.31894587 0.23098968 -0.05193536 0.01818560  -0.03395140 132 TYR A OH  
450 N N   . ILE A 52 ? 0.12789350 0.12600785 0.10836083 -0.02941024 0.01759746  -0.01626866 133 ILE A N   
451 C CA  . ILE A 52 ? 0.12438715 0.11919430 0.10744938 -0.02672982 0.01797389  -0.01525396 133 ILE A CA  
452 C C   . ILE A 52 ? 0.12409166 0.11424148 0.10595959 -0.02704869 0.02141151  -0.01679418 133 ILE A C   
453 O O   . ILE A 52 ? 0.13740173 0.12310541 0.11589478 -0.02942012 0.02412375  -0.01859314 133 ILE A O   
454 C CB  . ILE A 52 ? 0.13400649 0.12822921 0.11873199 -0.02420432 0.01644006  -0.01389614 133 ILE A CB  
455 C CG1 . ILE A 52 ? 0.14979812 0.13945779 0.13112637 -0.02464092 0.01792011  -0.01365410 133 ILE A CG1 
456 C CG2 . ILE A 52 ? 0.13976455 0.13788629 0.12623359 -0.02409129 0.01398242  -0.01360729 133 ILE A CG2 
457 C CD1 . ILE A 52 ? 0.16694824 0.15742666 0.14880570 -0.02187221 0.01639014  -0.01155752 133 ILE A CD1 
458 N N   . PRO A 53 ? 0.12447021 0.11514892 0.10911419 -0.02500872 0.02221275  -0.01680299 134 PRO A N   
459 C CA  . PRO A 53 ? 0.13223320 0.11826582 0.11668241 -0.02394617 0.02603558  -0.01858677 134 PRO A CA  
460 C C   . PRO A 53 ? 0.14163997 0.12173407 0.12610177 -0.01955224 0.02686279  -0.01656224 134 PRO A C   
461 O O   . PRO A 53 ? 0.15171723 0.13589771 0.13917494 -0.01558051 0.02428970  -0.01404451 134 PRO A O   
462 C CB  . PRO A 53 ? 0.14004164 0.13159909 0.12833410 -0.02288095 0.02615067  -0.01920218 134 PRO A CB  
463 C CG  . PRO A 53 ? 0.13304034 0.13012893 0.12410044 -0.02232093 0.02250065  -0.01709400 134 PRO A CG  
464 C CD  . PRO A 53 ? 0.13216111 0.12794364 0.12034451 -0.02410344 0.02032730  -0.01582502 134 PRO A CD  
465 N N   . SER A 54 ? 0.15665112 0.12695376 0.13710971 -0.02041407 0.03092324  -0.01757674 135 SER A N   
466 C CA  . SER A 54 ? 0.17385166 0.13601834 0.15215836 -0.01634447 0.03219670  -0.01422271 135 SER A CA  
467 C C   . SER A 54 ? 0.17373781 0.13625056 0.15567580 -0.00821417 0.03240522  -0.01140333 135 SER A C   
468 O O   . SER A 54 ? 0.19262279 0.15358730 0.17348039 -0.00314445 0.03125881  -0.00675432 135 SER A O   
469 C CB  . SER A 54 ? 0.20203122 0.15110750 0.17445198 -0.01997116 0.03792600  -0.01620577 135 SER A CB  
470 O OG  . SER A 54 ? 0.20701411 0.15056123 0.17948808 -0.02084342 0.04298064  -0.02033145 135 SER A OG  
471 N N   . ASN A 55 ? 0.16139553 0.12763928 0.14751776 -0.00653184 0.03382997  -0.01395671 136 ASN A N   
472 C CA  . ASN A 55 ? 0.16812227 0.13868973 0.15907285 0.00181101  0.03370107  -0.01176408 136 ASN A CA  
473 C C   . ASN A 55 ? 0.16052436 0.14647986 0.15629877 0.00386469  0.02805432  -0.00983566 136 ASN A C   
474 O O   . ASN A 55 ? 0.18209125 0.17561061 0.18205699 0.01084931  0.02707808  -0.00783499 136 ASN A O   
475 C CB  . ASN A 55 ? 0.16428433 0.13607688 0.15892582 0.00268799  0.03746769  -0.01606642 136 ASN A CB  
476 C CG  . ASN A 55 ? 0.14517362 0.12725559 0.14209106 -0.00380522 0.03581912  -0.01994487 136 ASN A CG  
477 O OD1 . ASN A 55 ? 0.14741267 0.13006618 0.14108324 -0.01025378 0.03381362  -0.02041842 136 ASN A OD1 
478 N ND2 . ASN A 55 ? 0.14910172 0.13970395 0.15141454 -0.00172986 0.03691109  -0.02237445 136 ASN A ND2 
479 N N   . TYR A 56 ? 0.15066656 0.14200110 0.14591041 -0.00216645 0.02458764  -0.01074260 137 TYR A N   
480 C CA  . TYR A 56 ? 0.14293030 0.14716238 0.14207879 -0.00214836 0.02034369  -0.01035879 137 TYR A CA  
481 C C   . TYR A 56 ? 0.15247043 0.15775989 0.14902449 -0.00052815 0.01759522  -0.00699603 137 TYR A C   
482 O O   . TYR A 56 ? 0.15895271 0.17577751 0.15842197 -0.00149471 0.01432796  -0.00768271 137 TYR A O   
483 C CB  . TYR A 56 ? 0.13734535 0.14520034 0.13740116 -0.00899385 0.01926165  -0.01335622 137 TYR A CB  
484 C CG  . TYR A 56 ? 0.13614845 0.14965181 0.14002229 -0.01063752 0.02092936  -0.01632371 137 TYR A CG  
485 C CD1 . TYR A 56 ? 0.15081633 0.16083840 0.15471309 -0.00970418 0.02445838  -0.01797010 137 TYR A CD1 
486 C CD2 . TYR A 56 ? 0.13627399 0.15838947 0.14333317 -0.01417593 0.01965262  -0.01809163 137 TYR A CD2 
487 C CE1 . TYR A 56 ? 0.15790969 0.17448139 0.16507999 -0.01163683 0.02622699  -0.02091614 137 TYR A CE1 
488 C CE2 . TYR A 56 ? 0.13910062 0.16623129 0.14881539 -0.01696286 0.02178000  -0.02078679 137 TYR A CE2 
489 C CZ  . TYR A 56 ? 0.14305420 0.16839125 0.15294735 -0.01550118 0.02485849  -0.02208441 137 TYR A CZ  
490 O OH  . TYR A 56 ? 0.16201505 0.19372849 0.17449007 -0.01832902 0.02735965  -0.02507499 137 TYR A OH  
491 N N   . VAL A 57 ? 0.15426564 0.14871578 0.14512608 0.00079299  0.01918270  -0.00399901 138 VAL A N   
492 C CA  . VAL A 57 ? 0.16405832 0.15982871 0.15139024 0.00183377  0.01696336  -0.00053395 138 VAL A CA  
493 C C   . VAL A 57 ? 0.17389842 0.16131233 0.15694829 0.00871955  0.01929732  0.00499360  138 VAL A C   
494 O O   . VAL A 57 ? 0.19298688 0.16892813 0.17474566 0.01132837  0.02371844  0.00538576  138 VAL A O   
495 C CB  . VAL A 57 ? 0.16634550 0.15739317 0.14966607 -0.00495472 0.01676317  -0.00210255 138 VAL A CB  
496 C CG1 . VAL A 57 ? 0.17385057 0.17292884 0.16108156 -0.00965327 0.01430507  -0.00606112 138 VAL A CG1 
497 C CG2 . VAL A 57 ? 0.18327369 0.16113965 0.16216842 -0.00823775 0.02100351  -0.00320104 138 VAL A CG2 
498 N N   . ALA A 58 ? 0.17799897 0.17048566 0.15812684 0.01169542  0.01680800  0.00942330  139 ALA A N   
499 C CA  . ALA A 58 ? 0.19956866 0.18307778 0.17359858 0.01844875  0.01896674  0.01645298  139 ALA A CA  
500 C C   . ALA A 58 ? 0.19603444 0.18075224 0.16375357 0.01561990  0.01723471  0.01941642  139 ALA A C   
501 O O   . ALA A 58 ? 0.18293934 0.18032767 0.15287287 0.01088388  0.01339452  0.01616482  139 ALA A O   
502 C CB  . ALA A 58 ? 0.22461287 0.21966600 0.20261755 0.02868034  0.01694091  0.02046581  139 ALA A CB  
503 N N   . PRO A 59 ? 0.22306694 0.19393921 0.18221786 0.01832224  0.02068677  0.02564757  140 PRO A N   
504 C CA  . PRO A 59 ? 0.24852162 0.22152465 0.20081204 0.01533774  0.01938141  0.02878576  140 PRO A CA  
505 C C   . PRO A 59 ? 0.25747275 0.25090158 0.21142419 0.02027560  0.01369941  0.03184103  140 PRO A C   
506 O O   . PRO A 59 ? 0.26943007 0.27101299 0.22637320 0.02911345  0.01197090  0.03555681  140 PRO A O   
507 C CB  . PRO A 59 ? 0.29042470 0.24315311 0.23230920 0.01833060  0.02510817  0.03618853  140 PRO A CB  
508 C CG  . PRO A 59 ? 0.31245808 0.24953639 0.25582898 0.02159856  0.03034281  0.03548166  140 PRO A CG  
509 C CD  . PRO A 59 ? 0.26628396 0.21706435 0.22083113 0.02332409  0.02697166  0.02971292  140 PRO A CD  
510 N N   . VAL A 60 ? 0.25896373 0.26262636 0.21132584 0.01417752  0.01091250  0.02942316  141 VAL A N   
511 C CA  . VAL A 60 ? 0.28464971 0.30777508 0.23608112 0.01713280  0.00624710  0.03210289  141 VAL A CA  
512 C C   . VAL A 60 ? 0.35766478 0.37450417 0.29870236 0.02450739  0.00766726  0.04321251  141 VAL A C   
513 O O   . VAL A 60 ? 0.38499268 0.38447278 0.31715297 0.02103601  0.01207308  0.04640861  141 VAL A O   
514 C CB  . VAL A 60 ? 0.27451082 0.30760421 0.22697824 0.00770229  0.00424439  0.02511373  141 VAL A CB  
515 C CG1 . VAL A 60 ? 0.28936916 0.34026469 0.23780914 0.00881961  0.00071738  0.02777900  141 VAL A CG1 
516 C CG2 . VAL A 60 ? 0.25409974 0.29461935 0.21667875 0.00295008  0.00269987  0.01584307  141 VAL A CG2 
517 N N   . THR B 6  ? 0.54013431 0.70607087 0.49951591 0.10093220  -0.01488911 -0.09025398 212 THR B N   
518 C CA  . THR B 6  ? 0.40249095 0.54656527 0.38204623 0.08048545  -0.00789773 -0.09354989 212 THR B CA  
519 C C   . THR B 6  ? 0.34414348 0.49024731 0.31404706 0.07744056  -0.00121669 -0.08740001 212 THR B C   
520 O O   . THR B 6  ? 0.46573328 0.63485286 0.41843057 0.09090104  -0.00129185 -0.08761315 212 THR B O   
521 C CB  . THR B 6  ? 0.50357728 0.64610376 0.51023360 0.07721506  -0.01749989 -0.11890042 212 THR B CB  
522 O OG1 . THR B 6  ? 0.59062306 0.71232995 0.61528390 0.05945788  -0.01036980 -0.11726720 212 THR B OG1 
523 C CG2 . THR B 6  ? 0.55492113 0.70033642 0.57178146 0.07611064  -0.02236800 -0.13247849 212 THR B CG2 
524 N N   . PRO B 7  ? 0.27253321 0.39790826 0.25427900 0.06082475  0.00313868  -0.08564275 213 PRO B N   
525 C CA  . PRO B 7  ? 0.22884270 0.33164368 0.22384809 0.04440861  0.00595492  -0.08511070 213 PRO B CA  
526 C C   . PRO B 7  ? 0.21761984 0.31558139 0.20988548 0.04194182  0.01370712  -0.07175406 213 PRO B C   
527 O O   . PRO B 7  ? 0.26802573 0.37078584 0.25022941 0.04733894  0.01903716  -0.05650462 213 PRO B O   
528 C CB  . PRO B 7  ? 0.22859161 0.31526754 0.22395371 0.03199553  0.00819813  -0.08013983 213 PRO B CB  
529 C CG  . PRO B 7  ? 0.25509694 0.35509802 0.25183888 0.04207874  0.00117200  -0.08856508 213 PRO B CG  
530 C CD  . PRO B 7  ? 0.26027888 0.38506585 0.24223158 0.05777298  0.00479323  -0.08512158 213 PRO B CD  
531 N N   . SER B 8  ? 0.20136949 0.28987715 0.20761580 0.03240509  0.01570212  -0.07767272 214 SER B N   
532 C CA  . SER B 8  ? 0.18987876 0.27628005 0.20303161 0.03229929  0.01998443  -0.07037654 214 SER B CA  
533 C C   . SER B 8  ? 0.16870448 0.24190047 0.18428236 0.01819825  0.02976159  -0.06255375 214 SER B C   
534 O O   . SER B 8  ? 0.19603322 0.26779048 0.22292333 0.01952318  0.03291270  -0.05479795 214 SER B O   
535 C CB  . SER B 8  ? 0.20646118 0.29595597 0.24009710 0.03251900  0.01623553  -0.08552931 214 SER B CB  
536 O OG  . SER B 8  ? 0.20259706 0.28346698 0.24719999 0.01483895  0.02384273  -0.09641102 214 SER B OG  
537 N N   . LEU B 9  ? 0.14550685 0.20868386 0.15498976 0.00514373  0.03290222  -0.06554365 215 LEU B N   
538 C CA  . LEU B 9  ? 0.13482043 0.18931157 0.14581412 -0.00666507 0.03968168  -0.06336329 215 LEU B CA  
539 C C   . LEU B 9  ? 0.12753489 0.18174015 0.13922993 -0.00194081 0.04072688  -0.05085091 215 LEU B C   
540 O O   . LEU B 9  ? 0.13502339 0.19312813 0.13898671 0.00530824  0.03832825  -0.04404533 215 LEU B O   
541 C CB  . LEU B 9  ? 0.14324262 0.18744489 0.14086166 -0.02017448 0.04069798  -0.06703975 215 LEU B CB  
542 C CG  . LEU B 9  ? 0.15843372 0.20230013 0.15993644 -0.02983078 0.04532055  -0.07733898 215 LEU B CG  
543 C CD1 . LEU B 9  ? 0.18742608 0.21794644 0.17076439 -0.04267895 0.04590379  -0.07266904 215 LEU B CD1 
544 C CD2 . LEU B 9  ? 0.15424779 0.20519117 0.16923275 -0.03648975 0.05467459  -0.08771528 215 LEU B CD2 
545 N N   . PRO B 10 ? 0.12872771 0.17990820 0.15509067 -0.00755525 0.04525089  -0.05124531 216 PRO B N   
546 C CA  . PRO B 10 ? 0.13317720 0.18346492 0.17073273 -0.00539531 0.04737321  -0.04158714 216 PRO B CA  
547 C C   . PRO B 10 ? 0.13155089 0.17710872 0.15646825 -0.00961741 0.04373392  -0.04326952 216 PRO B C   
548 O O   . PRO B 10 ? 0.14564089 0.18468150 0.15523857 -0.01770570 0.03980093  -0.05148024 216 PRO B O   
549 C CB  . PRO B 10 ? 0.13706511 0.18608768 0.20203263 -0.01058090 0.05047245  -0.04825147 216 PRO B CB  
550 C CG  . PRO B 10 ? 0.14984598 0.20098349 0.21157135 -0.01723526 0.05101924  -0.06430178 216 PRO B CG  
551 C CD  . PRO B 10 ? 0.13306371 0.18453497 0.17244467 -0.01649693 0.04911224  -0.06474855 216 PRO B CD  
552 N N   . THR B 11 ? 0.13514277 0.18420086 0.16828093 -0.00439713 0.04522599  -0.03476288 217 THR B N   
553 C CA  . THR B 11 ? 0.14250796 0.18768375 0.17344347 -0.00704100 0.03932160  -0.03918243 217 THR B CA  
554 C C   . THR B 11 ? 0.15031000 0.19233525 0.20215316 -0.01261120 0.03904809  -0.04569993 217 THR B C   
555 O O   . THR B 11 ? 0.15307735 0.19935725 0.23556528 -0.01104326 0.04635020  -0.04086799 217 THR B O   
556 C CB  . THR B 11 ? 0.14511956 0.20022584 0.18254783 0.00073761  0.04228330  -0.03256661 217 THR B CB  
557 O OG1 . THR B 11 ? 0.15046276 0.21330321 0.16984132 0.00790349  0.04108969  -0.03142548 217 THR B OG1 
558 C CG2 . THR B 11 ? 0.15281053 0.20419794 0.19549532 -0.00089182 0.03323345  -0.04090568 217 THR B CG2 
559 N N   . PRO B 12 ? 0.16068313 0.19594982 0.19988814 -0.01887188 0.02996397  -0.05706606 218 PRO B N   
560 C CA  . PRO B 12 ? 0.17023217 0.20730831 0.23078303 -0.02205536 0.02748303  -0.06894743 218 PRO B CA  
561 C C   . PRO B 12 ? 0.16187350 0.20234118 0.25502535 -0.01776055 0.02666089  -0.06836022 218 PRO B C   
562 O O   . PRO B 12 ? 0.16963454 0.20868625 0.25681890 -0.01459478 0.02047714  -0.06678245 218 PRO B O   
563 C CB  . PRO B 12 ? 0.20121076 0.23244873 0.22934343 -0.02747036 0.01596138  -0.07897645 218 PRO B CB  
564 C CG  . PRO B 12 ? 0.20408358 0.22843077 0.19784334 -0.03072025 0.01751733  -0.06992985 218 PRO B CG  
565 C CD  . PRO B 12 ? 0.18025104 0.20640003 0.18469804 -0.02322901 0.02139050  -0.05879732 218 PRO B CD  
566 N N   . PRO B 13 ? 0.17222172 0.21783442 0.30865944 -0.01805200 0.03235638  -0.07225277 219 PRO B N   
567 C CA  . PRO B 13 ? 0.18321577 0.23341447 0.35980171 -0.01569125 0.03532742  -0.07119668 219 PRO B CA  
568 C C   . PRO B 13 ? 0.19609383 0.24607007 0.37692940 -0.01477134 0.01905495  -0.08941834 219 PRO B C   
569 O O   . PRO B 13 ? 0.22041239 0.27517476 0.43028814 -0.01227043 0.02024504  -0.09011739 219 PRO B O   
570 C CB  . PRO B 13 ? 0.19994050 0.25280761 0.42744758 -0.01760540 0.04466216  -0.07057309 219 PRO B CB  
571 C CG  . PRO B 13 ? 0.20830680 0.25947425 0.42436221 -0.01997827 0.04221593  -0.07850867 219 PRO B CG  
572 C CD  . PRO B 13 ? 0.19015000 0.23801371 0.34737628 -0.02071046 0.03751803  -0.07747566 219 PRO B CD  
573 N N   . THR B 14 ? 0.22235804 0.26899040 0.37735534 -0.01641701 0.00427641  -0.10484791 220 THR B N   
574 C CA  . THR B 14 ? 0.24198860 0.28792572 0.39700564 -0.01313734 -0.01547086 -0.12125845 220 THR B CA  
575 C C   . THR B 14 ? 0.25454179 0.28985673 0.36873409 -0.01041842 -0.02877177 -0.11383297 220 THR B C   
576 O O   . THR B 14 ? 0.31513839 0.34763829 0.43206037 -0.00559326 -0.04829477 -0.12480125 220 THR B O   
577 C CB  . THR B 14 ? 0.26724653 0.31822966 0.41601846 -0.01386420 -0.02832224 -0.14372330 220 THR B CB  
578 O OG1 . THR B 14 ? 0.34325607 0.38895823 0.43217537 -0.01817596 -0.03010982 -0.13843580 220 THR B OG1 
579 C CG2 . THR B 14 ? 0.27747203 0.33991622 0.47970923 -0.01534221 -0.01937604 -0.15753792 220 THR B CG2 
580 N N   . ARG B 15 ? 0.25637994 0.28576277 0.34141069 -0.01190985 -0.02081349 -0.09665022 221 ARG B N   
581 C CA  . ARG B 15 ? 0.28626845 0.30471421 0.34384806 -0.00928407 -0.03390710 -0.09045611 221 ARG B CA  
582 C C   . ARG B 15 ? 0.31767309 0.34219371 0.41324824 -0.00230457 -0.03917199 -0.09687859 221 ARG B C   
583 O O   . ARG B 15 ? 0.34971061 0.36482840 0.43773773 0.00233104  -0.06001292 -0.10091819 221 ARG B O   
584 C CB  . ARG B 15 ? 0.24832280 0.26373174 0.27965378 -0.01245667 -0.02138324 -0.07542504 221 ARG B CB  
585 C CG  . ARG B 15 ? 0.24322416 0.24316205 0.23901408 -0.01398611 -0.03349758 -0.06771166 221 ARG B CG  
586 C CD  . ARG B 15 ? 0.21611315 0.21694705 0.20697612 -0.01320104 -0.02499096 -0.05923552 221 ARG B CD  
587 N NE  . ARG B 15 ? 0.18491894 0.20128045 0.20306952 -0.00561498 -0.01600070 -0.06078146 221 ARG B NE  
588 C CZ  . ARG B 15 ? 0.15916209 0.18271063 0.17509195 -0.00178866 -0.00967803 -0.05778387 221 ARG B CZ  
589 N NH1 . ARG B 15 ? 0.16375691 0.17921045 0.15933840 -0.00564838 -0.01022675 -0.05372087 221 ARG B NH1 
590 N NH2 . ARG B 15 ? 0.15062868 0.19250871 0.18572667 0.00574548  -0.00113963 -0.06003966 221 ARG B NH2 
591 O OXT . ARG B 15 ? 0.32900210 0.36810547 0.46542227 -0.00170811 -0.02182872 -0.09726403 221 ARG B OXT 
# 
